data_7ZSU
#
_entry.id   7ZSU
#
_cell.length_a   137.195
_cell.length_b   68.896
_cell.length_c   144.104
_cell.angle_alpha   90.000
_cell.angle_beta   93.960
_cell.angle_gamma   90.000
#
_symmetry.space_group_name_H-M   'C 1 2 1'
#
loop_
_entity.id
_entity.type
_entity.pdbx_description
1 polymer 'Steroid C26-monooxygenase'
2 non-polymer 'methyl 3-pyridin-4-ylbenzoate'
3 non-polymer 'PROTOPORPHYRIN IX CONTAINING FE'
4 non-polymer 'SULFATE ION'
5 water water
#
_entity_poly.entity_id   1
_entity_poly.type   'polypeptide(L)'
_entity_poly.pdbx_seq_one_letter_code
;NGPSPNLPPGFDFTDPAIYAERLPVAEFAELRSAAPIWWNGQDPGKGGGFHDGGFWAITKLNDVKEISRHSDVFSSYENG
VIPRFKNDIAREDIEVQRFVMLNMDAPHHTRLRKIISRGFTPRAVGRLHDELQERAQKIAAEAAAAGSGDFVEQVSCELP
LQAIAGLLGVPQEDRGKLFHWSNEMTGNEDPEYAHIDPKASSAELIGYAMKMAEEKAKNPADDIVTQLIQADIDGEKLSD
DEFGFFVVMLAVAGNETTRNSITQGMMAFAEHPDQWELYKKVRPETAADEIVRWATPVTAFQRTALRDYELSGVQIKKGQ
RVVMFYRSANFDEEVFQDPFTFNILRNPNPHVGFGGTGAHYCIGANLARMTINLIFNAVADHMPDLKPISAPERLRSGWL
NGIKHWQVDYTGRCPVAH
;
_entity_poly.pdbx_strand_id   A,B,C
#
loop_
_chem_comp.id
_chem_comp.type
_chem_comp.name
_chem_comp.formula
HEM non-polymer 'PROTOPORPHYRIN IX CONTAINING FE' 'C34 H32 Fe N4 O4'
JV3 non-polymer 'methyl 3-pyridin-4-ylbenzoate' 'C13 H11 N O2'
SO4 non-polymer 'SULFATE ION' 'O4 S -2'
#
# COMPACT_ATOMS: atom_id res chain seq x y z
N PRO A 3 -14.27 -50.92 36.50
CA PRO A 3 -12.82 -51.16 36.62
C PRO A 3 -12.09 -50.18 35.72
N SER A 4 -11.12 -49.46 36.26
CA SER A 4 -10.38 -48.47 35.48
C SER A 4 -9.60 -49.16 34.35
N PRO A 5 -9.28 -48.42 33.29
CA PRO A 5 -8.55 -49.03 32.17
C PRO A 5 -7.10 -49.30 32.54
N ASN A 6 -6.58 -50.43 32.04
CA ASN A 6 -5.21 -50.84 32.34
C ASN A 6 -4.24 -50.00 31.50
N LEU A 7 -3.95 -48.81 32.01
CA LEU A 7 -3.01 -47.88 31.39
C LEU A 7 -2.01 -47.40 32.44
N PRO A 8 -0.80 -47.04 32.02
CA PRO A 8 0.17 -46.49 32.98
C PRO A 8 -0.38 -45.26 33.66
N PRO A 9 -0.10 -45.05 34.94
CA PRO A 9 -0.54 -43.81 35.59
C PRO A 9 -0.04 -42.59 34.83
N GLY A 10 -0.92 -41.61 34.69
CA GLY A 10 -0.58 -40.38 34.00
C GLY A 10 -0.52 -40.47 32.49
N PHE A 11 -0.90 -41.60 31.91
CA PHE A 11 -0.80 -41.76 30.47
C PHE A 11 -1.64 -40.72 29.75
N ASP A 12 -1.02 -40.00 28.82
CA ASP A 12 -1.67 -38.98 28.00
C ASP A 12 -1.68 -39.44 26.56
N PHE A 13 -2.88 -39.57 25.99
CA PHE A 13 -2.99 -40.05 24.61
C PHE A 13 -2.53 -39.02 23.59
N THR A 14 -2.34 -37.77 24.00
CA THR A 14 -1.75 -36.76 23.13
C THR A 14 -0.26 -36.58 23.38
N ASP A 15 0.38 -37.51 24.09
CA ASP A 15 1.78 -37.36 24.45
C ASP A 15 2.68 -37.52 23.22
N PRO A 16 3.33 -36.46 22.73
CA PRO A 16 4.20 -36.61 21.56
C PRO A 16 5.29 -37.66 21.74
N ALA A 17 5.81 -37.82 22.96
CA ALA A 17 6.86 -38.79 23.20
C ALA A 17 6.40 -40.21 22.89
N ILE A 18 5.09 -40.46 22.93
CA ILE A 18 4.57 -41.76 22.53
C ILE A 18 4.70 -41.92 21.01
N TYR A 19 4.18 -40.94 20.27
CA TYR A 19 4.04 -41.10 18.82
C TYR A 19 5.38 -41.03 18.10
N ALA A 20 6.41 -40.46 18.73
CA ALA A 20 7.73 -40.48 18.14
C ALA A 20 8.28 -41.90 18.00
N GLU A 21 7.71 -42.85 18.74
CA GLU A 21 8.18 -44.23 18.76
C GLU A 21 7.17 -45.21 18.17
N ARG A 22 5.89 -45.03 18.44
CA ARG A 22 4.89 -46.02 18.12
C ARG A 22 3.51 -45.38 18.10
N LEU A 23 2.57 -46.09 17.52
CA LEU A 23 1.16 -45.80 17.70
C LEU A 23 0.63 -46.57 18.91
N PRO A 24 -0.02 -45.91 19.88
CA PRO A 24 -0.48 -46.65 21.08
C PRO A 24 -1.72 -47.48 20.79
N VAL A 25 -1.55 -48.50 19.96
CA VAL A 25 -2.69 -49.26 19.46
C VAL A 25 -3.33 -50.09 20.58
N ALA A 26 -2.51 -50.70 21.43
CA ALA A 26 -3.07 -51.49 22.53
C ALA A 26 -3.76 -50.61 23.54
N GLU A 27 -3.22 -49.42 23.80
CA GLU A 27 -3.84 -48.49 24.74
C GLU A 27 -5.22 -48.05 24.25
N PHE A 28 -5.33 -47.71 22.96
CA PHE A 28 -6.63 -47.38 22.40
C PHE A 28 -7.59 -48.56 22.51
N ALA A 29 -7.10 -49.78 22.22
CA ALA A 29 -7.95 -50.96 22.31
C ALA A 29 -8.44 -51.17 23.73
N GLU A 30 -7.59 -50.89 24.72
CA GLU A 30 -8.00 -51.05 26.11
C GLU A 30 -9.12 -50.06 26.47
N LEU A 31 -9.01 -48.82 26.03
CA LEU A 31 -10.08 -47.85 26.28
C LEU A 31 -11.38 -48.30 25.62
N ARG A 32 -11.31 -48.71 24.35
CA ARG A 32 -12.53 -49.16 23.67
C ARG A 32 -13.22 -50.27 24.46
N SER A 33 -12.43 -51.15 25.08
CA SER A 33 -13.01 -52.28 25.80
C SER A 33 -13.44 -51.91 27.22
N ALA A 34 -12.64 -51.10 27.91
CA ALA A 34 -12.85 -50.86 29.34
C ALA A 34 -13.31 -49.45 29.69
N ALA A 35 -13.20 -48.49 28.78
CA ALA A 35 -13.56 -47.12 29.10
C ALA A 35 -13.64 -46.31 27.80
N PRO A 36 -14.64 -46.57 26.96
CA PRO A 36 -14.66 -45.96 25.62
C PRO A 36 -14.68 -44.44 25.64
N ILE A 37 -15.21 -43.83 26.70
CA ILE A 37 -15.07 -42.40 26.94
C ILE A 37 -14.39 -42.25 28.29
N TRP A 38 -13.17 -41.72 28.28
CA TRP A 38 -12.28 -41.79 29.43
C TRP A 38 -11.64 -40.44 29.67
N TRP A 39 -11.66 -39.99 30.93
CA TRP A 39 -11.03 -38.72 31.25
C TRP A 39 -9.53 -38.85 31.20
N ASN A 40 -8.92 -38.13 30.26
CA ASN A 40 -7.47 -38.08 30.06
C ASN A 40 -6.96 -36.88 30.86
N GLY A 41 -6.44 -37.14 32.06
CA GLY A 41 -5.96 -36.05 32.90
C GLY A 41 -4.60 -35.56 32.45
N GLN A 42 -4.35 -34.28 32.69
CA GLN A 42 -3.09 -33.65 32.30
C GLN A 42 -2.61 -32.78 33.45
N ASP A 43 -1.37 -33.02 33.89
CA ASP A 43 -0.82 -32.27 35.01
C ASP A 43 -0.63 -30.80 34.64
N PRO A 44 -0.44 -29.93 35.63
CA PRO A 44 -0.26 -28.50 35.34
C PRO A 44 0.89 -28.28 34.38
N GLY A 45 0.63 -27.49 33.33
CA GLY A 45 1.66 -27.15 32.38
C GLY A 45 2.07 -28.28 31.46
N LYS A 46 1.31 -29.38 31.41
CA LYS A 46 1.62 -30.51 30.54
C LYS A 46 0.47 -30.80 29.57
N GLY A 47 -0.38 -29.81 29.30
CA GLY A 47 -1.55 -30.03 28.48
C GLY A 47 -1.42 -29.56 27.05
N GLY A 48 -0.18 -29.40 26.59
CA GLY A 48 0.06 -29.03 25.20
C GLY A 48 -0.61 -27.74 24.78
N GLY A 49 -0.63 -26.74 25.64
CA GLY A 49 -1.20 -25.45 25.34
C GLY A 49 -2.54 -25.19 26.00
N PHE A 50 -3.16 -26.22 26.57
CA PHE A 50 -4.44 -26.10 27.23
C PHE A 50 -4.27 -26.42 28.71
N HIS A 51 -4.88 -25.59 29.55
CA HIS A 51 -4.61 -25.56 30.97
C HIS A 51 -5.88 -25.82 31.76
N ASP A 52 -6.68 -26.79 31.29
CA ASP A 52 -7.97 -27.08 31.88
C ASP A 52 -8.01 -28.42 32.61
N GLY A 53 -6.86 -29.09 32.74
CA GLY A 53 -6.75 -30.27 33.57
C GLY A 53 -6.91 -31.59 32.84
N GLY A 54 -7.33 -31.58 31.60
CA GLY A 54 -7.46 -32.80 30.83
C GLY A 54 -8.58 -32.69 29.82
N PHE A 55 -8.95 -33.85 29.28
CA PHE A 55 -9.95 -33.91 28.22
C PHE A 55 -10.57 -35.29 28.22
N TRP A 56 -11.71 -35.40 27.54
CA TRP A 56 -12.40 -36.67 27.36
C TRP A 56 -11.83 -37.38 26.13
N ALA A 57 -11.15 -38.50 26.34
CA ALA A 57 -10.71 -39.34 25.24
C ALA A 57 -11.91 -40.04 24.61
N ILE A 58 -12.10 -39.84 23.32
CA ILE A 58 -13.21 -40.41 22.55
C ILE A 58 -12.62 -41.47 21.64
N THR A 59 -13.06 -42.72 21.79
CA THR A 59 -12.40 -43.84 21.14
C THR A 59 -13.31 -44.68 20.25
N LYS A 60 -14.62 -44.50 20.30
CA LYS A 60 -15.55 -45.28 19.51
C LYS A 60 -15.98 -44.47 18.28
N LEU A 61 -16.12 -45.17 17.15
CA LEU A 61 -16.45 -44.48 15.91
C LEU A 61 -17.78 -43.73 16.03
N ASN A 62 -18.81 -44.40 16.55
CA ASN A 62 -20.12 -43.77 16.60
C ASN A 62 -20.09 -42.51 17.47
N ASP A 63 -19.32 -42.52 18.56
CA ASP A 63 -19.19 -41.33 19.36
C ASP A 63 -18.45 -40.23 18.59
N VAL A 64 -17.45 -40.60 17.80
CA VAL A 64 -16.75 -39.62 16.97
C VAL A 64 -17.73 -39.00 15.98
N LYS A 65 -18.60 -39.83 15.39
CA LYS A 65 -19.59 -39.31 14.45
C LYS A 65 -20.58 -38.38 15.15
N GLU A 66 -21.02 -38.76 16.35
CA GLU A 66 -22.01 -37.95 17.06
C GLU A 66 -21.46 -36.57 17.38
N ILE A 67 -20.20 -36.49 17.82
CA ILE A 67 -19.60 -35.18 18.08
C ILE A 67 -19.51 -34.37 16.79
N SER A 68 -19.07 -35.01 15.71
CA SER A 68 -18.87 -34.30 14.45
C SER A 68 -20.19 -33.77 13.88
N ARG A 69 -21.28 -34.50 14.09
CA ARG A 69 -22.58 -34.05 13.59
C ARG A 69 -23.11 -32.88 14.40
N HIS A 70 -22.95 -32.95 15.73
CA HIS A 70 -23.49 -31.94 16.63
C HIS A 70 -22.49 -30.78 16.80
N SER A 71 -22.23 -30.10 15.68
CA SER A 71 -21.39 -28.91 15.72
C SER A 71 -22.00 -27.82 16.59
N ASP A 72 -23.33 -27.80 16.71
CA ASP A 72 -23.97 -26.78 17.53
C ASP A 72 -23.54 -26.89 18.99
N VAL A 73 -23.22 -28.08 19.45
CA VAL A 73 -22.78 -28.29 20.82
C VAL A 73 -21.25 -28.34 20.93
N PHE A 74 -20.59 -29.05 20.02
CA PHE A 74 -19.17 -29.33 20.13
C PHE A 74 -18.43 -28.40 19.17
N SER A 75 -17.80 -27.37 19.75
CA SER A 75 -17.28 -26.24 19.00
C SER A 75 -15.84 -26.47 18.58
N SER A 76 -15.53 -26.05 17.34
CA SER A 76 -14.16 -26.02 16.87
C SER A 76 -13.48 -24.69 17.20
N TYR A 77 -14.24 -23.60 17.22
CA TYR A 77 -13.66 -22.27 17.40
C TYR A 77 -13.16 -22.07 18.82
N GLU A 78 -13.83 -22.63 19.81
CA GLU A 78 -13.60 -22.26 21.20
C GLU A 78 -12.15 -22.46 21.60
N ASN A 79 -11.59 -23.63 21.28
CA ASN A 79 -10.19 -23.92 21.59
C ASN A 79 -9.42 -24.42 20.37
N GLY A 80 -10.00 -24.31 19.19
CA GLY A 80 -9.39 -24.89 18.01
C GLY A 80 -9.52 -26.40 18.05
N VAL A 81 -9.16 -27.08 16.96
CA VAL A 81 -9.32 -28.51 16.87
C VAL A 81 -8.02 -29.28 17.09
N ILE A 82 -6.88 -28.61 17.06
CA ILE A 82 -5.60 -29.28 17.31
C ILE A 82 -5.48 -29.49 18.81
N PRO A 83 -5.32 -30.72 19.28
CA PRO A 83 -5.34 -30.97 20.73
C PRO A 83 -3.99 -30.90 21.42
N ARG A 84 -2.91 -30.56 20.72
CA ARG A 84 -1.60 -30.53 21.34
C ARG A 84 -0.67 -29.59 20.60
N PHE A 85 -0.13 -28.62 21.34
CA PHE A 85 0.99 -27.79 20.91
C PHE A 85 2.11 -27.96 21.93
N LYS A 86 3.19 -27.20 21.74
CA LYS A 86 4.20 -27.09 22.78
C LYS A 86 3.54 -26.59 24.06
N ASN A 87 3.97 -27.13 25.20
CA ASN A 87 3.32 -26.82 26.47
C ASN A 87 3.33 -25.32 26.74
N ASP A 88 4.28 -24.60 26.17
CA ASP A 88 4.50 -23.19 26.49
C ASP A 88 3.86 -22.25 25.48
N ILE A 89 3.08 -22.78 24.53
CA ILE A 89 2.51 -21.92 23.51
C ILE A 89 1.59 -20.89 24.14
N ALA A 90 1.66 -19.66 23.63
CA ALA A 90 0.82 -18.58 24.12
C ALA A 90 -0.59 -18.72 23.60
N ARG A 91 -1.57 -18.42 24.48
CA ARG A 91 -2.97 -18.58 24.10
C ARG A 91 -3.30 -17.84 22.81
N GLU A 92 -2.69 -16.67 22.61
CA GLU A 92 -2.98 -15.90 21.40
C GLU A 92 -2.53 -16.65 20.14
N ASP A 93 -1.47 -17.46 20.26
CA ASP A 93 -1.02 -18.25 19.11
C ASP A 93 -1.96 -19.41 18.82
N ILE A 94 -2.81 -19.78 19.78
CA ILE A 94 -3.87 -20.73 19.49
C ILE A 94 -5.04 -20.04 18.82
N GLU A 95 -5.42 -18.85 19.33
CA GLU A 95 -6.61 -18.18 18.83
C GLU A 95 -6.39 -17.57 17.44
N VAL A 96 -5.14 -17.29 17.07
CA VAL A 96 -4.90 -16.79 15.71
C VAL A 96 -5.30 -17.84 14.70
N GLN A 97 -5.29 -19.11 15.08
CA GLN A 97 -5.70 -20.19 14.18
C GLN A 97 -7.19 -20.20 13.92
N ARG A 98 -7.98 -19.41 14.66
CA ARG A 98 -9.39 -19.27 14.36
C ARG A 98 -9.66 -18.63 13.01
N PHE A 99 -8.64 -18.06 12.38
CA PHE A 99 -8.83 -17.40 11.09
C PHE A 99 -8.86 -18.37 9.92
N VAL A 100 -8.71 -19.68 10.17
CA VAL A 100 -8.85 -20.68 9.12
C VAL A 100 -10.17 -21.42 9.33
N MET A 101 -10.78 -21.81 8.20
CA MET A 101 -12.07 -22.48 8.21
C MET A 101 -12.13 -23.61 9.23
N LEU A 102 -11.05 -24.39 9.33
CA LEU A 102 -11.06 -25.56 10.21
C LEU A 102 -11.49 -25.21 11.63
N ASN A 103 -11.12 -24.02 12.10
CA ASN A 103 -11.34 -23.63 13.49
C ASN A 103 -12.47 -22.62 13.64
N MET A 104 -13.44 -22.62 12.74
CA MET A 104 -14.58 -21.72 12.82
C MET A 104 -15.85 -22.49 13.15
N ASP A 105 -16.76 -21.81 13.83
CA ASP A 105 -18.11 -22.29 14.03
C ASP A 105 -19.07 -21.55 13.10
N ALA A 106 -20.28 -22.09 12.96
CA ALA A 106 -21.33 -21.39 12.24
C ALA A 106 -21.69 -20.12 13.00
N PRO A 107 -22.16 -19.07 12.29
CA PRO A 107 -22.39 -18.97 10.85
C PRO A 107 -21.14 -18.57 10.07
N HIS A 108 -20.09 -18.09 10.74
CA HIS A 108 -18.86 -17.73 10.04
C HIS A 108 -18.37 -18.90 9.19
N HIS A 109 -18.32 -20.09 9.78
CA HIS A 109 -17.86 -21.25 9.03
C HIS A 109 -18.79 -21.56 7.86
N THR A 110 -20.10 -21.39 8.07
CA THR A 110 -21.04 -21.73 7.01
C THR A 110 -20.81 -20.87 5.78
N ARG A 111 -20.72 -19.55 5.96
CA ARG A 111 -20.45 -18.68 4.82
C ARG A 111 -19.15 -19.09 4.13
N LEU A 112 -18.11 -19.36 4.91
CA LEU A 112 -16.79 -19.62 4.33
C LEU A 112 -16.77 -20.92 3.53
N ARG A 113 -17.29 -22.00 4.11
CA ARG A 113 -17.28 -23.26 3.38
C ARG A 113 -18.08 -23.17 2.09
N LYS A 114 -19.15 -22.37 2.08
CA LYS A 114 -19.94 -22.22 0.87
C LYS A 114 -19.11 -21.59 -0.24
N ILE A 115 -18.37 -20.53 0.09
CA ILE A 115 -17.51 -19.89 -0.91
C ILE A 115 -16.38 -20.83 -1.33
N ILE A 116 -15.70 -21.42 -0.34
CA ILE A 116 -14.55 -22.29 -0.65
C ILE A 116 -14.99 -23.48 -1.48
N SER A 117 -16.24 -23.92 -1.33
CA SER A 117 -16.72 -25.08 -2.06
C SER A 117 -16.50 -24.94 -3.56
N ARG A 118 -16.53 -23.71 -4.08
CA ARG A 118 -16.33 -23.52 -5.51
C ARG A 118 -14.99 -24.07 -5.97
N GLY A 119 -13.98 -24.06 -5.10
CA GLY A 119 -12.67 -24.52 -5.48
C GLY A 119 -12.46 -26.01 -5.40
N PHE A 120 -13.37 -26.72 -4.74
CA PHE A 120 -13.26 -28.17 -4.57
C PHE A 120 -14.42 -28.92 -5.22
N THR A 121 -15.09 -28.30 -6.19
CA THR A 121 -16.10 -29.04 -6.92
C THR A 121 -15.45 -30.27 -7.55
N PRO A 122 -16.22 -31.34 -7.75
CA PRO A 122 -15.67 -32.50 -8.47
C PRO A 122 -15.00 -32.12 -9.78
N ARG A 123 -15.59 -31.20 -10.52
CA ARG A 123 -14.98 -30.75 -11.78
C ARG A 123 -13.62 -30.12 -11.53
N ALA A 124 -13.50 -29.28 -10.50
CA ALA A 124 -12.23 -28.63 -10.23
C ALA A 124 -11.15 -29.65 -9.87
N VAL A 125 -11.50 -30.66 -9.08
CA VAL A 125 -10.52 -31.67 -8.70
C VAL A 125 -10.21 -32.58 -9.88
N GLY A 126 -11.26 -33.05 -10.56
CA GLY A 126 -11.05 -33.93 -11.69
C GLY A 126 -10.25 -33.30 -12.82
N ARG A 127 -10.27 -31.97 -12.90
CA ARG A 127 -9.45 -31.26 -13.88
C ARG A 127 -7.96 -31.37 -13.57
N LEU A 128 -7.59 -31.81 -12.37
CA LEU A 128 -6.21 -32.06 -12.01
C LEU A 128 -5.78 -33.49 -12.31
N HIS A 129 -6.71 -34.35 -12.75
CA HIS A 129 -6.43 -35.78 -12.84
C HIS A 129 -5.24 -36.05 -13.76
N ASP A 130 -5.26 -35.48 -14.97
CA ASP A 130 -4.28 -35.86 -15.98
C ASP A 130 -2.88 -35.37 -15.61
N GLU A 131 -2.76 -34.12 -15.14
CA GLU A 131 -1.43 -33.60 -14.84
C GLU A 131 -0.84 -34.24 -13.59
N LEU A 132 -1.66 -34.61 -12.62
CA LEU A 132 -1.16 -35.28 -11.43
C LEU A 132 -0.77 -36.72 -11.75
N GLN A 133 -1.55 -37.39 -12.59
CA GLN A 133 -1.18 -38.71 -13.06
C GLN A 133 0.18 -38.66 -13.77
N GLU A 134 0.37 -37.67 -14.63
CA GLU A 134 1.66 -37.49 -15.28
C GLU A 134 2.77 -37.36 -14.25
N ARG A 135 2.66 -36.38 -13.35
CA ARG A 135 3.74 -36.15 -12.39
C ARG A 135 3.92 -37.36 -11.49
N ALA A 136 2.82 -38.05 -11.15
CA ALA A 136 2.94 -39.27 -10.36
C ALA A 136 3.85 -40.28 -11.06
N GLN A 137 3.63 -40.49 -12.36
CA GLN A 137 4.48 -41.43 -13.09
C GLN A 137 5.93 -40.96 -13.12
N LYS A 138 6.14 -39.65 -13.25
CA LYS A 138 7.50 -39.11 -13.25
C LYS A 138 8.15 -39.27 -11.88
N ILE A 139 7.39 -39.07 -10.81
CA ILE A 139 7.95 -39.20 -9.46
C ILE A 139 8.46 -40.63 -9.25
N ALA A 140 7.67 -41.62 -9.63
CA ALA A 140 8.06 -43.01 -9.37
C ALA A 140 9.22 -43.44 -10.25
N ALA A 141 9.25 -42.98 -11.51
CA ALA A 141 10.35 -43.35 -12.39
C ALA A 141 11.66 -42.76 -11.92
N GLU A 142 11.64 -41.50 -11.48
CA GLU A 142 12.87 -40.87 -10.99
C GLU A 142 13.36 -41.53 -9.70
N ALA A 143 12.44 -41.81 -8.78
CA ALA A 143 12.82 -42.55 -7.59
C ALA A 143 13.38 -43.92 -7.94
N ALA A 144 12.69 -44.64 -8.83
CA ALA A 144 13.11 -45.99 -9.18
C ALA A 144 14.49 -46.00 -9.84
N ALA A 145 14.78 -44.98 -10.65
CA ALA A 145 16.10 -44.88 -11.26
C ALA A 145 17.18 -44.71 -10.21
N ALA A 146 16.86 -44.05 -9.09
CA ALA A 146 17.84 -43.86 -8.03
C ALA A 146 18.20 -45.15 -7.32
N GLY A 147 17.49 -46.24 -7.59
CA GLY A 147 17.81 -47.53 -6.99
C GLY A 147 17.35 -47.68 -5.56
N SER A 148 17.69 -46.73 -4.70
CA SER A 148 17.29 -46.77 -3.30
C SER A 148 17.26 -45.36 -2.76
N GLY A 149 16.57 -45.20 -1.64
CA GLY A 149 16.55 -43.91 -0.97
C GLY A 149 15.40 -43.82 0.01
N ASP A 150 15.13 -42.58 0.42
CA ASP A 150 14.09 -42.28 1.39
C ASP A 150 12.74 -42.23 0.67
N PHE A 151 11.90 -43.24 0.92
CA PHE A 151 10.61 -43.31 0.26
C PHE A 151 9.76 -42.08 0.58
N VAL A 152 9.87 -41.57 1.81
CA VAL A 152 9.10 -40.40 2.20
C VAL A 152 9.38 -39.24 1.26
N GLU A 153 10.66 -39.01 0.96
CA GLU A 153 11.09 -37.82 0.24
C GLU A 153 11.03 -38.00 -1.27
N GLN A 154 11.31 -39.19 -1.77
CA GLN A 154 11.39 -39.41 -3.21
C GLN A 154 10.09 -39.93 -3.82
N VAL A 155 9.13 -40.35 -3.00
CA VAL A 155 7.86 -40.86 -3.51
C VAL A 155 6.69 -40.11 -2.90
N SER A 156 6.68 -39.97 -1.57
CA SER A 156 5.49 -39.49 -0.88
C SER A 156 5.32 -37.98 -0.95
N CYS A 157 6.42 -37.23 -1.01
CA CYS A 157 6.35 -35.80 -0.70
C CYS A 157 5.72 -34.98 -1.81
N GLU A 158 6.11 -35.22 -3.06
CA GLU A 158 5.89 -34.20 -4.09
C GLU A 158 4.43 -34.11 -4.53
N LEU A 159 3.80 -35.25 -4.85
CA LEU A 159 2.50 -35.18 -5.49
C LEU A 159 1.48 -34.37 -4.70
N PRO A 160 1.35 -34.53 -3.38
CA PRO A 160 0.41 -33.68 -2.64
C PRO A 160 0.72 -32.20 -2.81
N LEU A 161 2.00 -31.84 -2.77
CA LEU A 161 2.39 -30.45 -2.95
C LEU A 161 1.99 -29.95 -4.33
N GLN A 162 2.13 -30.79 -5.35
CA GLN A 162 1.73 -30.41 -6.70
C GLN A 162 0.21 -30.36 -6.86
N ALA A 163 -0.51 -31.19 -6.11
CA ALA A 163 -1.96 -31.07 -6.06
C ALA A 163 -2.37 -29.68 -5.59
N ILE A 164 -1.79 -29.22 -4.48
CA ILE A 164 -2.07 -27.87 -3.99
C ILE A 164 -1.72 -26.84 -5.04
N ALA A 165 -0.51 -26.93 -5.58
CA ALA A 165 -0.05 -25.95 -6.55
C ALA A 165 -0.97 -25.90 -7.76
N GLY A 166 -1.37 -27.07 -8.28
CA GLY A 166 -2.24 -27.09 -9.44
C GLY A 166 -3.65 -26.62 -9.12
N LEU A 167 -4.13 -26.93 -7.91
CA LEU A 167 -5.45 -26.45 -7.51
C LEU A 167 -5.49 -24.93 -7.47
N LEU A 168 -4.40 -24.30 -7.01
CA LEU A 168 -4.35 -22.85 -6.89
C LEU A 168 -3.81 -22.16 -8.13
N GLY A 169 -3.35 -22.91 -9.13
CA GLY A 169 -2.78 -22.29 -10.31
C GLY A 169 -1.44 -21.64 -10.08
N VAL A 170 -0.68 -22.11 -9.09
CA VAL A 170 0.63 -21.51 -8.82
C VAL A 170 1.57 -21.84 -9.97
N PRO A 171 2.23 -20.85 -10.58
CA PRO A 171 3.20 -21.16 -11.62
C PRO A 171 4.35 -21.99 -11.08
N GLN A 172 4.95 -22.81 -11.94
CA GLN A 172 5.98 -23.75 -11.51
C GLN A 172 7.14 -23.02 -10.84
N GLU A 173 7.47 -21.82 -11.29
CA GLU A 173 8.58 -21.07 -10.72
C GLU A 173 8.34 -20.70 -9.27
N ASP A 174 7.08 -20.64 -8.83
CA ASP A 174 6.75 -20.31 -7.45
C ASP A 174 6.52 -21.53 -6.57
N ARG A 175 6.45 -22.73 -7.17
CA ARG A 175 6.06 -23.90 -6.38
C ARG A 175 7.13 -24.25 -5.35
N GLY A 176 8.40 -23.95 -5.64
CA GLY A 176 9.44 -24.21 -4.66
C GLY A 176 9.17 -23.52 -3.33
N LYS A 177 8.94 -22.21 -3.36
CA LYS A 177 8.71 -21.48 -2.11
C LYS A 177 7.38 -21.87 -1.49
N LEU A 178 6.35 -22.12 -2.31
CA LEU A 178 5.09 -22.61 -1.77
C LEU A 178 5.31 -23.90 -0.99
N PHE A 179 6.10 -24.82 -1.56
CA PHE A 179 6.35 -26.09 -0.89
C PHE A 179 7.14 -25.89 0.39
N HIS A 180 8.11 -24.97 0.37
CA HIS A 180 8.87 -24.69 1.58
C HIS A 180 8.00 -24.09 2.68
N TRP A 181 7.14 -23.12 2.33
CA TRP A 181 6.22 -22.57 3.31
C TRP A 181 5.35 -23.67 3.90
N SER A 182 4.80 -24.53 3.03
CA SER A 182 3.95 -25.61 3.50
C SER A 182 4.71 -26.54 4.45
N ASN A 183 5.94 -26.89 4.10
CA ASN A 183 6.73 -27.78 4.93
C ASN A 183 7.08 -27.17 6.28
N GLU A 184 7.04 -25.85 6.40
CA GLU A 184 7.48 -25.16 7.61
C GLU A 184 6.40 -25.02 8.67
N MET A 185 5.27 -25.71 8.52
CA MET A 185 4.12 -25.48 9.39
C MET A 185 3.70 -26.72 10.17
N THR A 186 4.52 -27.76 10.20
CA THR A 186 4.19 -28.97 10.93
C THR A 186 5.45 -29.60 11.47
N GLY A 187 5.37 -30.13 12.68
CA GLY A 187 6.45 -30.89 13.27
C GLY A 187 7.36 -30.15 14.22
N ASN A 188 7.01 -28.93 14.62
CA ASN A 188 7.92 -28.09 15.40
C ASN A 188 8.24 -28.68 16.77
N GLU A 189 7.61 -29.80 17.14
CA GLU A 189 7.95 -30.48 18.38
C GLU A 189 8.96 -31.59 18.18
N ASP A 190 9.14 -32.06 16.96
CA ASP A 190 10.20 -33.01 16.64
C ASP A 190 11.56 -32.30 16.60
N PRO A 191 12.60 -32.90 17.18
CA PRO A 191 13.91 -32.23 17.14
C PRO A 191 14.40 -31.92 15.74
N GLU A 192 14.06 -32.77 14.76
CA GLU A 192 14.51 -32.55 13.39
C GLU A 192 13.96 -31.26 12.81
N TYR A 193 12.84 -30.76 13.32
CA TYR A 193 12.20 -29.55 12.83
C TYR A 193 12.14 -28.48 13.91
N ALA A 194 13.04 -28.53 14.89
CA ALA A 194 12.98 -27.59 16.00
C ALA A 194 13.15 -26.14 15.56
N HIS A 195 13.78 -25.88 14.43
CA HIS A 195 14.06 -24.52 13.99
C HIS A 195 13.01 -23.96 13.05
N ILE A 196 12.00 -24.74 12.67
CA ILE A 196 10.97 -24.20 11.79
C ILE A 196 10.14 -23.18 12.57
N ASP A 197 9.59 -22.20 11.86
CA ASP A 197 8.78 -21.14 12.44
C ASP A 197 7.45 -21.13 11.71
N PRO A 198 6.46 -21.88 12.20
CA PRO A 198 5.16 -21.89 11.50
C PRO A 198 4.51 -20.52 11.42
N LYS A 199 4.72 -19.68 12.43
CA LYS A 199 4.11 -18.35 12.42
C LYS A 199 4.66 -17.51 11.28
N ALA A 200 5.99 -17.44 11.17
CA ALA A 200 6.60 -16.61 10.14
C ALA A 200 6.23 -17.08 8.74
N SER A 201 6.20 -18.39 8.53
CA SER A 201 5.82 -18.92 7.23
C SER A 201 4.35 -18.65 6.91
N SER A 202 3.49 -18.69 7.93
CA SER A 202 2.09 -18.30 7.72
C SER A 202 2.00 -16.86 7.22
N ALA A 203 2.72 -15.95 7.89
CA ALA A 203 2.70 -14.55 7.48
C ALA A 203 3.18 -14.39 6.04
N GLU A 204 4.36 -14.93 5.72
CA GLU A 204 4.86 -14.85 4.35
C GLU A 204 3.86 -15.45 3.36
N LEU A 205 3.26 -16.59 3.72
CA LEU A 205 2.29 -17.21 2.84
C LEU A 205 1.08 -16.32 2.63
N ILE A 206 0.58 -15.70 3.72
CA ILE A 206 -0.52 -14.75 3.57
C ILE A 206 -0.13 -13.64 2.61
N GLY A 207 1.06 -13.07 2.80
CA GLY A 207 1.50 -12.00 1.92
C GLY A 207 1.57 -12.43 0.46
N TYR A 208 2.11 -13.63 0.22
CA TYR A 208 2.13 -14.15 -1.14
C TYR A 208 0.72 -14.35 -1.67
N ALA A 209 -0.17 -14.92 -0.84
CA ALA A 209 -1.52 -15.21 -1.29
C ALA A 209 -2.29 -13.93 -1.62
N MET A 210 -2.15 -12.90 -0.78
CA MET A 210 -2.85 -11.65 -1.05
C MET A 210 -2.33 -11.00 -2.33
N LYS A 211 -1.02 -11.03 -2.53
CA LYS A 211 -0.46 -10.60 -3.81
C LYS A 211 -1.08 -11.39 -4.96
N MET A 212 -1.28 -12.69 -4.77
CA MET A 212 -1.85 -13.52 -5.82
C MET A 212 -3.32 -13.17 -6.07
N ALA A 213 -4.05 -12.86 -5.01
CA ALA A 213 -5.46 -12.54 -5.14
C ALA A 213 -5.66 -11.30 -6.02
N GLU A 214 -4.94 -10.22 -5.72
CA GLU A 214 -5.10 -8.99 -6.49
C GLU A 214 -4.64 -9.17 -7.93
N GLU A 215 -3.67 -10.06 -8.17
CA GLU A 215 -3.24 -10.34 -9.54
C GLU A 215 -4.27 -11.21 -10.27
N LYS A 216 -4.79 -12.24 -9.61
CA LYS A 216 -5.81 -13.07 -10.23
C LYS A 216 -7.13 -12.32 -10.41
N ALA A 217 -7.29 -11.17 -9.77
CA ALA A 217 -8.46 -10.33 -10.03
C ALA A 217 -8.30 -9.57 -11.34
N LYS A 218 -7.09 -9.08 -11.62
CA LYS A 218 -6.84 -8.37 -12.87
C LYS A 218 -6.84 -9.31 -14.07
N ASN A 219 -6.39 -10.56 -13.88
CA ASN A 219 -6.25 -11.52 -14.95
C ASN A 219 -7.05 -12.77 -14.61
N PRO A 220 -8.38 -12.70 -14.68
CA PRO A 220 -9.22 -13.87 -14.40
C PRO A 220 -8.76 -15.14 -15.12
N ALA A 221 -8.06 -16.01 -14.40
CA ALA A 221 -7.67 -17.31 -14.93
C ALA A 221 -8.83 -18.29 -14.75
N ASP A 222 -8.53 -19.59 -14.78
CA ASP A 222 -9.52 -20.63 -14.53
C ASP A 222 -9.18 -21.47 -13.30
N ASP A 223 -8.19 -21.07 -12.51
CA ASP A 223 -7.94 -21.73 -11.25
C ASP A 223 -9.02 -21.31 -10.24
N ILE A 224 -9.07 -22.03 -9.12
CA ILE A 224 -10.11 -21.77 -8.13
C ILE A 224 -10.01 -20.34 -7.61
N VAL A 225 -8.84 -19.72 -7.72
CA VAL A 225 -8.63 -18.38 -7.16
C VAL A 225 -9.65 -17.40 -7.72
N THR A 226 -9.92 -17.48 -9.03
CA THR A 226 -10.89 -16.57 -9.62
C THR A 226 -12.30 -16.83 -9.09
N GLN A 227 -12.66 -18.11 -8.95
CA GLN A 227 -13.99 -18.44 -8.42
C GLN A 227 -14.14 -18.01 -6.97
N LEU A 228 -13.04 -17.96 -6.21
CA LEU A 228 -13.12 -17.63 -4.79
C LEU A 228 -13.25 -16.13 -4.57
N ILE A 229 -12.49 -15.32 -5.31
CA ILE A 229 -12.50 -13.88 -5.11
C ILE A 229 -13.48 -13.16 -6.02
N GLN A 230 -14.13 -13.89 -6.93
CA GLN A 230 -15.18 -13.31 -7.76
C GLN A 230 -16.50 -13.36 -6.99
N ALA A 231 -17.17 -12.23 -6.89
CA ALA A 231 -18.42 -12.16 -6.14
C ALA A 231 -19.52 -12.92 -6.86
N ASP A 232 -20.34 -13.62 -6.09
CA ASP A 232 -21.51 -14.30 -6.64
C ASP A 232 -22.66 -13.30 -6.72
N ILE A 233 -23.87 -13.79 -7.01
CA ILE A 233 -25.01 -12.89 -7.17
C ILE A 233 -25.34 -12.16 -5.87
N ASP A 234 -24.97 -12.73 -4.72
CA ASP A 234 -25.24 -12.10 -3.43
C ASP A 234 -24.01 -11.40 -2.86
N GLY A 235 -23.00 -11.15 -3.68
CA GLY A 235 -21.81 -10.44 -3.23
C GLY A 235 -20.88 -11.24 -2.34
N GLU A 236 -21.08 -12.55 -2.24
CA GLU A 236 -20.24 -13.36 -1.36
C GLU A 236 -18.96 -13.75 -2.08
N LYS A 237 -17.83 -13.51 -1.43
CA LYS A 237 -16.51 -13.84 -1.97
C LYS A 237 -15.51 -13.75 -0.83
N LEU A 238 -14.30 -14.23 -1.09
CA LEU A 238 -13.22 -14.12 -0.12
C LEU A 238 -12.52 -12.78 -0.32
N SER A 239 -12.45 -11.99 0.74
CA SER A 239 -11.55 -10.85 0.75
C SER A 239 -10.12 -11.33 0.48
N ASP A 240 -9.24 -10.39 0.17
CA ASP A 240 -7.85 -10.75 -0.09
C ASP A 240 -7.24 -11.47 1.10
N ASP A 241 -7.52 -11.00 2.32
CA ASP A 241 -6.96 -11.66 3.49
C ASP A 241 -7.66 -12.99 3.77
N GLU A 242 -8.97 -13.05 3.53
CA GLU A 242 -9.67 -14.34 3.65
C GLU A 242 -9.08 -15.37 2.71
N PHE A 243 -8.70 -14.96 1.50
CA PHE A 243 -8.01 -15.87 0.61
C PHE A 243 -6.61 -16.18 1.12
N GLY A 244 -5.97 -15.23 1.80
CA GLY A 244 -4.70 -15.52 2.43
C GLY A 244 -4.81 -16.64 3.45
N PHE A 245 -5.84 -16.60 4.29
CA PHE A 245 -6.01 -17.64 5.29
C PHE A 245 -6.41 -18.97 4.67
N PHE A 246 -7.16 -18.92 3.57
CA PHE A 246 -7.49 -20.16 2.87
C PHE A 246 -6.24 -20.82 2.30
N VAL A 247 -5.33 -20.02 1.73
CA VAL A 247 -4.10 -20.60 1.21
C VAL A 247 -3.26 -21.19 2.34
N VAL A 248 -3.23 -20.52 3.50
CA VAL A 248 -2.58 -21.10 4.66
C VAL A 248 -3.25 -22.43 5.01
N MET A 249 -4.58 -22.45 5.01
CA MET A 249 -5.31 -23.68 5.29
C MET A 249 -4.91 -24.78 4.31
N LEU A 250 -4.78 -24.45 3.02
CA LEU A 250 -4.45 -25.46 2.03
C LEU A 250 -3.02 -25.96 2.20
N ALA A 251 -2.07 -25.04 2.40
CA ALA A 251 -0.66 -25.45 2.47
C ALA A 251 -0.42 -26.42 3.62
N VAL A 252 -1.09 -26.21 4.75
CA VAL A 252 -0.90 -27.11 5.89
C VAL A 252 -1.69 -28.39 5.70
N ALA A 253 -2.92 -28.27 5.20
CA ALA A 253 -3.79 -29.44 5.14
C ALA A 253 -3.48 -30.35 3.96
N GLY A 254 -3.10 -29.78 2.82
CA GLY A 254 -2.96 -30.57 1.62
C GLY A 254 -1.66 -31.31 1.48
N ASN A 255 -0.77 -31.20 2.47
CA ASN A 255 0.60 -31.68 2.30
C ASN A 255 0.87 -32.92 3.13
N GLU A 256 1.14 -32.75 4.43
CA GLU A 256 1.71 -33.84 5.21
C GLU A 256 0.72 -34.97 5.47
N THR A 257 -0.58 -34.68 5.62
CA THR A 257 -1.53 -35.77 5.85
C THR A 257 -1.54 -36.74 4.67
N THR A 258 -1.60 -36.21 3.45
CA THR A 258 -1.58 -37.10 2.29
C THR A 258 -0.23 -37.79 2.16
N ARG A 259 0.86 -37.07 2.41
CA ARG A 259 2.19 -37.68 2.36
C ARG A 259 2.28 -38.89 3.28
N ASN A 260 1.81 -38.74 4.53
CA ASN A 260 1.92 -39.85 5.47
C ASN A 260 0.93 -40.97 5.13
N SER A 261 -0.16 -40.66 4.45
CA SER A 261 -1.01 -41.71 3.90
C SER A 261 -0.23 -42.57 2.92
N ILE A 262 0.47 -41.92 1.98
CA ILE A 262 1.27 -42.66 1.00
C ILE A 262 2.31 -43.52 1.71
N THR A 263 3.13 -42.89 2.54
CA THR A 263 4.19 -43.63 3.23
C THR A 263 3.64 -44.81 4.00
N GLN A 264 2.58 -44.61 4.77
CA GLN A 264 2.06 -45.70 5.58
C GLN A 264 1.22 -46.68 4.77
N GLY A 265 0.63 -46.21 3.67
CA GLY A 265 0.07 -47.15 2.71
C GLY A 265 1.10 -48.16 2.24
N MET A 266 2.30 -47.69 1.93
CA MET A 266 3.34 -48.59 1.43
C MET A 266 3.90 -49.45 2.56
N MET A 267 4.07 -48.87 3.74
CA MET A 267 4.45 -49.68 4.90
C MET A 267 3.47 -50.82 5.10
N ALA A 268 2.18 -50.55 4.94
CA ALA A 268 1.18 -51.60 5.02
C ALA A 268 1.40 -52.64 3.94
N PHE A 269 1.67 -52.19 2.70
CA PHE A 269 1.84 -53.12 1.59
C PHE A 269 3.05 -54.02 1.79
N ALA A 270 4.13 -53.48 2.36
CA ALA A 270 5.30 -54.32 2.64
C ALA A 270 5.00 -55.34 3.74
N GLU A 271 4.09 -55.00 4.66
CA GLU A 271 3.71 -55.90 5.74
C GLU A 271 2.67 -56.91 5.29
N HIS A 272 1.98 -56.67 4.19
CA HIS A 272 0.85 -57.49 3.75
C HIS A 272 1.05 -57.85 2.28
N PRO A 273 2.06 -58.67 1.98
CA PRO A 273 2.39 -58.97 0.58
C PRO A 273 1.20 -59.39 -0.27
N ASP A 274 0.28 -60.19 0.29
CA ASP A 274 -0.90 -60.59 -0.48
C ASP A 274 -1.67 -59.38 -0.96
N GLN A 275 -1.83 -58.37 -0.10
CA GLN A 275 -2.52 -57.14 -0.51
C GLN A 275 -1.72 -56.39 -1.57
N TRP A 276 -0.39 -56.31 -1.40
CA TRP A 276 0.43 -55.68 -2.42
C TRP A 276 0.28 -56.39 -3.75
N GLU A 277 0.40 -57.72 -3.75
CA GLU A 277 0.16 -58.48 -4.97
C GLU A 277 -1.23 -58.18 -5.53
N LEU A 278 -2.26 -58.26 -4.68
CA LEU A 278 -3.61 -57.96 -5.15
C LEU A 278 -3.68 -56.57 -5.77
N TYR A 279 -3.06 -55.58 -5.12
CA TYR A 279 -3.15 -54.23 -5.66
C TYR A 279 -2.52 -54.15 -7.05
N LYS A 280 -1.34 -54.75 -7.22
CA LYS A 280 -0.61 -54.59 -8.46
C LYS A 280 -1.38 -55.14 -9.66
N LYS A 281 -2.22 -56.17 -9.45
CA LYS A 281 -2.97 -56.74 -10.57
C LYS A 281 -4.27 -56.00 -10.85
N VAL A 282 -5.04 -55.70 -9.78
CA VAL A 282 -6.37 -55.12 -9.95
C VAL A 282 -6.36 -53.61 -9.86
N ARG A 283 -5.35 -53.01 -9.21
CA ARG A 283 -5.29 -51.58 -8.99
C ARG A 283 -6.63 -51.05 -8.44
N PRO A 284 -7.15 -51.63 -7.37
CA PRO A 284 -8.47 -51.21 -6.87
C PRO A 284 -8.38 -49.84 -6.20
N GLU A 285 -9.31 -48.97 -6.58
CA GLU A 285 -9.33 -47.63 -6.00
C GLU A 285 -9.85 -47.62 -4.57
N THR A 286 -10.60 -48.65 -4.17
CA THR A 286 -10.94 -48.81 -2.76
C THR A 286 -9.71 -48.83 -1.87
N ALA A 287 -8.54 -49.16 -2.44
CA ALA A 287 -7.31 -49.16 -1.66
C ALA A 287 -7.07 -47.82 -0.98
N ALA A 288 -7.42 -46.72 -1.66
CA ALA A 288 -7.12 -45.40 -1.09
C ALA A 288 -7.79 -45.22 0.26
N ASP A 289 -9.04 -45.65 0.39
CA ASP A 289 -9.74 -45.48 1.66
C ASP A 289 -9.18 -46.40 2.74
N GLU A 290 -8.85 -47.64 2.38
CA GLU A 290 -8.22 -48.52 3.35
C GLU A 290 -6.84 -48.00 3.74
N ILE A 291 -6.14 -47.34 2.81
CA ILE A 291 -4.85 -46.76 3.15
C ILE A 291 -5.03 -45.63 4.15
N VAL A 292 -6.04 -44.77 3.93
CA VAL A 292 -6.28 -43.66 4.87
C VAL A 292 -6.76 -44.19 6.21
N ARG A 293 -7.61 -45.21 6.21
CA ARG A 293 -8.05 -45.80 7.47
C ARG A 293 -6.87 -46.40 8.22
N TRP A 294 -6.01 -47.13 7.50
CA TRP A 294 -4.84 -47.73 8.12
C TRP A 294 -3.84 -46.66 8.55
N ALA A 295 -3.71 -45.59 7.78
CA ALA A 295 -2.74 -44.55 8.09
C ALA A 295 -3.24 -43.58 9.15
N THR A 296 -4.56 -43.31 9.18
CA THR A 296 -5.17 -42.27 10.01
C THR A 296 -4.17 -41.14 10.24
N PRO A 297 -3.82 -40.39 9.18
CA PRO A 297 -2.78 -39.35 9.33
C PRO A 297 -3.07 -38.33 10.40
N VAL A 298 -4.34 -37.99 10.64
CA VAL A 298 -4.73 -37.17 11.77
C VAL A 298 -5.16 -38.13 12.86
N THR A 299 -4.29 -38.33 13.85
CA THR A 299 -4.63 -39.21 14.95
C THR A 299 -5.86 -38.71 15.70
N ALA A 300 -5.95 -37.40 15.93
CA ALA A 300 -7.06 -36.88 16.69
C ALA A 300 -7.26 -35.39 16.41
N PHE A 301 -8.52 -34.99 16.40
CA PHE A 301 -8.93 -33.59 16.49
C PHE A 301 -9.86 -33.44 17.70
N GLN A 302 -9.94 -32.23 18.22
CA GLN A 302 -10.72 -31.97 19.42
C GLN A 302 -11.90 -31.06 19.13
N ARG A 303 -12.82 -31.02 20.08
CA ARG A 303 -13.89 -30.03 20.15
C ARG A 303 -14.05 -29.61 21.60
N THR A 304 -14.79 -28.51 21.79
CA THR A 304 -15.08 -27.98 23.11
C THR A 304 -16.58 -27.87 23.27
N ALA A 305 -17.10 -28.42 24.36
CA ALA A 305 -18.54 -28.41 24.57
C ALA A 305 -19.03 -27.01 24.91
N LEU A 306 -20.06 -26.56 24.19
CA LEU A 306 -20.69 -25.28 24.47
C LEU A 306 -21.77 -25.37 25.54
N ARG A 307 -22.21 -26.58 25.87
CA ARG A 307 -23.16 -26.78 26.96
C ARG A 307 -22.97 -28.20 27.47
N ASP A 308 -23.52 -28.46 28.66
CA ASP A 308 -23.59 -29.84 29.13
C ASP A 308 -24.23 -30.71 28.06
N TYR A 309 -23.68 -31.91 27.88
CA TYR A 309 -24.14 -32.82 26.85
C TYR A 309 -23.82 -34.24 27.29
N GLU A 310 -24.81 -35.11 27.25
CA GLU A 310 -24.62 -36.51 27.61
C GLU A 310 -24.35 -37.31 26.34
N LEU A 311 -23.23 -38.04 26.34
CA LEU A 311 -22.78 -38.80 25.18
C LEU A 311 -22.45 -40.21 25.63
N SER A 312 -23.22 -41.18 25.14
CA SER A 312 -23.02 -42.59 25.49
C SER A 312 -22.88 -42.76 27.00
N GLY A 313 -23.83 -42.18 27.73
CA GLY A 313 -23.91 -42.35 29.16
C GLY A 313 -22.91 -41.55 29.97
N VAL A 314 -22.05 -40.77 29.33
CA VAL A 314 -21.08 -39.93 30.03
C VAL A 314 -21.54 -38.48 29.94
N GLN A 315 -21.38 -37.76 31.04
CA GLN A 315 -21.76 -36.36 31.12
C GLN A 315 -20.59 -35.49 30.65
N ILE A 316 -20.70 -34.95 29.45
CA ILE A 316 -19.79 -33.90 29.02
C ILE A 316 -20.26 -32.58 29.61
N LYS A 317 -19.35 -31.88 30.29
CA LYS A 317 -19.69 -30.63 30.93
C LYS A 317 -19.33 -29.46 30.03
N LYS A 318 -20.18 -28.43 30.04
CA LYS A 318 -19.90 -27.21 29.30
C LYS A 318 -18.47 -26.76 29.53
N GLY A 319 -17.79 -26.40 28.44
CA GLY A 319 -16.43 -25.93 28.50
C GLY A 319 -15.36 -27.00 28.41
N GLN A 320 -15.72 -28.27 28.61
CA GLN A 320 -14.74 -29.34 28.56
C GLN A 320 -14.38 -29.67 27.11
N ARG A 321 -13.18 -30.20 26.93
CA ARG A 321 -12.69 -30.63 25.63
C ARG A 321 -12.94 -32.13 25.47
N VAL A 322 -13.33 -32.52 24.26
CA VAL A 322 -13.40 -33.92 23.87
C VAL A 322 -12.44 -34.11 22.70
N VAL A 323 -11.59 -35.13 22.78
CA VAL A 323 -10.60 -35.40 21.75
C VAL A 323 -11.04 -36.65 21.01
N MET A 324 -11.33 -36.50 19.72
CA MET A 324 -11.77 -37.58 18.86
C MET A 324 -10.56 -38.31 18.33
N PHE A 325 -10.32 -39.52 18.84
CA PHE A 325 -9.16 -40.31 18.42
C PHE A 325 -9.56 -41.13 17.21
N TYR A 326 -9.43 -40.53 16.03
CA TYR A 326 -9.68 -41.23 14.78
C TYR A 326 -8.88 -42.52 14.72
N ARG A 327 -7.68 -42.54 15.30
CA ARG A 327 -6.85 -43.73 15.28
C ARG A 327 -7.54 -44.90 15.98
N SER A 328 -8.30 -44.62 17.03
CA SER A 328 -9.06 -45.68 17.70
C SER A 328 -10.34 -46.00 16.93
N ALA A 329 -11.07 -44.97 16.53
CA ALA A 329 -12.37 -45.18 15.88
C ALA A 329 -12.23 -45.96 14.58
N ASN A 330 -11.14 -45.75 13.84
CA ASN A 330 -10.95 -46.45 12.58
C ASN A 330 -10.62 -47.92 12.76
N PHE A 331 -10.45 -48.38 14.00
CA PHE A 331 -10.24 -49.78 14.32
C PHE A 331 -11.29 -50.27 15.30
N ASP A 332 -12.47 -49.68 15.24
CA ASP A 332 -13.58 -50.01 16.12
C ASP A 332 -14.16 -51.36 15.70
N GLU A 333 -13.95 -52.37 16.54
CA GLU A 333 -14.42 -53.73 16.25
C GLU A 333 -15.92 -53.78 16.04
N GLU A 334 -16.67 -52.77 16.47
CA GLU A 334 -18.12 -52.75 16.35
C GLU A 334 -18.59 -52.18 15.03
N VAL A 335 -17.71 -51.53 14.27
CA VAL A 335 -18.05 -50.95 12.98
C VAL A 335 -17.40 -51.71 11.83
N PHE A 336 -16.19 -52.19 12.03
CA PHE A 336 -15.41 -52.84 10.97
C PHE A 336 -15.33 -54.34 11.22
N GLN A 337 -15.47 -55.11 10.16
CA GLN A 337 -15.18 -56.54 10.22
C GLN A 337 -13.68 -56.72 10.12
N ASP A 338 -13.08 -57.26 11.17
CA ASP A 338 -11.64 -57.52 11.17
C ASP A 338 -10.90 -56.20 11.01
N PRO A 339 -11.06 -55.27 11.95
CA PRO A 339 -10.42 -53.95 11.80
C PRO A 339 -8.93 -54.03 11.59
N PHE A 340 -8.25 -54.98 12.22
CA PHE A 340 -6.80 -55.07 12.14
C PHE A 340 -6.32 -55.94 10.98
N THR A 341 -7.21 -56.27 10.05
CA THR A 341 -6.83 -56.83 8.76
C THR A 341 -6.74 -55.71 7.74
N PHE A 342 -5.59 -55.61 7.08
CA PHE A 342 -5.41 -54.66 5.98
C PHE A 342 -6.05 -55.25 4.72
N ASN A 343 -7.15 -54.65 4.26
CA ASN A 343 -7.96 -55.21 3.18
C ASN A 343 -8.31 -54.10 2.19
N ILE A 344 -7.57 -54.02 1.08
CA ILE A 344 -7.76 -52.93 0.13
C ILE A 344 -9.07 -53.04 -0.64
N LEU A 345 -9.82 -54.13 -0.52
CA LEU A 345 -11.13 -54.25 -1.14
C LEU A 345 -12.27 -53.89 -0.19
N ARG A 346 -11.97 -53.60 1.08
CA ARG A 346 -12.99 -53.25 2.05
C ARG A 346 -14.00 -52.28 1.45
N ASN A 347 -15.27 -52.66 1.47
CA ASN A 347 -16.31 -51.89 0.80
C ASN A 347 -17.68 -52.30 1.30
N PRO A 348 -18.47 -51.40 1.90
CA PRO A 348 -18.15 -49.99 2.19
C PRO A 348 -17.05 -49.83 3.23
N ASN A 349 -16.49 -48.62 3.36
CA ASN A 349 -15.40 -48.33 4.29
C ASN A 349 -15.74 -47.03 5.01
N PRO A 350 -16.58 -47.09 6.06
CA PRO A 350 -17.02 -45.88 6.77
C PRO A 350 -16.00 -45.36 7.78
N HIS A 351 -14.74 -45.27 7.36
CA HIS A 351 -13.70 -44.77 8.24
C HIS A 351 -13.83 -43.27 8.43
N VAL A 352 -13.25 -42.77 9.52
CA VAL A 352 -13.32 -41.35 9.86
C VAL A 352 -11.93 -40.75 9.76
N GLY A 353 -11.09 -41.31 8.87
CA GLY A 353 -9.81 -40.70 8.59
C GLY A 353 -9.95 -39.28 8.08
N PHE A 354 -11.03 -38.99 7.37
CA PHE A 354 -11.33 -37.65 6.91
C PHE A 354 -12.25 -36.91 7.87
N GLY A 355 -12.37 -37.39 9.11
CA GLY A 355 -13.28 -36.83 10.08
C GLY A 355 -14.60 -37.55 10.11
N GLY A 356 -15.37 -37.27 11.15
CA GLY A 356 -16.77 -37.65 11.15
C GLY A 356 -17.56 -36.79 10.19
N THR A 357 -18.64 -37.36 9.65
CA THR A 357 -19.49 -36.59 8.76
C THR A 357 -20.07 -35.40 9.51
N GLY A 358 -20.15 -34.27 8.84
CA GLY A 358 -20.67 -33.07 9.45
C GLY A 358 -20.13 -31.83 8.77
N ALA A 359 -20.26 -30.70 9.47
CA ALA A 359 -19.98 -29.41 8.87
C ALA A 359 -18.51 -29.27 8.46
N HIS A 360 -17.60 -29.97 9.13
CA HIS A 360 -16.17 -29.80 8.91
C HIS A 360 -15.54 -30.97 8.16
N TYR A 361 -16.34 -31.83 7.55
CA TYR A 361 -15.79 -32.98 6.83
C TYR A 361 -14.80 -32.52 5.77
N CYS A 362 -13.68 -33.24 5.68
CA CYS A 362 -12.58 -32.88 4.78
C CYS A 362 -13.07 -32.51 3.39
N ILE A 363 -12.81 -31.27 2.97
CA ILE A 363 -13.13 -30.86 1.62
C ILE A 363 -12.14 -31.42 0.61
N GLY A 364 -10.96 -31.86 1.05
CA GLY A 364 -9.97 -32.41 0.15
C GLY A 364 -9.96 -33.93 0.12
N ALA A 365 -11.06 -34.55 0.54
CA ALA A 365 -11.08 -36.00 0.68
C ALA A 365 -10.87 -36.69 -0.66
N ASN A 366 -11.64 -36.29 -1.68
CA ASN A 366 -11.52 -36.94 -2.98
C ASN A 366 -10.26 -36.51 -3.70
N LEU A 367 -9.76 -35.30 -3.42
CA LEU A 367 -8.45 -34.92 -3.94
C LEU A 367 -7.35 -35.78 -3.31
N ALA A 368 -7.45 -36.03 -2.00
CA ALA A 368 -6.47 -36.90 -1.35
C ALA A 368 -6.58 -38.33 -1.88
N ARG A 369 -7.80 -38.84 -2.01
CA ARG A 369 -7.99 -40.18 -2.56
C ARG A 369 -7.38 -40.30 -3.96
N MET A 370 -7.60 -39.29 -4.80
CA MET A 370 -7.06 -39.34 -6.15
C MET A 370 -5.54 -39.28 -6.13
N THR A 371 -4.97 -38.44 -5.26
CA THR A 371 -3.52 -38.40 -5.14
C THR A 371 -2.96 -39.75 -4.73
N ILE A 372 -3.62 -40.44 -3.79
CA ILE A 372 -3.16 -41.74 -3.33
C ILE A 372 -3.28 -42.77 -4.45
N ASN A 373 -4.42 -42.80 -5.15
CA ASN A 373 -4.60 -43.79 -6.21
C ASN A 373 -3.57 -43.59 -7.31
N LEU A 374 -3.30 -42.33 -7.67
CA LEU A 374 -2.36 -42.05 -8.74
C LEU A 374 -0.94 -42.45 -8.37
N ILE A 375 -0.50 -42.12 -7.16
CA ILE A 375 0.89 -42.41 -6.81
C ILE A 375 1.09 -43.91 -6.62
N PHE A 376 0.09 -44.62 -6.12
CA PHE A 376 0.28 -46.06 -5.92
C PHE A 376 0.19 -46.82 -7.23
N ASN A 377 -0.57 -46.32 -8.22
CA ASN A 377 -0.48 -46.88 -9.55
C ASN A 377 0.91 -46.67 -10.14
N ALA A 378 1.51 -45.51 -9.88
CA ALA A 378 2.85 -45.24 -10.39
C ALA A 378 3.89 -46.10 -9.67
N VAL A 379 3.76 -46.24 -8.36
CA VAL A 379 4.66 -47.13 -7.63
C VAL A 379 4.52 -48.55 -8.16
N ALA A 380 3.29 -48.99 -8.43
CA ALA A 380 3.07 -50.32 -8.96
C ALA A 380 3.70 -50.47 -10.33
N ASP A 381 3.65 -49.41 -11.14
CA ASP A 381 4.18 -49.49 -12.50
C ASP A 381 5.70 -49.50 -12.51
N HIS A 382 6.34 -48.68 -11.67
CA HIS A 382 7.77 -48.43 -11.81
C HIS A 382 8.64 -49.14 -10.77
N MET A 383 8.16 -49.31 -9.54
CA MET A 383 8.95 -49.98 -8.48
C MET A 383 8.10 -51.06 -7.83
N PRO A 384 7.61 -52.02 -8.62
CA PRO A 384 6.73 -53.06 -8.07
C PRO A 384 7.39 -53.97 -7.05
N ASP A 385 8.71 -54.14 -7.11
CA ASP A 385 9.42 -55.04 -6.21
C ASP A 385 10.07 -54.30 -5.04
N LEU A 386 9.68 -53.05 -4.81
CA LEU A 386 10.08 -52.31 -3.62
C LEU A 386 10.10 -53.20 -2.38
N LYS A 387 11.18 -53.11 -1.63
CA LYS A 387 11.29 -53.77 -0.33
C LYS A 387 11.98 -52.81 0.63
N PRO A 388 11.54 -52.74 1.88
CA PRO A 388 12.16 -51.81 2.84
C PRO A 388 13.59 -52.22 3.18
N ILE A 389 14.34 -51.23 3.64
CA ILE A 389 15.72 -51.43 4.09
C ILE A 389 15.85 -51.31 5.60
N SER A 390 15.17 -50.32 6.20
CA SER A 390 15.23 -50.13 7.64
C SER A 390 13.87 -49.62 8.12
N ALA A 391 13.74 -49.49 9.44
CA ALA A 391 12.47 -49.12 10.02
C ALA A 391 12.17 -47.65 9.77
N PRO A 392 10.88 -47.29 9.63
CA PRO A 392 10.53 -45.87 9.50
C PRO A 392 10.93 -45.09 10.75
N GLU A 393 11.27 -43.83 10.56
CA GLU A 393 11.43 -42.88 11.66
C GLU A 393 10.11 -42.15 11.85
N ARG A 394 9.52 -42.29 13.03
CA ARG A 394 8.22 -41.70 13.29
C ARG A 394 8.39 -40.25 13.75
N LEU A 395 7.35 -39.46 13.50
CA LEU A 395 7.36 -38.05 13.83
C LEU A 395 6.90 -37.83 15.25
N ARG A 396 7.60 -36.98 15.97
CA ARG A 396 7.21 -36.62 17.34
C ARG A 396 6.10 -35.58 17.25
N SER A 397 4.86 -36.02 17.45
CA SER A 397 3.70 -35.15 17.42
C SER A 397 2.62 -35.75 18.31
N GLY A 398 1.81 -34.89 18.90
CA GLY A 398 0.74 -35.34 19.77
C GLY A 398 -0.58 -35.65 19.10
N TRP A 399 -0.70 -35.36 17.80
CA TRP A 399 -1.98 -35.55 17.13
C TRP A 399 -1.82 -35.92 15.66
N LEU A 400 -0.63 -35.74 15.10
CA LEU A 400 -0.33 -36.14 13.73
C LEU A 400 0.46 -37.44 13.75
N ASN A 401 0.06 -38.38 12.88
CA ASN A 401 0.77 -39.64 12.71
C ASN A 401 1.67 -39.50 11.50
N GLY A 402 2.95 -39.24 11.73
CA GLY A 402 3.87 -38.90 10.66
C GLY A 402 5.03 -39.84 10.58
N ILE A 403 5.53 -40.03 9.35
CA ILE A 403 6.77 -40.74 9.09
C ILE A 403 7.75 -39.75 8.47
N LYS A 404 8.87 -39.52 9.15
CA LYS A 404 9.86 -38.57 8.65
C LYS A 404 10.72 -39.19 7.55
N HIS A 405 11.07 -40.47 7.69
CA HIS A 405 12.06 -41.09 6.82
C HIS A 405 11.78 -42.58 6.74
N TRP A 406 12.09 -43.17 5.58
CA TRP A 406 11.90 -44.60 5.39
C TRP A 406 12.78 -45.05 4.23
N GLN A 407 13.88 -45.73 4.54
CA GLN A 407 14.81 -46.20 3.51
C GLN A 407 14.26 -47.45 2.85
N VAL A 408 14.18 -47.43 1.52
CA VAL A 408 13.64 -48.55 0.76
C VAL A 408 14.52 -48.82 -0.44
N ASP A 409 14.63 -50.09 -0.81
CA ASP A 409 15.26 -50.51 -2.05
C ASP A 409 14.17 -50.57 -3.12
N TYR A 410 14.24 -49.66 -4.09
CA TYR A 410 13.20 -49.59 -5.11
C TYR A 410 13.32 -50.74 -6.11
N THR A 411 14.53 -51.26 -6.31
CA THR A 411 14.75 -52.30 -7.30
C THR A 411 14.24 -53.66 -6.84
N GLY A 412 14.32 -53.95 -5.54
CA GLY A 412 13.83 -55.20 -5.00
C GLY A 412 14.89 -56.19 -4.60
N ARG A 413 16.17 -55.86 -4.82
CA ARG A 413 17.36 -56.43 -4.17
C ARG A 413 18.37 -56.78 -5.27
N SER B 4 25.58 10.36 -15.49
CA SER B 4 24.98 11.33 -14.59
C SER B 4 23.49 11.06 -14.42
N PRO B 5 22.97 11.23 -13.19
CA PRO B 5 21.57 10.89 -12.95
C PRO B 5 20.63 11.82 -13.71
N ASN B 6 19.46 11.28 -14.05
CA ASN B 6 18.47 12.02 -14.83
C ASN B 6 17.63 12.87 -13.88
N LEU B 7 18.21 14.00 -13.48
CA LEU B 7 17.57 14.96 -12.59
C LEU B 7 17.66 16.36 -13.19
N PRO B 8 16.67 17.22 -12.92
CA PRO B 8 16.77 18.59 -13.42
C PRO B 8 17.99 19.27 -12.88
N PRO B 9 18.60 20.18 -13.65
CA PRO B 9 19.81 20.86 -13.18
C PRO B 9 19.60 21.55 -11.84
N GLY B 10 20.63 21.49 -10.99
CA GLY B 10 20.59 22.15 -9.70
C GLY B 10 19.66 21.53 -8.69
N PHE B 11 19.18 20.31 -8.93
CA PHE B 11 18.23 19.68 -8.04
C PHE B 11 18.85 19.45 -6.66
N ASP B 12 18.12 19.86 -5.62
CA ASP B 12 18.60 19.78 -4.24
C ASP B 12 17.62 18.91 -3.45
N PHE B 13 18.10 17.73 -3.00
CA PHE B 13 17.25 16.80 -2.28
C PHE B 13 16.90 17.27 -0.88
N THR B 14 17.59 18.30 -0.36
CA THR B 14 17.23 18.92 0.91
C THR B 14 16.39 20.18 0.72
N ASP B 15 15.96 20.47 -0.51
CA ASP B 15 15.15 21.66 -0.77
C ASP B 15 13.83 21.55 -0.03
N PRO B 16 13.56 22.40 0.97
CA PRO B 16 12.30 22.27 1.72
C PRO B 16 11.07 22.45 0.86
N ALA B 17 11.17 23.20 -0.25
CA ALA B 17 10.02 23.36 -1.12
C ALA B 17 9.59 22.05 -1.76
N ILE B 18 10.54 21.11 -1.92
CA ILE B 18 10.19 19.78 -2.41
C ILE B 18 9.17 19.12 -1.47
N TYR B 19 9.53 19.03 -0.19
CA TYR B 19 8.74 18.25 0.76
C TYR B 19 7.46 18.97 1.19
N ALA B 20 7.38 20.29 1.00
CA ALA B 20 6.10 20.96 1.21
C ALA B 20 5.02 20.42 0.29
N GLU B 21 5.38 19.69 -0.74
CA GLU B 21 4.43 19.24 -1.75
C GLU B 21 4.46 17.73 -1.97
N ARG B 22 5.62 17.10 -1.88
CA ARG B 22 5.73 15.70 -2.23
C ARG B 22 7.00 15.11 -1.65
N LEU B 23 7.01 13.78 -1.55
CA LEU B 23 8.25 13.06 -1.31
C LEU B 23 8.89 12.72 -2.64
N PRO B 24 10.15 13.09 -2.88
CA PRO B 24 10.72 12.87 -4.22
C PRO B 24 11.10 11.41 -4.46
N VAL B 25 10.08 10.56 -4.49
CA VAL B 25 10.31 9.11 -4.55
C VAL B 25 10.98 8.73 -5.87
N ALA B 26 10.54 9.34 -6.97
CA ALA B 26 11.10 9.00 -8.27
C ALA B 26 12.54 9.48 -8.40
N GLU B 27 12.84 10.65 -7.83
CA GLU B 27 14.22 11.17 -7.89
C GLU B 27 15.14 10.33 -7.03
N PHE B 28 14.69 9.91 -5.85
CA PHE B 28 15.49 8.99 -5.03
C PHE B 28 15.73 7.67 -5.77
N ALA B 29 14.68 7.13 -6.40
CA ALA B 29 14.85 5.89 -7.14
C ALA B 29 15.85 6.07 -8.29
N GLU B 30 15.78 7.19 -8.99
CA GLU B 30 16.72 7.44 -10.08
C GLU B 30 18.16 7.44 -9.57
N LEU B 31 18.39 8.01 -8.38
CA LEU B 31 19.74 8.02 -7.82
C LEU B 31 20.21 6.60 -7.51
N ARG B 32 19.39 5.83 -6.81
CA ARG B 32 19.75 4.44 -6.50
C ARG B 32 20.14 3.70 -7.77
N SER B 33 19.38 3.90 -8.84
CA SER B 33 19.67 3.22 -10.10
C SER B 33 20.95 3.76 -10.75
N ALA B 34 21.07 5.09 -10.83
CA ALA B 34 22.08 5.70 -11.67
C ALA B 34 23.27 6.28 -10.92
N ALA B 35 23.11 6.63 -9.64
CA ALA B 35 24.19 7.24 -8.88
C ALA B 35 23.91 7.14 -7.38
N PRO B 36 24.03 5.95 -6.80
CA PRO B 36 23.60 5.78 -5.40
C PRO B 36 24.34 6.67 -4.41
N ILE B 37 25.53 7.14 -4.74
CA ILE B 37 26.23 8.17 -3.98
C ILE B 37 26.53 9.29 -4.96
N TRP B 38 25.76 10.37 -4.88
CA TRP B 38 25.79 11.45 -5.86
C TRP B 38 26.08 12.77 -5.17
N TRP B 39 26.92 13.60 -5.78
CA TRP B 39 27.25 14.90 -5.21
C TRP B 39 26.11 15.86 -5.46
N ASN B 40 25.49 16.33 -4.38
CA ASN B 40 24.37 17.26 -4.43
C ASN B 40 24.93 18.68 -4.34
N GLY B 41 25.12 19.33 -5.49
CA GLY B 41 25.65 20.68 -5.49
C GLY B 41 24.67 21.66 -4.87
N GLN B 42 25.21 22.64 -4.15
CA GLN B 42 24.41 23.67 -3.50
C GLN B 42 25.06 25.02 -3.75
N ASP B 43 24.32 25.94 -4.37
CA ASP B 43 24.86 27.26 -4.66
C ASP B 43 25.18 28.00 -3.37
N PRO B 44 26.03 29.02 -3.43
CA PRO B 44 26.29 29.84 -2.24
C PRO B 44 25.01 30.47 -1.72
N GLY B 45 24.87 30.47 -0.40
CA GLY B 45 23.67 31.00 0.22
C GLY B 45 22.43 30.13 0.08
N LYS B 46 22.58 28.93 -0.47
CA LYS B 46 21.44 28.03 -0.68
C LYS B 46 21.72 26.65 -0.11
N GLY B 47 22.51 26.58 0.95
CA GLY B 47 22.86 25.31 1.56
C GLY B 47 22.17 25.07 2.89
N GLY B 48 21.07 25.78 3.11
CA GLY B 48 20.32 25.60 4.36
C GLY B 48 21.14 25.80 5.61
N GLY B 49 22.05 26.77 5.60
CA GLY B 49 22.87 27.06 6.75
C GLY B 49 24.30 26.59 6.66
N PHE B 50 24.62 25.73 5.68
CA PHE B 50 25.97 25.22 5.49
C PHE B 50 26.52 25.78 4.18
N HIS B 51 27.76 26.24 4.22
CA HIS B 51 28.37 26.90 3.06
C HIS B 51 29.62 26.14 2.62
N ASP B 52 29.45 24.89 2.20
CA ASP B 52 30.53 24.08 1.70
C ASP B 52 30.37 23.70 0.23
N GLY B 53 29.33 24.21 -0.45
CA GLY B 53 29.10 23.92 -1.83
C GLY B 53 28.17 22.75 -2.10
N GLY B 54 28.00 21.85 -1.13
CA GLY B 54 27.09 20.75 -1.32
C GLY B 54 27.43 19.60 -0.38
N PHE B 55 26.89 18.43 -0.69
CA PHE B 55 27.02 17.26 0.14
C PHE B 55 26.89 16.01 -0.72
N TRP B 56 27.27 14.88 -0.16
CA TRP B 56 27.11 13.59 -0.81
C TRP B 56 25.74 13.03 -0.46
N ALA B 57 24.94 12.72 -1.48
CA ALA B 57 23.61 12.16 -1.30
C ALA B 57 23.73 10.64 -1.17
N ILE B 58 23.42 10.12 0.02
CA ILE B 58 23.51 8.69 0.30
C ILE B 58 22.11 8.11 0.16
N THR B 59 21.96 7.18 -0.79
CA THR B 59 20.65 6.65 -1.16
C THR B 59 20.49 5.16 -0.95
N LYS B 60 21.57 4.43 -0.72
CA LYS B 60 21.50 2.98 -0.48
C LYS B 60 21.53 2.68 1.01
N LEU B 61 20.81 1.62 1.39
CA LEU B 61 20.67 1.29 2.81
C LEU B 61 22.00 0.85 3.41
N ASN B 62 22.72 -0.02 2.71
CA ASN B 62 23.99 -0.53 3.23
C ASN B 62 24.96 0.61 3.52
N ASP B 63 24.95 1.65 2.69
CA ASP B 63 25.82 2.79 2.91
C ASP B 63 25.39 3.62 4.11
N VAL B 64 24.08 3.68 4.38
CA VAL B 64 23.61 4.37 5.58
C VAL B 64 24.10 3.66 6.82
N LYS B 65 24.00 2.33 6.85
CA LYS B 65 24.48 1.57 8.00
C LYS B 65 25.99 1.71 8.15
N GLU B 66 26.72 1.79 7.03
CA GLU B 66 28.17 1.96 7.11
C GLU B 66 28.53 3.32 7.72
N ILE B 67 27.83 4.38 7.30
CA ILE B 67 28.11 5.70 7.84
C ILE B 67 27.69 5.78 9.30
N SER B 68 26.58 5.14 9.65
CA SER B 68 26.13 5.16 11.04
C SER B 68 27.05 4.34 11.92
N ARG B 69 27.50 3.18 11.44
CA ARG B 69 28.44 2.36 12.21
C ARG B 69 29.79 3.06 12.34
N HIS B 70 30.25 3.71 11.27
CA HIS B 70 31.58 4.32 11.24
C HIS B 70 31.51 5.77 11.75
N SER B 71 31.06 5.92 12.99
CA SER B 71 30.94 7.25 13.58
C SER B 71 32.31 7.87 13.84
N ASP B 72 33.34 7.04 14.04
CA ASP B 72 34.69 7.56 14.23
C ASP B 72 35.18 8.34 13.01
N VAL B 73 34.61 8.07 11.83
CA VAL B 73 34.97 8.81 10.63
C VAL B 73 33.89 9.81 10.24
N PHE B 74 32.62 9.46 10.46
CA PHE B 74 31.49 10.29 10.07
C PHE B 74 30.90 10.90 11.34
N SER B 75 31.14 12.20 11.53
CA SER B 75 30.91 12.88 12.79
C SER B 75 29.54 13.54 12.84
N SER B 76 28.90 13.46 13.99
CA SER B 76 27.67 14.22 14.25
C SER B 76 27.95 15.58 14.88
N TYR B 77 29.11 15.77 15.49
CA TYR B 77 29.40 17.04 16.17
C TYR B 77 29.89 18.10 15.19
N GLU B 78 30.72 17.71 14.22
CA GLU B 78 31.38 18.70 13.37
C GLU B 78 30.38 19.67 12.75
N ASN B 79 29.31 19.14 12.14
CA ASN B 79 28.31 19.98 11.49
C ASN B 79 26.89 19.63 11.90
N GLY B 80 26.72 18.86 12.97
CA GLY B 80 25.38 18.46 13.37
C GLY B 80 24.76 17.52 12.36
N VAL B 81 23.59 16.97 12.70
CA VAL B 81 22.96 15.94 11.88
C VAL B 81 21.79 16.48 11.06
N ILE B 82 21.29 17.67 11.38
CA ILE B 82 20.22 18.28 10.60
C ILE B 82 20.82 18.84 9.32
N PRO B 83 20.40 18.37 8.14
CA PRO B 83 21.01 18.83 6.88
C PRO B 83 20.38 20.05 6.24
N ARG B 84 19.44 20.72 6.90
CA ARG B 84 18.77 21.87 6.28
C ARG B 84 18.16 22.76 7.35
N PHE B 85 18.54 24.03 7.35
CA PHE B 85 17.89 25.09 8.09
C PHE B 85 17.46 26.17 7.09
N LYS B 86 17.09 27.34 7.60
CA LYS B 86 16.97 28.50 6.74
C LYS B 86 18.35 28.89 6.23
N ASN B 87 18.42 29.24 4.95
CA ASN B 87 19.71 29.54 4.33
C ASN B 87 20.51 30.56 5.15
N ASP B 88 19.82 31.51 5.78
CA ASP B 88 20.47 32.62 6.46
C ASP B 88 20.75 32.34 7.94
N ILE B 89 20.58 31.10 8.39
CA ILE B 89 20.77 30.81 9.80
C ILE B 89 22.22 31.09 10.19
N ALA B 90 22.40 31.70 11.36
CA ALA B 90 23.74 31.96 11.86
C ALA B 90 24.40 30.66 12.29
N ARG B 91 25.70 30.55 12.05
CA ARG B 91 26.45 29.36 12.47
C ARG B 91 26.21 29.06 13.94
N GLU B 92 26.38 30.08 14.80
CA GLU B 92 26.22 29.88 16.24
C GLU B 92 24.92 29.17 16.56
N ASP B 93 23.84 29.51 15.86
CA ASP B 93 22.56 28.85 16.08
C ASP B 93 22.62 27.37 15.72
N ILE B 94 23.56 26.98 14.85
CA ILE B 94 23.77 25.56 14.57
C ILE B 94 24.57 24.91 15.69
N GLU B 95 25.63 25.58 16.15
CA GLU B 95 26.52 24.98 17.13
C GLU B 95 25.81 24.71 18.45
N VAL B 96 24.85 25.58 18.83
CA VAL B 96 24.14 25.38 20.09
C VAL B 96 23.48 24.02 20.14
N GLN B 97 23.22 23.40 18.98
CA GLN B 97 22.63 22.07 18.95
C GLN B 97 23.61 21.00 19.44
N ARG B 98 24.90 21.31 19.50
CA ARG B 98 25.87 20.34 19.99
C ARG B 98 25.67 20.02 21.47
N PHE B 99 24.85 20.80 22.17
CA PHE B 99 24.61 20.57 23.59
C PHE B 99 23.60 19.46 23.86
N VAL B 100 23.09 18.80 22.81
CA VAL B 100 22.24 17.63 22.95
C VAL B 100 23.02 16.41 22.45
N MET B 101 22.75 15.26 23.09
CA MET B 101 23.48 14.04 22.79
C MET B 101 23.51 13.75 21.29
N LEU B 102 22.42 14.07 20.58
CA LEU B 102 22.31 13.70 19.18
C LEU B 102 23.47 14.24 18.35
N ASN B 103 23.98 15.42 18.69
CA ASN B 103 25.01 16.09 17.91
C ASN B 103 26.36 16.08 18.64
N MET B 104 26.66 14.99 19.32
CA MET B 104 27.93 14.81 20.01
C MET B 104 28.65 13.59 19.46
N ASP B 105 29.95 13.52 19.75
CA ASP B 105 30.77 12.36 19.43
C ASP B 105 31.43 11.85 20.71
N ALA B 106 32.08 10.70 20.59
CA ALA B 106 32.81 10.15 21.73
C ALA B 106 33.94 11.10 22.13
N PRO B 107 34.35 11.08 23.40
CA PRO B 107 33.82 10.28 24.51
C PRO B 107 32.58 10.92 25.14
N HIS B 108 32.39 12.21 24.90
CA HIS B 108 31.28 12.93 25.53
C HIS B 108 29.94 12.28 25.23
N HIS B 109 29.79 11.74 24.01
CA HIS B 109 28.54 11.05 23.66
C HIS B 109 28.42 9.72 24.39
N THR B 110 29.50 8.94 24.43
CA THR B 110 29.45 7.64 25.08
C THR B 110 29.03 7.76 26.53
N ARG B 111 29.61 8.73 27.24
CA ARG B 111 29.28 8.97 28.64
C ARG B 111 27.80 9.27 28.81
N LEU B 112 27.28 10.21 28.01
CA LEU B 112 25.90 10.65 28.20
C LEU B 112 24.91 9.56 27.85
N ARG B 113 25.13 8.84 26.74
CA ARG B 113 24.21 7.79 26.35
C ARG B 113 24.07 6.73 27.45
N LYS B 114 25.20 6.33 28.04
CA LYS B 114 25.15 5.39 29.15
C LYS B 114 24.27 5.90 30.28
N ILE B 115 24.48 7.15 30.68
CA ILE B 115 23.69 7.72 31.78
C ILE B 115 22.22 7.76 31.41
N ILE B 116 21.92 8.05 30.13
CA ILE B 116 20.54 8.23 29.71
C ILE B 116 19.83 6.91 29.43
N SER B 117 20.58 5.82 29.21
CA SER B 117 19.94 4.54 28.92
C SER B 117 18.96 4.13 30.02
N ARG B 118 19.20 4.57 31.25
CA ARG B 118 18.32 4.22 32.37
C ARG B 118 16.93 4.81 32.22
N GLY B 119 16.71 5.72 31.27
CA GLY B 119 15.40 6.30 31.05
C GLY B 119 14.57 5.52 30.05
N PHE B 120 15.23 4.77 29.17
CA PHE B 120 14.58 3.97 28.15
C PHE B 120 14.71 2.48 28.43
N THR B 121 15.03 2.14 29.66
CA THR B 121 15.12 0.74 30.08
C THR B 121 13.82 0.01 29.74
N PRO B 122 13.89 -1.24 29.26
CA PRO B 122 12.65 -1.97 28.96
C PRO B 122 11.60 -1.87 30.05
N ARG B 123 12.03 -1.70 31.30
CA ARG B 123 11.08 -1.41 32.37
C ARG B 123 10.45 -0.04 32.18
N ALA B 124 11.29 0.99 32.03
CA ALA B 124 10.77 2.35 31.82
C ALA B 124 9.75 2.38 30.68
N VAL B 125 10.11 1.77 29.55
CA VAL B 125 9.19 1.74 28.41
C VAL B 125 7.96 0.90 28.74
N GLY B 126 8.18 -0.31 29.26
CA GLY B 126 7.07 -1.22 29.51
C GLY B 126 6.13 -0.73 30.58
N ARG B 127 6.64 -0.03 31.60
CA ARG B 127 5.79 0.44 32.68
C ARG B 127 4.73 1.42 32.21
N LEU B 128 4.94 2.07 31.07
CA LEU B 128 4.02 3.07 30.57
C LEU B 128 2.92 2.49 29.68
N HIS B 129 3.02 1.21 29.29
CA HIS B 129 2.08 0.66 28.32
C HIS B 129 0.63 0.82 28.80
N ASP B 130 0.36 0.49 30.06
CA ASP B 130 -1.02 0.46 30.52
C ASP B 130 -1.65 1.85 30.48
N GLU B 131 -0.91 2.87 30.92
CA GLU B 131 -1.48 4.22 30.90
C GLU B 131 -1.62 4.74 29.47
N LEU B 132 -0.64 4.47 28.60
CA LEU B 132 -0.74 4.93 27.23
C LEU B 132 -1.83 4.19 26.48
N GLN B 133 -1.99 2.90 26.76
CA GLN B 133 -3.12 2.16 26.20
C GLN B 133 -4.45 2.80 26.59
N GLU B 134 -4.58 3.17 27.87
CA GLU B 134 -5.80 3.80 28.33
C GLU B 134 -6.08 5.09 27.59
N ARG B 135 -5.04 5.89 27.34
CA ARG B 135 -5.25 7.17 26.69
C ARG B 135 -5.43 7.04 25.18
N ALA B 136 -4.71 6.09 24.56
CA ALA B 136 -4.93 5.83 23.14
C ALA B 136 -6.38 5.50 22.88
N GLN B 137 -6.95 4.61 23.70
CA GLN B 137 -8.38 4.29 23.57
C GLN B 137 -9.24 5.52 23.79
N LYS B 138 -8.87 6.36 24.76
CA LYS B 138 -9.61 7.59 25.00
C LYS B 138 -9.51 8.52 23.79
N ILE B 139 -8.29 8.70 23.27
CA ILE B 139 -8.11 9.54 22.08
C ILE B 139 -8.96 9.02 20.93
N ALA B 140 -8.83 7.72 20.62
CA ALA B 140 -9.62 7.15 19.53
C ALA B 140 -11.11 7.31 19.77
N ALA B 141 -11.56 7.06 21.00
CA ALA B 141 -12.98 7.21 21.32
C ALA B 141 -13.43 8.65 21.11
N GLU B 142 -12.64 9.62 21.57
CA GLU B 142 -13.02 11.02 21.39
C GLU B 142 -13.09 11.38 19.92
N ALA B 143 -12.10 10.97 19.13
CA ALA B 143 -12.12 11.24 17.71
C ALA B 143 -13.37 10.65 17.06
N ALA B 144 -13.76 9.43 17.47
CA ALA B 144 -14.93 8.80 16.89
C ALA B 144 -16.20 9.58 17.21
N ALA B 145 -16.32 10.09 18.43
CA ALA B 145 -17.49 10.88 18.80
C ALA B 145 -17.59 12.14 17.92
N ALA B 146 -16.46 12.79 17.65
CA ALA B 146 -16.46 13.95 16.79
C ALA B 146 -16.96 13.62 15.39
N GLY B 147 -16.78 12.38 14.95
CA GLY B 147 -17.27 11.94 13.65
C GLY B 147 -16.32 12.23 12.51
N SER B 148 -15.66 13.38 12.54
CA SER B 148 -14.70 13.76 11.51
C SER B 148 -13.90 14.95 12.03
N GLY B 149 -12.75 15.16 11.42
CA GLY B 149 -11.90 16.28 11.81
C GLY B 149 -10.49 16.09 11.27
N ASP B 150 -9.57 16.87 11.84
CA ASP B 150 -8.17 16.76 11.46
C ASP B 150 -7.57 15.55 12.15
N PHE B 151 -7.24 14.53 11.36
CA PHE B 151 -6.65 13.31 11.93
C PHE B 151 -5.36 13.62 12.67
N VAL B 152 -4.55 14.52 12.13
CA VAL B 152 -3.26 14.83 12.74
C VAL B 152 -3.46 15.32 14.17
N GLU B 153 -4.46 16.17 14.39
CA GLU B 153 -4.63 16.77 15.71
C GLU B 153 -5.41 15.86 16.67
N GLN B 154 -6.38 15.12 16.16
CA GLN B 154 -7.28 14.35 17.03
C GLN B 154 -6.83 12.92 17.27
N VAL B 155 -5.79 12.43 16.58
CA VAL B 155 -5.38 11.04 16.73
C VAL B 155 -3.86 10.93 16.84
N SER B 156 -3.13 11.69 16.02
CA SER B 156 -1.68 11.54 15.97
C SER B 156 -0.95 12.34 17.04
N CYS B 157 -1.47 13.51 17.40
CA CYS B 157 -0.66 14.49 18.13
C CYS B 157 -0.46 14.11 19.59
N GLU B 158 -1.52 13.70 20.28
CA GLU B 158 -1.48 13.70 21.74
C GLU B 158 -0.66 12.54 22.31
N LEU B 159 -0.91 11.31 21.85
CA LEU B 159 -0.31 10.16 22.52
C LEU B 159 1.22 10.24 22.55
N PRO B 160 1.91 10.58 21.46
CA PRO B 160 3.37 10.72 21.56
C PRO B 160 3.79 11.69 22.66
N LEU B 161 3.06 12.79 22.81
CA LEU B 161 3.41 13.77 23.84
C LEU B 161 3.19 13.20 25.23
N GLN B 162 2.07 12.49 25.43
CA GLN B 162 1.80 11.87 26.72
C GLN B 162 2.79 10.76 27.04
N ALA B 163 3.42 10.18 26.03
CA ALA B 163 4.49 9.22 26.28
C ALA B 163 5.70 9.90 26.90
N ILE B 164 6.07 11.08 26.39
CA ILE B 164 7.17 11.82 26.98
C ILE B 164 6.81 12.29 28.38
N ALA B 165 5.61 12.88 28.53
CA ALA B 165 5.20 13.37 29.84
C ALA B 165 5.08 12.22 30.84
N GLY B 166 4.56 11.08 30.39
CA GLY B 166 4.55 9.91 31.26
C GLY B 166 5.94 9.44 31.61
N LEU B 167 6.85 9.44 30.63
CA LEU B 167 8.21 8.99 30.87
C LEU B 167 8.93 9.89 31.87
N LEU B 168 8.84 11.21 31.67
CA LEU B 168 9.51 12.16 32.54
C LEU B 168 8.72 12.44 33.81
N GLY B 169 7.57 11.82 34.00
CA GLY B 169 6.79 12.02 35.21
C GLY B 169 6.27 13.43 35.38
N VAL B 170 5.82 14.05 34.30
CA VAL B 170 5.34 15.43 34.37
C VAL B 170 3.91 15.43 34.89
N PRO B 171 3.58 16.28 35.87
CA PRO B 171 2.19 16.33 36.35
C PRO B 171 1.22 16.87 35.30
N GLN B 172 -0.03 16.42 35.40
CA GLN B 172 -1.04 16.77 34.41
C GLN B 172 -1.24 18.27 34.32
N GLU B 173 -1.10 18.99 35.44
CA GLU B 173 -1.33 20.43 35.44
C GLU B 173 -0.30 21.19 34.61
N ASP B 174 0.86 20.58 34.34
CA ASP B 174 1.90 21.19 33.52
C ASP B 174 1.96 20.62 32.12
N ARG B 175 1.27 19.52 31.85
CA ARG B 175 1.35 18.90 30.53
C ARG B 175 0.80 19.81 29.45
N GLY B 176 -0.18 20.64 29.79
CA GLY B 176 -0.70 21.61 28.83
C GLY B 176 0.38 22.52 28.31
N LYS B 177 1.10 23.20 29.21
CA LYS B 177 2.14 24.12 28.77
C LYS B 177 3.32 23.38 28.14
N LEU B 178 3.72 22.24 28.71
CA LEU B 178 4.86 21.51 28.18
C LEU B 178 4.62 21.09 26.74
N PHE B 179 3.42 20.59 26.44
CA PHE B 179 3.11 20.21 25.06
C PHE B 179 3.24 21.41 24.13
N HIS B 180 2.78 22.58 24.58
CA HIS B 180 2.81 23.76 23.73
C HIS B 180 4.25 24.13 23.36
N TRP B 181 5.14 24.19 24.35
CA TRP B 181 6.52 24.55 24.07
C TRP B 181 7.16 23.58 23.08
N SER B 182 6.91 22.28 23.27
CA SER B 182 7.45 21.28 22.33
C SER B 182 6.97 21.55 20.91
N ASN B 183 5.66 21.67 20.73
CA ASN B 183 5.12 21.91 19.39
C ASN B 183 5.72 23.16 18.76
N GLU B 184 6.04 24.18 19.57
CA GLU B 184 6.55 25.43 19.03
C GLU B 184 7.94 25.28 18.41
N MET B 185 8.69 24.24 18.77
CA MET B 185 10.02 24.01 18.22
C MET B 185 9.97 23.14 16.97
N THR B 186 8.87 23.14 16.24
CA THR B 186 8.70 22.26 15.09
C THR B 186 8.17 23.06 13.90
N GLY B 187 8.40 22.49 12.71
CA GLY B 187 7.90 23.12 11.50
C GLY B 187 8.24 24.58 11.38
N ASN B 188 9.44 24.97 11.82
CA ASN B 188 9.79 26.38 11.88
C ASN B 188 9.98 26.99 10.50
N GLU B 189 10.31 26.19 9.49
CA GLU B 189 10.52 26.67 8.14
C GLU B 189 9.25 26.65 7.29
N ASP B 190 8.09 26.39 7.90
CA ASP B 190 6.83 26.30 7.18
C ASP B 190 6.02 27.58 7.36
N PRO B 191 5.42 28.11 6.29
CA PRO B 191 4.67 29.37 6.42
C PRO B 191 3.61 29.34 7.50
N GLU B 192 3.01 28.19 7.78
CA GLU B 192 2.00 28.11 8.82
C GLU B 192 2.56 28.45 10.20
N TYR B 193 3.88 28.36 10.38
CA TYR B 193 4.51 28.57 11.68
C TYR B 193 5.60 29.63 11.64
N ALA B 194 5.58 30.52 10.64
CA ALA B 194 6.61 31.55 10.54
C ALA B 194 6.62 32.48 11.75
N HIS B 195 5.45 32.67 12.37
CA HIS B 195 5.31 33.50 13.56
C HIS B 195 5.86 32.81 14.81
N ILE B 196 5.60 31.51 14.96
CA ILE B 196 6.00 30.79 16.16
C ILE B 196 7.47 31.09 16.43
N ASP B 197 7.82 31.22 17.72
CA ASP B 197 9.20 31.47 18.11
C ASP B 197 9.76 30.25 18.84
N PRO B 198 10.63 29.45 18.21
CA PRO B 198 11.08 28.23 18.88
C PRO B 198 12.04 28.50 20.02
N LYS B 199 12.98 29.42 19.83
CA LYS B 199 13.96 29.72 20.87
C LYS B 199 13.30 30.17 22.16
N ALA B 200 12.08 30.73 22.09
CA ALA B 200 11.38 31.13 23.30
C ALA B 200 10.79 29.93 24.02
N SER B 201 10.27 28.96 23.27
CA SER B 201 9.73 27.76 23.89
C SER B 201 10.83 26.87 24.43
N SER B 202 11.95 26.76 23.71
CA SER B 202 13.05 25.95 24.18
C SER B 202 13.64 26.48 25.48
N ALA B 203 13.63 27.81 25.66
CA ALA B 203 14.08 28.38 26.93
C ALA B 203 13.11 28.05 28.06
N GLU B 204 11.82 27.90 27.73
CA GLU B 204 10.85 27.50 28.75
C GLU B 204 11.00 26.03 29.12
N LEU B 205 11.26 25.17 28.13
CA LEU B 205 11.47 23.75 28.42
C LEU B 205 12.71 23.56 29.28
N ILE B 206 13.78 24.28 28.99
CA ILE B 206 15.00 24.17 29.80
C ILE B 206 14.74 24.69 31.21
N GLY B 207 13.93 25.73 31.34
CA GLY B 207 13.64 26.27 32.66
C GLY B 207 12.78 25.33 33.49
N TYR B 208 11.64 24.91 32.94
CA TYR B 208 10.82 23.91 33.61
C TYR B 208 11.63 22.67 33.93
N ALA B 209 12.57 22.30 33.05
CA ALA B 209 13.41 21.14 33.30
C ALA B 209 14.20 21.30 34.60
N MET B 210 14.76 22.50 34.83
CA MET B 210 15.48 22.73 36.08
C MET B 210 14.53 22.74 37.27
N LYS B 211 13.26 23.14 37.05
CA LYS B 211 12.28 23.07 38.13
C LYS B 211 12.14 21.66 38.66
N MET B 212 11.88 20.69 37.78
CA MET B 212 11.64 19.33 38.24
C MET B 212 12.93 18.67 38.72
N ALA B 213 14.06 18.96 38.07
CA ALA B 213 15.33 18.37 38.50
C ALA B 213 15.65 18.75 39.93
N GLU B 214 15.68 20.05 40.23
CA GLU B 214 15.96 20.50 41.58
C GLU B 214 14.89 20.01 42.56
N GLU B 215 13.63 19.92 42.10
CA GLU B 215 12.58 19.40 42.97
C GLU B 215 12.81 17.92 43.28
N LYS B 216 13.00 17.10 42.25
CA LYS B 216 13.27 15.69 42.47
C LYS B 216 14.54 15.49 43.29
N ALA B 217 15.47 16.44 43.22
CA ALA B 217 16.67 16.35 44.05
C ALA B 217 16.31 16.27 45.53
N LYS B 218 15.24 16.96 45.93
CA LYS B 218 14.71 16.82 47.28
C LYS B 218 13.26 16.35 47.20
N ASN B 219 13.01 15.31 46.41
CA ASN B 219 11.65 14.81 46.20
C ASN B 219 10.96 14.52 47.52
N ASP B 222 10.58 6.96 42.85
CA ASP B 222 10.75 5.95 41.81
C ASP B 222 10.38 6.52 40.44
N ASP B 223 11.05 7.61 40.08
CA ASP B 223 10.86 8.26 38.78
C ASP B 223 12.13 8.11 37.96
N ILE B 224 12.05 8.55 36.70
CA ILE B 224 13.20 8.48 35.82
C ILE B 224 14.11 9.69 36.01
N VAL B 225 13.55 10.83 36.42
CA VAL B 225 14.38 12.00 36.72
C VAL B 225 15.32 11.70 37.88
N THR B 226 14.80 11.05 38.92
CA THR B 226 15.63 10.73 40.07
C THR B 226 16.78 9.80 39.69
N GLN B 227 16.58 8.95 38.67
CA GLN B 227 17.63 8.03 38.27
C GLN B 227 18.74 8.74 37.50
N LEU B 228 18.43 9.85 36.84
CA LEU B 228 19.41 10.58 36.05
C LEU B 228 20.22 11.57 36.87
N ILE B 229 19.84 11.82 38.12
CA ILE B 229 20.59 12.71 39.00
C ILE B 229 21.14 11.91 40.18
N GLU B 236 28.04 7.57 38.01
CA GLU B 236 27.98 8.80 37.22
C GLU B 236 26.56 9.34 37.15
N LYS B 237 26.43 10.64 36.90
CA LYS B 237 25.13 11.29 36.86
C LYS B 237 25.21 12.52 35.97
N LEU B 238 24.04 13.04 35.60
CA LEU B 238 23.95 14.21 34.74
C LEU B 238 24.08 15.49 35.56
N SER B 239 24.63 16.53 34.93
CA SER B 239 24.72 17.83 35.55
C SER B 239 23.41 18.59 35.39
N ASP B 240 23.30 19.70 36.10
CA ASP B 240 22.14 20.59 35.94
C ASP B 240 21.94 20.94 34.48
N ASP B 241 23.03 21.38 33.82
CA ASP B 241 22.97 21.68 32.39
C ASP B 241 22.55 20.46 31.58
N GLU B 242 23.35 19.39 31.64
CA GLU B 242 23.14 18.24 30.77
C GLU B 242 21.70 17.75 30.79
N PHE B 243 21.09 17.72 31.97
CA PHE B 243 19.70 17.26 32.07
C PHE B 243 18.75 18.22 31.37
N GLY B 244 18.98 19.53 31.51
CA GLY B 244 18.12 20.49 30.83
C GLY B 244 18.07 20.25 29.33
N PHE B 245 19.22 20.03 28.71
CA PHE B 245 19.25 19.74 27.29
C PHE B 245 18.76 18.33 26.98
N PHE B 246 18.76 17.44 27.96
CA PHE B 246 18.14 16.13 27.78
C PHE B 246 16.64 16.27 27.56
N VAL B 247 15.96 17.00 28.46
CA VAL B 247 14.51 17.12 28.38
C VAL B 247 14.09 17.77 27.07
N VAL B 248 14.75 18.87 26.69
CA VAL B 248 14.46 19.50 25.41
C VAL B 248 14.56 18.48 24.29
N MET B 249 15.66 17.72 24.28
CA MET B 249 15.85 16.70 23.25
C MET B 249 14.75 15.65 23.31
N LEU B 250 14.36 15.25 24.52
CA LEU B 250 13.24 14.32 24.67
C LEU B 250 11.94 14.96 24.19
N ALA B 251 11.63 16.16 24.70
CA ALA B 251 10.43 16.86 24.29
C ALA B 251 10.35 17.01 22.78
N VAL B 252 11.49 17.25 22.13
CA VAL B 252 11.50 17.45 20.68
C VAL B 252 11.55 16.11 19.96
N ALA B 253 12.44 15.21 20.39
CA ALA B 253 12.66 13.99 19.64
C ALA B 253 11.45 13.07 19.66
N GLY B 254 10.67 13.09 20.73
CA GLY B 254 9.54 12.19 20.88
C GLY B 254 8.22 12.72 20.37
N ASN B 255 8.20 13.88 19.72
CA ASN B 255 6.95 14.50 19.31
C ASN B 255 6.62 14.20 17.86
N GLU B 256 7.17 15.01 16.93
CA GLU B 256 6.67 14.99 15.56
C GLU B 256 6.88 13.64 14.89
N THR B 257 8.06 13.04 15.08
CA THR B 257 8.40 11.84 14.32
C THR B 257 7.40 10.71 14.57
N THR B 258 7.00 10.52 15.83
CA THR B 258 5.98 9.52 16.13
C THR B 258 4.63 9.96 15.58
N ARG B 259 4.24 11.22 15.81
CA ARG B 259 3.02 11.76 15.23
C ARG B 259 2.96 11.51 13.74
N ASN B 260 4.05 11.81 13.03
CA ASN B 260 4.06 11.63 11.58
C ASN B 260 4.04 10.15 11.19
N SER B 261 4.54 9.28 12.06
CA SER B 261 4.37 7.85 11.81
C SER B 261 2.89 7.48 11.80
N ILE B 262 2.12 8.02 12.75
CA ILE B 262 0.72 7.64 12.86
C ILE B 262 -0.07 8.15 11.66
N THR B 263 0.10 9.43 11.32
CA THR B 263 -0.64 9.99 10.19
C THR B 263 -0.36 9.19 8.91
N GLN B 264 0.92 9.02 8.58
CA GLN B 264 1.26 8.38 7.31
C GLN B 264 1.01 6.89 7.36
N GLY B 265 1.06 6.29 8.54
CA GLY B 265 0.58 4.91 8.68
C GLY B 265 -0.89 4.79 8.34
N MET B 266 -1.70 5.74 8.81
CA MET B 266 -3.12 5.72 8.45
C MET B 266 -3.31 6.08 6.98
N MET B 267 -2.56 7.06 6.48
CA MET B 267 -2.54 7.28 5.04
C MET B 267 -2.23 5.98 4.31
N ALA B 268 -1.23 5.25 4.79
CA ALA B 268 -0.90 3.95 4.19
C ALA B 268 -2.09 3.02 4.23
N PHE B 269 -2.76 2.92 5.38
CA PHE B 269 -3.91 2.03 5.49
C PHE B 269 -5.05 2.46 4.59
N ALA B 270 -5.26 3.77 4.45
CA ALA B 270 -6.35 4.26 3.61
C ALA B 270 -6.13 3.88 2.15
N GLU B 271 -4.87 3.96 1.68
CA GLU B 271 -4.57 3.64 0.29
C GLU B 271 -4.46 2.14 0.04
N HIS B 272 -4.30 1.33 1.08
CA HIS B 272 -4.19 -0.12 0.96
C HIS B 272 -5.22 -0.77 1.88
N PRO B 273 -6.50 -0.63 1.55
CA PRO B 273 -7.55 -1.21 2.44
C PRO B 273 -7.41 -2.70 2.65
N ASP B 274 -6.74 -3.42 1.74
CA ASP B 274 -6.47 -4.83 2.00
C ASP B 274 -5.63 -4.99 3.26
N GLN B 275 -4.64 -4.10 3.44
CA GLN B 275 -3.80 -4.17 4.63
C GLN B 275 -4.56 -3.77 5.88
N TRP B 276 -5.50 -2.81 5.75
CA TRP B 276 -6.27 -2.38 6.91
C TRP B 276 -7.18 -3.51 7.41
N GLU B 277 -7.84 -4.21 6.49
CA GLU B 277 -8.68 -5.33 6.89
C GLU B 277 -7.85 -6.41 7.58
N LEU B 278 -6.66 -6.68 7.06
CA LEU B 278 -5.77 -7.63 7.72
C LEU B 278 -5.35 -7.13 9.09
N TYR B 279 -4.99 -5.85 9.20
CA TYR B 279 -4.57 -5.32 10.50
C TYR B 279 -5.69 -5.47 11.53
N LYS B 280 -6.90 -5.05 11.17
CA LYS B 280 -7.99 -5.08 12.15
C LYS B 280 -8.23 -6.48 12.68
N LYS B 281 -8.01 -7.50 11.85
CA LYS B 281 -8.25 -8.87 12.29
C LYS B 281 -7.08 -9.42 13.09
N VAL B 282 -5.85 -9.23 12.59
CA VAL B 282 -4.68 -9.88 13.16
C VAL B 282 -3.92 -8.99 14.14
N ARG B 283 -4.03 -7.67 14.02
CA ARG B 283 -3.30 -6.74 14.86
C ARG B 283 -1.82 -7.15 14.98
N PRO B 284 -1.12 -7.27 13.86
CA PRO B 284 0.28 -7.71 13.93
C PRO B 284 1.16 -6.68 14.62
N GLU B 285 2.03 -7.18 15.51
CA GLU B 285 3.03 -6.31 16.12
C GLU B 285 4.10 -5.88 15.14
N THR B 286 4.25 -6.62 14.02
CA THR B 286 5.12 -6.21 12.93
C THR B 286 4.63 -4.94 12.25
N ALA B 287 3.39 -4.53 12.49
CA ALA B 287 2.83 -3.39 11.79
C ALA B 287 3.63 -2.12 12.07
N ALA B 288 4.04 -1.91 13.32
CA ALA B 288 4.73 -0.69 13.68
C ALA B 288 5.96 -0.47 12.82
N ASP B 289 6.77 -1.52 12.59
CA ASP B 289 8.00 -1.34 11.82
C ASP B 289 7.71 -1.06 10.35
N GLU B 290 6.66 -1.66 9.80
CA GLU B 290 6.30 -1.33 8.42
C GLU B 290 5.76 0.08 8.32
N ILE B 291 5.04 0.54 9.34
CA ILE B 291 4.55 1.92 9.33
C ILE B 291 5.73 2.89 9.40
N VAL B 292 6.74 2.58 10.21
CA VAL B 292 7.89 3.47 10.31
C VAL B 292 8.71 3.44 9.03
N ARG B 293 8.86 2.26 8.43
CA ARG B 293 9.52 2.20 7.12
C ARG B 293 8.75 3.02 6.09
N TRP B 294 7.43 2.85 6.06
CA TRP B 294 6.62 3.58 5.09
C TRP B 294 6.60 5.08 5.40
N ALA B 295 6.55 5.43 6.68
CA ALA B 295 6.44 6.83 7.07
C ALA B 295 7.78 7.55 7.02
N THR B 296 8.89 6.85 7.26
CA THR B 296 10.23 7.43 7.40
C THR B 296 10.12 8.86 7.91
N PRO B 297 9.65 9.06 9.14
CA PRO B 297 9.41 10.44 9.61
C PRO B 297 10.61 11.35 9.44
N VAL B 298 11.82 10.82 9.57
CA VAL B 298 13.04 11.59 9.35
C VAL B 298 13.54 11.25 7.96
N THR B 299 13.37 12.19 7.02
CA THR B 299 13.82 11.92 5.65
C THR B 299 15.33 11.71 5.60
N ALA B 300 16.09 12.45 6.39
CA ALA B 300 17.54 12.32 6.33
C ALA B 300 18.21 12.95 7.53
N PHE B 301 19.31 12.33 7.96
CA PHE B 301 20.30 12.94 8.85
C PHE B 301 21.65 12.92 8.14
N GLN B 302 22.54 13.82 8.56
CA GLN B 302 23.84 13.96 7.93
C GLN B 302 24.96 13.67 8.91
N ARG B 303 26.16 13.51 8.34
CA ARG B 303 27.39 13.34 9.09
C ARG B 303 28.50 14.12 8.40
N THR B 304 29.65 14.21 9.05
CA THR B 304 30.80 14.91 8.50
C THR B 304 32.02 14.00 8.56
N ALA B 305 32.66 13.79 7.40
CA ALA B 305 33.84 12.95 7.34
C ALA B 305 35.00 13.63 8.07
N LEU B 306 35.53 12.95 9.09
CA LEU B 306 36.69 13.47 9.81
C LEU B 306 37.99 13.20 9.07
N ARG B 307 38.00 12.22 8.16
CA ARG B 307 39.17 11.92 7.34
C ARG B 307 38.69 11.49 5.96
N ASP B 308 39.65 11.33 5.05
CA ASP B 308 39.33 10.84 3.71
C ASP B 308 38.90 9.38 3.80
N TYR B 309 37.68 9.10 3.32
CA TYR B 309 37.07 7.79 3.47
C TYR B 309 36.49 7.37 2.13
N GLU B 310 36.78 6.13 1.72
CA GLU B 310 36.22 5.57 0.50
C GLU B 310 34.96 4.78 0.86
N LEU B 311 33.83 5.17 0.27
CA LEU B 311 32.54 4.54 0.52
C LEU B 311 31.97 4.05 -0.79
N SER B 312 31.89 2.73 -0.96
CA SER B 312 31.36 2.11 -2.17
C SER B 312 32.03 2.69 -3.42
N GLY B 313 33.36 2.73 -3.39
CA GLY B 313 34.12 3.19 -4.53
C GLY B 313 34.11 4.69 -4.75
N VAL B 314 33.55 5.46 -3.82
CA VAL B 314 33.46 6.91 -3.94
C VAL B 314 34.34 7.52 -2.85
N GLN B 315 35.22 8.44 -3.25
CA GLN B 315 36.19 9.03 -2.34
C GLN B 315 35.55 10.21 -1.61
N ILE B 316 35.28 10.03 -0.32
CA ILE B 316 34.81 11.11 0.54
C ILE B 316 36.03 11.81 1.12
N LYS B 317 36.04 13.14 1.07
CA LYS B 317 37.18 13.91 1.54
C LYS B 317 36.93 14.44 2.94
N LYS B 318 38.02 14.70 3.66
CA LYS B 318 37.94 15.27 5.00
C LYS B 318 37.13 16.56 4.98
N GLY B 319 36.18 16.66 5.90
CA GLY B 319 35.37 17.85 6.05
C GLY B 319 34.11 17.90 5.21
N GLN B 320 33.87 16.92 4.36
CA GLN B 320 32.69 16.91 3.52
C GLN B 320 31.51 16.28 4.26
N ARG B 321 30.33 16.80 3.99
CA ARG B 321 29.11 16.28 4.58
C ARG B 321 28.56 15.12 3.77
N VAL B 322 27.98 14.15 4.47
CA VAL B 322 27.23 13.06 3.85
C VAL B 322 25.83 13.08 4.44
N VAL B 323 24.82 13.01 3.57
CA VAL B 323 23.43 13.12 3.99
C VAL B 323 22.79 11.74 3.76
N MET B 324 22.40 11.10 4.86
CA MET B 324 21.81 9.76 4.81
C MET B 324 20.31 9.90 4.54
N PHE B 325 19.89 9.56 3.33
CA PHE B 325 18.49 9.70 2.92
C PHE B 325 17.76 8.43 3.31
N TYR B 326 17.28 8.40 4.56
CA TYR B 326 16.53 7.24 5.05
C TYR B 326 15.30 6.97 4.20
N ARG B 327 14.72 8.02 3.60
CA ARG B 327 13.56 7.83 2.74
C ARG B 327 13.90 7.00 1.50
N SER B 328 15.13 7.14 0.99
CA SER B 328 15.56 6.31 -0.13
C SER B 328 15.96 4.92 0.34
N ALA B 329 16.74 4.84 1.42
CA ALA B 329 17.25 3.56 1.88
C ALA B 329 16.11 2.61 2.24
N ASN B 330 15.02 3.13 2.80
CA ASN B 330 13.91 2.29 3.21
C ASN B 330 13.08 1.79 2.04
N PHE B 331 13.44 2.15 0.80
CA PHE B 331 12.84 1.58 -0.40
C PHE B 331 13.93 1.05 -1.33
N ASP B 332 15.08 0.69 -0.76
CA ASP B 332 16.16 0.06 -1.49
C ASP B 332 15.70 -1.27 -2.08
N GLU B 333 15.72 -1.38 -3.41
CA GLU B 333 15.23 -2.58 -4.07
C GLU B 333 16.10 -3.80 -3.80
N GLU B 334 17.37 -3.60 -3.42
CA GLU B 334 18.27 -4.70 -3.15
C GLU B 334 18.17 -5.23 -1.73
N VAL B 335 17.57 -4.46 -0.83
CA VAL B 335 17.33 -4.88 0.54
C VAL B 335 15.94 -5.46 0.72
N PHE B 336 14.94 -4.80 0.14
CA PHE B 336 13.55 -5.20 0.27
C PHE B 336 13.06 -5.72 -1.08
N GLN B 337 12.59 -6.96 -1.09
CA GLN B 337 11.68 -7.38 -2.15
C GLN B 337 10.45 -6.48 -2.11
N ASP B 338 9.92 -6.17 -3.29
CA ASP B 338 8.77 -5.28 -3.46
C ASP B 338 8.77 -4.16 -2.42
N PRO B 339 9.77 -3.26 -2.46
CA PRO B 339 9.82 -2.18 -1.45
C PRO B 339 8.63 -1.26 -1.46
N PHE B 340 7.90 -1.16 -2.57
CA PHE B 340 6.75 -0.27 -2.68
C PHE B 340 5.45 -0.96 -2.28
N THR B 341 5.53 -2.17 -1.74
CA THR B 341 4.37 -2.82 -1.14
C THR B 341 4.32 -2.50 0.35
N PHE B 342 3.18 -1.98 0.79
CA PHE B 342 2.92 -1.77 2.21
C PHE B 342 2.47 -3.11 2.80
N ASN B 343 3.34 -3.74 3.59
CA ASN B 343 3.10 -5.08 4.13
C ASN B 343 3.29 -5.06 5.63
N ILE B 344 2.17 -5.06 6.38
CA ILE B 344 2.24 -5.01 7.83
C ILE B 344 2.79 -6.29 8.45
N LEU B 345 2.94 -7.35 7.65
CA LEU B 345 3.52 -8.60 8.12
C LEU B 345 5.01 -8.72 7.79
N ARG B 346 5.57 -7.76 7.06
CA ARG B 346 6.98 -7.79 6.69
C ARG B 346 7.84 -8.16 7.89
N ASN B 347 8.65 -9.20 7.74
CA ASN B 347 9.46 -9.72 8.84
C ASN B 347 10.56 -10.63 8.30
N PRO B 348 11.84 -10.31 8.54
CA PRO B 348 12.35 -9.14 9.27
C PRO B 348 12.12 -7.87 8.45
N ASN B 349 12.38 -6.72 9.05
CA ASN B 349 12.20 -5.42 8.39
C ASN B 349 13.42 -4.57 8.72
N PRO B 350 14.51 -4.75 7.99
CA PRO B 350 15.76 -4.06 8.35
C PRO B 350 15.76 -2.60 7.95
N HIS B 351 14.65 -1.90 8.20
CA HIS B 351 14.53 -0.51 7.83
C HIS B 351 15.40 0.37 8.73
N VAL B 352 15.75 1.54 8.20
CA VAL B 352 16.58 2.50 8.92
C VAL B 352 15.76 3.73 9.34
N GLY B 353 14.43 3.58 9.43
CA GLY B 353 13.61 4.67 9.92
C GLY B 353 14.07 5.20 11.26
N PHE B 354 14.67 4.34 12.08
CA PHE B 354 15.29 4.74 13.34
C PHE B 354 16.77 5.00 13.20
N GLY B 355 17.27 5.13 11.97
CA GLY B 355 18.68 5.31 11.73
C GLY B 355 19.41 3.98 11.58
N GLY B 356 20.58 4.06 10.96
CA GLY B 356 21.41 2.88 10.85
C GLY B 356 21.92 2.41 12.20
N THR B 357 22.31 1.15 12.25
CA THR B 357 22.88 0.58 13.47
C THR B 357 24.20 1.27 13.79
N GLY B 358 24.28 1.87 14.96
CA GLY B 358 25.49 2.58 15.35
C GLY B 358 25.33 3.20 16.71
N ALA B 359 26.27 4.09 17.03
CA ALA B 359 26.28 4.74 18.34
C ALA B 359 25.07 5.66 18.54
N HIS B 360 24.46 6.14 17.46
CA HIS B 360 23.37 7.10 17.55
C HIS B 360 22.00 6.49 17.22
N TYR B 361 21.91 5.15 17.15
CA TYR B 361 20.63 4.52 16.90
C TYR B 361 19.58 5.04 17.88
N CYS B 362 18.33 5.10 17.42
CA CYS B 362 17.27 5.75 18.19
C CYS B 362 17.01 5.02 19.50
N ILE B 363 17.26 5.72 20.61
CA ILE B 363 16.98 5.15 21.92
C ILE B 363 15.50 5.11 22.23
N GLY B 364 14.66 5.76 21.43
CA GLY B 364 13.23 5.75 21.59
C GLY B 364 12.47 4.87 20.63
N ALA B 365 13.16 4.00 19.89
CA ALA B 365 12.48 3.14 18.92
C ALA B 365 11.39 2.31 19.59
N ASN B 366 11.69 1.70 20.72
CA ASN B 366 10.71 0.86 21.41
C ASN B 366 9.54 1.70 21.91
N LEU B 367 9.83 2.88 22.45
CA LEU B 367 8.75 3.77 22.89
C LEU B 367 7.87 4.17 21.72
N ALA B 368 8.47 4.47 20.57
CA ALA B 368 7.68 4.82 19.39
C ALA B 368 6.88 3.63 18.90
N ARG B 369 7.51 2.45 18.79
CA ARG B 369 6.80 1.26 18.35
C ARG B 369 5.58 1.02 19.22
N MET B 370 5.77 1.04 20.55
CA MET B 370 4.65 0.87 21.46
C MET B 370 3.59 1.95 21.22
N THR B 371 4.02 3.21 21.13
CA THR B 371 3.08 4.28 20.82
C THR B 371 2.31 3.98 19.54
N ILE B 372 3.01 3.56 18.50
CA ILE B 372 2.35 3.29 17.22
C ILE B 372 1.37 2.13 17.34
N ASN B 373 1.81 1.02 17.95
CA ASN B 373 0.95 -0.14 18.07
C ASN B 373 -0.32 0.20 18.86
N LEU B 374 -0.19 1.02 19.90
CA LEU B 374 -1.32 1.26 20.80
C LEU B 374 -2.38 2.14 20.14
N ILE B 375 -1.98 3.18 19.41
CA ILE B 375 -2.96 4.07 18.80
C ILE B 375 -3.69 3.36 17.66
N PHE B 376 -2.98 2.57 16.87
CA PHE B 376 -3.63 1.90 15.76
C PHE B 376 -4.55 0.78 16.24
N ASN B 377 -4.21 0.12 17.34
CA ASN B 377 -5.16 -0.79 17.97
C ASN B 377 -6.41 -0.03 18.41
N ALA B 378 -6.22 1.15 19.00
CA ALA B 378 -7.36 1.96 19.42
C ALA B 378 -8.15 2.46 18.22
N VAL B 379 -7.46 2.82 17.13
CA VAL B 379 -8.16 3.26 15.93
C VAL B 379 -8.99 2.13 15.36
N ALA B 380 -8.41 0.93 15.28
CA ALA B 380 -9.17 -0.23 14.81
C ALA B 380 -10.32 -0.55 15.76
N ASP B 381 -10.17 -0.27 17.05
CA ASP B 381 -11.21 -0.60 18.02
C ASP B 381 -12.43 0.31 17.86
N HIS B 382 -12.19 1.60 17.65
CA HIS B 382 -13.26 2.60 17.74
C HIS B 382 -13.68 3.19 16.41
N MET B 383 -12.86 3.08 15.37
CA MET B 383 -13.14 3.76 14.11
C MET B 383 -12.65 2.90 12.95
N PRO B 384 -13.17 1.67 12.81
CA PRO B 384 -12.65 0.77 11.77
C PRO B 384 -13.01 1.18 10.36
N ASP B 385 -14.05 2.00 10.17
CA ASP B 385 -14.48 2.42 8.84
C ASP B 385 -13.98 3.81 8.48
N LEU B 386 -12.94 4.29 9.17
CA LEU B 386 -12.35 5.59 8.89
C LEU B 386 -12.00 5.75 7.41
N LYS B 387 -12.38 6.90 6.84
CA LYS B 387 -12.08 7.21 5.44
C LYS B 387 -11.54 8.64 5.33
N PRO B 388 -10.60 8.88 4.42
CA PRO B 388 -10.11 10.26 4.24
C PRO B 388 -11.14 11.15 3.58
N ILE B 389 -11.14 12.42 3.98
CA ILE B 389 -11.97 13.43 3.34
C ILE B 389 -11.22 14.14 2.21
N SER B 390 -10.02 14.64 2.51
CA SER B 390 -9.24 15.40 1.54
C SER B 390 -7.77 15.03 1.67
N ALA B 391 -6.96 15.58 0.76
CA ALA B 391 -5.55 15.24 0.71
C ALA B 391 -4.83 15.77 1.94
N PRO B 392 -3.73 15.13 2.34
CA PRO B 392 -2.95 15.66 3.46
C PRO B 392 -2.20 16.93 3.08
N GLU B 393 -2.04 17.82 4.05
CA GLU B 393 -1.18 18.99 3.91
C GLU B 393 0.20 18.67 4.45
N ARG B 394 1.20 18.72 3.59
CA ARG B 394 2.55 18.36 3.97
C ARG B 394 3.28 19.54 4.62
N LEU B 395 4.35 19.23 5.34
CA LEU B 395 5.15 20.23 6.03
C LEU B 395 6.33 20.66 5.17
N ARG B 396 6.56 21.97 5.11
CA ARG B 396 7.73 22.51 4.43
C ARG B 396 8.96 22.27 5.29
N SER B 397 9.79 21.30 4.89
CA SER B 397 11.01 20.98 5.61
C SER B 397 11.95 20.24 4.66
N GLY B 398 13.24 20.49 4.79
CA GLY B 398 14.23 19.84 3.96
C GLY B 398 14.78 18.55 4.53
N TRP B 399 14.24 18.07 5.65
CA TRP B 399 14.80 16.88 6.29
C TRP B 399 13.75 16.12 7.10
N LEU B 400 12.76 16.83 7.61
CA LEU B 400 11.68 16.20 8.36
C LEU B 400 10.50 15.94 7.43
N ASN B 401 9.96 14.73 7.49
CA ASN B 401 8.80 14.33 6.68
C ASN B 401 7.56 14.51 7.54
N GLY B 402 6.82 15.60 7.29
CA GLY B 402 5.73 16.00 8.16
C GLY B 402 4.41 16.08 7.43
N ILE B 403 3.34 15.81 8.17
CA ILE B 403 1.97 16.05 7.72
C ILE B 403 1.33 16.98 8.74
N LYS B 404 0.98 18.20 8.31
CA LYS B 404 0.41 19.18 9.23
C LYS B 404 -1.06 18.91 9.50
N HIS B 405 -1.82 18.57 8.47
CA HIS B 405 -3.26 18.42 8.60
C HIS B 405 -3.74 17.35 7.63
N TRP B 406 -4.83 16.67 8.02
CA TRP B 406 -5.41 15.64 7.17
C TRP B 406 -6.84 15.39 7.63
N GLN B 407 -7.82 15.80 6.81
CA GLN B 407 -9.22 15.65 7.16
C GLN B 407 -9.69 14.24 6.84
N VAL B 408 -10.27 13.57 7.84
CA VAL B 408 -10.79 12.22 7.67
C VAL B 408 -12.16 12.13 8.32
N ASP B 409 -13.00 11.26 7.77
CA ASP B 409 -14.30 10.94 8.34
C ASP B 409 -14.15 9.68 9.18
N TYR B 410 -14.43 9.81 10.48
CA TYR B 410 -14.13 8.73 11.42
C TYR B 410 -15.18 7.62 11.36
N THR B 411 -16.45 7.97 11.22
CA THR B 411 -17.51 6.97 11.18
C THR B 411 -17.63 6.30 9.82
N GLY B 412 -17.06 6.90 8.78
CA GLY B 412 -17.08 6.32 7.46
C GLY B 412 -18.25 6.71 6.59
N ARG B 413 -19.22 7.45 7.13
CA ARG B 413 -20.41 7.86 6.40
C ARG B 413 -20.92 6.77 5.45
N SER C 4 12.37 -2.02 -19.20
CA SER C 4 11.22 -1.40 -18.56
C SER C 4 11.64 -0.22 -17.70
N PRO C 5 10.73 0.73 -17.47
CA PRO C 5 11.09 1.94 -16.74
C PRO C 5 11.01 1.75 -15.23
N ASN C 6 11.85 2.51 -14.52
CA ASN C 6 11.98 2.40 -13.07
C ASN C 6 10.83 3.14 -12.41
N LEU C 7 9.66 2.51 -12.43
CA LEU C 7 8.47 3.05 -11.78
C LEU C 7 7.95 2.05 -10.75
N PRO C 8 7.23 2.52 -9.73
CA PRO C 8 6.64 1.58 -8.79
C PRO C 8 5.58 0.73 -9.48
N PRO C 9 5.42 -0.52 -9.08
CA PRO C 9 4.41 -1.36 -9.74
C PRO C 9 3.03 -0.72 -9.68
N GLY C 10 2.32 -0.78 -10.81
CA GLY C 10 0.97 -0.28 -10.89
C GLY C 10 0.82 1.21 -11.09
N PHE C 11 1.91 1.94 -11.35
CA PHE C 11 1.83 3.39 -11.50
C PHE C 11 0.90 3.75 -12.66
N ASP C 12 0.01 4.71 -12.43
CA ASP C 12 -0.93 5.19 -13.43
C ASP C 12 -0.78 6.69 -13.59
N PHE C 13 -0.38 7.12 -14.80
CA PHE C 13 -0.15 8.54 -15.07
C PHE C 13 -1.43 9.34 -15.23
N THR C 14 -2.61 8.73 -15.08
CA THR C 14 -3.88 9.45 -15.03
C THR C 14 -4.52 9.37 -13.65
N ASP C 15 -3.85 8.76 -12.68
CA ASP C 15 -4.37 8.62 -11.32
C ASP C 15 -4.62 10.01 -10.74
N PRO C 16 -5.87 10.39 -10.51
CA PRO C 16 -6.13 11.75 -9.99
C PRO C 16 -5.45 12.01 -8.66
N ALA C 17 -5.12 10.97 -7.89
CA ALA C 17 -4.49 11.18 -6.59
C ALA C 17 -3.09 11.75 -6.75
N ILE C 18 -2.41 11.44 -7.85
CA ILE C 18 -1.08 11.99 -8.08
C ILE C 18 -1.15 13.50 -8.29
N TYR C 19 -2.09 13.95 -9.11
CA TYR C 19 -2.13 15.36 -9.50
C TYR C 19 -2.72 16.25 -8.41
N ALA C 20 -3.47 15.69 -7.46
CA ALA C 20 -3.86 16.47 -6.30
C ALA C 20 -2.68 16.83 -5.43
N GLU C 21 -1.59 16.06 -5.52
CA GLU C 21 -0.38 16.31 -4.75
C GLU C 21 0.73 16.95 -5.58
N ARG C 22 1.00 16.41 -6.78
CA ARG C 22 2.19 16.82 -7.52
C ARG C 22 2.01 16.55 -9.01
N LEU C 23 2.83 17.22 -9.81
CA LEU C 23 3.03 16.84 -11.20
C LEU C 23 4.15 15.81 -11.27
N PRO C 24 3.92 14.63 -11.86
CA PRO C 24 4.94 13.56 -11.82
C PRO C 24 6.07 13.81 -12.82
N VAL C 25 6.81 14.89 -12.59
CA VAL C 25 7.87 15.29 -13.53
C VAL C 25 8.89 14.17 -13.68
N ALA C 26 9.45 13.71 -12.56
CA ALA C 26 10.49 12.69 -12.62
C ALA C 26 9.99 11.42 -13.26
N GLU C 27 8.76 11.00 -12.93
CA GLU C 27 8.19 9.81 -13.54
C GLU C 27 8.00 10.01 -15.04
N PHE C 28 7.59 11.20 -15.45
CA PHE C 28 7.53 11.50 -16.88
C PHE C 28 8.92 11.46 -17.51
N ALA C 29 9.92 12.00 -16.80
CA ALA C 29 11.27 12.00 -17.33
C ALA C 29 11.81 10.59 -17.48
N GLU C 30 11.50 9.71 -16.52
CA GLU C 30 11.96 8.32 -16.62
C GLU C 30 11.39 7.62 -17.84
N LEU C 31 10.14 7.94 -18.21
CA LEU C 31 9.56 7.32 -19.39
C LEU C 31 10.27 7.79 -20.66
N ARG C 32 10.39 9.11 -20.85
CA ARG C 32 11.11 9.63 -22.01
C ARG C 32 12.49 8.99 -22.14
N SER C 33 13.09 8.59 -21.02
CA SER C 33 14.44 8.03 -21.06
C SER C 33 14.42 6.55 -21.40
N ALA C 34 13.60 5.76 -20.69
CA ALA C 34 13.64 4.31 -20.78
C ALA C 34 12.50 3.71 -21.58
N ALA C 35 11.39 4.41 -21.73
CA ALA C 35 10.24 3.87 -22.45
C ALA C 35 9.36 5.01 -22.96
N PRO C 36 9.75 5.69 -24.04
CA PRO C 36 8.98 6.87 -24.46
C PRO C 36 7.52 6.56 -24.74
N ILE C 37 7.25 5.39 -25.33
CA ILE C 37 5.89 4.88 -25.50
C ILE C 37 5.78 3.65 -24.62
N TRP C 38 4.90 3.71 -23.62
CA TRP C 38 4.83 2.69 -22.59
C TRP C 38 3.38 2.36 -22.32
N TRP C 39 3.07 1.07 -22.24
CA TRP C 39 1.70 0.66 -21.96
C TRP C 39 1.38 0.91 -20.49
N ASN C 40 0.30 1.65 -20.23
CA ASN C 40 -0.11 2.02 -18.88
C ASN C 40 -1.25 1.10 -18.47
N GLY C 41 -0.89 0.01 -17.79
CA GLY C 41 -1.90 -0.95 -17.36
C GLY C 41 -2.81 -0.35 -16.31
N GLN C 42 -4.12 -0.56 -16.49
CA GLN C 42 -5.12 -0.12 -15.52
C GLN C 42 -5.95 -1.32 -15.07
N ASP C 43 -6.29 -1.35 -13.79
CA ASP C 43 -7.03 -2.46 -13.22
C ASP C 43 -8.50 -2.38 -13.62
N PRO C 44 -9.21 -3.50 -13.55
CA PRO C 44 -10.65 -3.48 -13.86
C PRO C 44 -11.39 -2.51 -12.95
N GLY C 45 -12.24 -1.68 -13.55
CA GLY C 45 -12.96 -0.68 -12.78
C GLY C 45 -12.11 0.46 -12.27
N LYS C 46 -10.85 0.54 -12.69
CA LYS C 46 -9.95 1.62 -12.31
C LYS C 46 -9.42 2.37 -13.53
N GLY C 47 -10.18 2.33 -14.63
CA GLY C 47 -9.76 2.99 -15.86
C GLY C 47 -10.41 4.34 -16.08
N GLY C 48 -10.90 4.96 -15.01
CA GLY C 48 -11.49 6.29 -15.12
C GLY C 48 -12.64 6.37 -16.10
N GLY C 49 -13.49 5.35 -16.14
CA GLY C 49 -14.62 5.31 -17.04
C GLY C 49 -14.42 4.43 -18.26
N PHE C 50 -13.19 4.00 -18.52
CA PHE C 50 -12.87 3.12 -19.63
C PHE C 50 -12.45 1.76 -19.10
N HIS C 51 -12.80 0.71 -19.85
CA HIS C 51 -12.65 -0.67 -19.40
C HIS C 51 -11.95 -1.50 -20.46
N ASP C 52 -10.92 -0.93 -21.08
CA ASP C 52 -10.14 -1.61 -22.10
C ASP C 52 -8.79 -2.09 -21.57
N GLY C 53 -8.57 -2.04 -20.26
CA GLY C 53 -7.35 -2.54 -19.67
C GLY C 53 -6.20 -1.56 -19.62
N GLY C 54 -6.24 -0.47 -20.37
CA GLY C 54 -5.21 0.53 -20.27
C GLY C 54 -5.06 1.33 -21.55
N PHE C 55 -3.98 2.10 -21.60
CA PHE C 55 -3.68 3.00 -22.70
C PHE C 55 -2.17 3.04 -22.91
N TRP C 56 -1.75 3.72 -23.97
CA TRP C 56 -0.35 3.94 -24.27
C TRP C 56 0.04 5.34 -23.80
N ALA C 57 1.03 5.41 -22.92
CA ALA C 57 1.54 6.69 -22.45
C ALA C 57 2.45 7.29 -23.52
N ILE C 58 2.03 8.41 -24.09
CA ILE C 58 2.82 9.14 -25.08
C ILE C 58 3.51 10.29 -24.36
N THR C 59 4.83 10.29 -24.39
CA THR C 59 5.64 11.22 -23.60
C THR C 59 6.54 12.11 -24.43
N LYS C 60 6.78 11.78 -25.70
CA LYS C 60 7.67 12.56 -26.56
C LYS C 60 6.87 13.53 -27.40
N LEU C 61 7.45 14.71 -27.64
CA LEU C 61 6.75 15.75 -28.38
C LEU C 61 6.47 15.31 -29.81
N ASN C 62 7.49 14.81 -30.52
CA ASN C 62 7.30 14.39 -31.89
C ASN C 62 6.18 13.35 -32.01
N ASP C 63 6.12 12.42 -31.05
CA ASP C 63 5.03 11.44 -31.05
C ASP C 63 3.68 12.11 -30.86
N VAL C 64 3.60 13.03 -29.90
CA VAL C 64 2.35 13.76 -29.67
C VAL C 64 1.93 14.49 -30.95
N LYS C 65 2.88 15.16 -31.60
CA LYS C 65 2.56 15.90 -32.82
C LYS C 65 2.13 14.95 -33.94
N GLU C 66 2.80 13.80 -34.07
CA GLU C 66 2.46 12.86 -35.13
C GLU C 66 1.02 12.35 -34.95
N ILE C 67 0.63 12.04 -33.71
CA ILE C 67 -0.74 11.61 -33.47
C ILE C 67 -1.71 12.73 -33.80
N SER C 68 -1.40 13.95 -33.35
CA SER C 68 -2.26 15.09 -33.67
C SER C 68 -2.29 15.36 -35.17
N ARG C 69 -1.19 15.06 -35.87
CA ARG C 69 -1.17 15.21 -37.32
C ARG C 69 -2.07 14.18 -37.98
N HIS C 70 -1.98 12.92 -37.57
CA HIS C 70 -2.74 11.84 -38.17
C HIS C 70 -4.06 11.63 -37.42
N SER C 71 -4.91 12.66 -37.49
CA SER C 71 -6.25 12.53 -36.94
C SER C 71 -7.09 11.55 -37.73
N ASP C 72 -6.74 11.30 -39.00
CA ASP C 72 -7.47 10.31 -39.78
C ASP C 72 -7.34 8.91 -39.20
N VAL C 73 -6.33 8.67 -38.37
CA VAL C 73 -6.16 7.38 -37.70
C VAL C 73 -6.57 7.47 -36.24
N PHE C 74 -5.99 8.40 -35.49
CA PHE C 74 -6.21 8.52 -34.07
C PHE C 74 -7.42 9.43 -33.84
N SER C 75 -8.53 8.84 -33.39
CA SER C 75 -9.81 9.52 -33.34
C SER C 75 -10.06 10.12 -31.97
N SER C 76 -10.83 11.20 -31.97
CA SER C 76 -11.33 11.81 -30.73
C SER C 76 -12.74 11.35 -30.39
N TYR C 77 -13.53 10.97 -31.40
CA TYR C 77 -14.94 10.67 -31.18
C TYR C 77 -15.14 9.36 -30.45
N GLU C 78 -14.38 8.32 -30.81
CA GLU C 78 -14.67 6.97 -30.33
C GLU C 78 -14.77 6.91 -28.81
N ASN C 79 -13.84 7.55 -28.11
CA ASN C 79 -13.83 7.53 -26.64
C ASN C 79 -13.67 8.92 -26.04
N GLY C 80 -13.77 9.97 -26.84
CA GLY C 80 -13.52 11.31 -26.35
C GLY C 80 -12.05 11.54 -26.07
N VAL C 81 -11.67 12.81 -25.86
CA VAL C 81 -10.27 13.13 -25.61
C VAL C 81 -9.94 13.20 -24.13
N ILE C 82 -10.94 13.23 -23.25
CA ILE C 82 -10.69 13.25 -21.82
C ILE C 82 -10.29 11.84 -21.38
N PRO C 83 -9.09 11.66 -20.80
CA PRO C 83 -8.63 10.32 -20.45
C PRO C 83 -9.01 9.82 -19.06
N ARG C 84 -9.74 10.61 -18.26
CA ARG C 84 -10.04 10.20 -16.90
C ARG C 84 -11.33 10.85 -16.42
N PHE C 85 -12.27 10.03 -15.99
CA PHE C 85 -13.48 10.46 -15.30
C PHE C 85 -13.56 9.73 -13.96
N LYS C 86 -14.67 9.93 -13.24
CA LYS C 86 -14.96 9.08 -12.10
C LYS C 86 -15.04 7.63 -12.57
N ASN C 87 -14.46 6.73 -11.77
CA ASN C 87 -14.37 5.33 -12.20
C ASN C 87 -15.74 4.74 -12.52
N ASP C 88 -16.79 5.18 -11.81
CA ASP C 88 -18.12 4.61 -11.93
C ASP C 88 -18.99 5.36 -12.94
N ILE C 89 -18.40 6.16 -13.82
CA ILE C 89 -19.18 6.93 -14.78
C ILE C 89 -19.83 6.00 -15.79
N ALA C 90 -21.12 6.20 -16.04
CA ALA C 90 -21.79 5.44 -17.08
C ALA C 90 -21.20 5.78 -18.45
N ARG C 91 -21.23 4.80 -19.34
CA ARG C 91 -20.69 5.01 -20.69
C ARG C 91 -21.40 6.16 -21.39
N GLU C 92 -22.70 6.30 -21.17
CA GLU C 92 -23.48 7.29 -21.89
C GLU C 92 -23.10 8.72 -21.50
N ASP C 93 -22.55 8.91 -20.30
CA ASP C 93 -22.05 10.22 -19.91
C ASP C 93 -20.73 10.55 -20.60
N ILE C 94 -20.05 9.54 -21.15
CA ILE C 94 -18.87 9.79 -21.99
C ILE C 94 -19.28 10.03 -23.44
N GLU C 95 -20.22 9.23 -23.95
CA GLU C 95 -20.69 9.43 -25.32
C GLU C 95 -21.41 10.76 -25.46
N VAL C 96 -22.00 11.28 -24.39
CA VAL C 96 -22.71 12.55 -24.46
C VAL C 96 -21.74 13.70 -24.74
N GLN C 97 -20.45 13.52 -24.45
CA GLN C 97 -19.46 14.55 -24.73
C GLN C 97 -19.07 14.61 -26.20
N ARG C 98 -19.66 13.78 -27.05
CA ARG C 98 -19.41 13.83 -28.48
C ARG C 98 -20.21 14.93 -29.17
N PHE C 99 -20.89 15.79 -28.42
CA PHE C 99 -21.66 16.89 -28.99
C PHE C 99 -20.86 18.19 -29.08
N VAL C 100 -19.63 18.22 -28.56
CA VAL C 100 -18.74 19.38 -28.69
C VAL C 100 -17.66 19.03 -29.69
N MET C 101 -17.21 20.05 -30.45
CA MET C 101 -16.26 19.82 -31.54
C MET C 101 -15.05 19.02 -31.09
N LEU C 102 -14.62 19.19 -29.84
CA LEU C 102 -13.38 18.58 -29.39
C LEU C 102 -13.41 17.06 -29.53
N ASN C 103 -14.60 16.45 -29.48
CA ASN C 103 -14.75 15.01 -29.55
C ASN C 103 -15.50 14.57 -30.80
N MET C 104 -15.33 15.29 -31.90
CA MET C 104 -15.90 14.91 -33.18
C MET C 104 -14.76 14.62 -34.17
N ASP C 105 -15.03 13.73 -35.10
CA ASP C 105 -14.12 13.46 -36.20
C ASP C 105 -14.73 13.94 -37.51
N ALA C 106 -13.88 14.09 -38.51
CA ALA C 106 -14.33 14.50 -39.83
C ALA C 106 -15.43 13.55 -40.32
N PRO C 107 -16.38 14.03 -41.14
CA PRO C 107 -16.51 15.40 -41.66
C PRO C 107 -17.25 16.31 -40.69
N HIS C 108 -17.81 15.74 -39.62
CA HIS C 108 -18.59 16.53 -38.67
C HIS C 108 -17.77 17.68 -38.11
N HIS C 109 -16.57 17.38 -37.60
CA HIS C 109 -15.76 18.40 -36.95
C HIS C 109 -15.30 19.47 -37.93
N THR C 110 -15.00 19.09 -39.17
CA THR C 110 -14.53 20.06 -40.16
C THR C 110 -15.57 21.15 -40.39
N ARG C 111 -16.85 20.78 -40.43
CA ARG C 111 -17.89 21.75 -40.73
C ARG C 111 -18.07 22.74 -39.57
N LEU C 112 -17.93 22.27 -38.34
CA LEU C 112 -18.15 23.18 -37.21
C LEU C 112 -16.96 24.10 -37.00
N ARG C 113 -15.74 23.58 -37.15
CA ARG C 113 -14.55 24.40 -36.89
C ARG C 113 -14.50 25.60 -37.82
N LYS C 114 -14.83 25.42 -39.10
CA LYS C 114 -14.82 26.54 -40.03
C LYS C 114 -15.85 27.59 -39.66
N ILE C 115 -16.98 27.17 -39.10
CA ILE C 115 -17.98 28.14 -38.64
C ILE C 115 -17.53 28.80 -37.35
N ILE C 116 -17.15 28.00 -36.36
CA ILE C 116 -16.74 28.55 -35.08
C ILE C 116 -15.49 29.41 -35.22
N SER C 117 -14.60 29.05 -36.14
CA SER C 117 -13.37 29.81 -36.32
C SER C 117 -13.65 31.29 -36.54
N ARG C 118 -14.77 31.62 -37.19
CA ARG C 118 -15.06 33.01 -37.51
C ARG C 118 -15.08 33.89 -36.28
N GLY C 119 -15.52 33.37 -35.14
CA GLY C 119 -15.55 34.12 -33.91
C GLY C 119 -14.26 34.12 -33.12
N PHE C 120 -13.19 33.53 -33.67
CA PHE C 120 -11.91 33.47 -32.99
C PHE C 120 -10.77 33.96 -33.88
N THR C 121 -11.09 34.72 -34.93
CA THR C 121 -10.06 35.28 -35.78
C THR C 121 -9.16 36.21 -34.97
N PRO C 122 -7.95 36.46 -35.44
CA PRO C 122 -7.12 37.50 -34.79
C PRO C 122 -7.87 38.80 -34.61
N ARG C 123 -8.71 39.17 -35.58
CA ARG C 123 -9.46 40.42 -35.48
C ARG C 123 -10.57 40.32 -34.45
N ALA C 124 -11.36 39.23 -34.48
CA ALA C 124 -12.43 39.07 -33.51
C ALA C 124 -11.88 39.08 -32.09
N VAL C 125 -10.71 38.48 -31.88
CA VAL C 125 -10.08 38.49 -30.57
C VAL C 125 -9.61 39.90 -30.20
N GLY C 126 -9.05 40.63 -31.18
CA GLY C 126 -8.58 41.97 -30.90
C GLY C 126 -9.69 42.93 -30.50
N ARG C 127 -10.90 42.68 -30.99
CA ARG C 127 -12.05 43.50 -30.61
C ARG C 127 -12.25 43.51 -29.10
N LEU C 128 -11.86 42.44 -28.41
CA LEU C 128 -12.00 42.35 -26.97
C LEU C 128 -10.83 42.94 -26.19
N HIS C 129 -9.74 43.31 -26.88
CA HIS C 129 -8.54 43.78 -26.19
C HIS C 129 -8.87 44.89 -25.19
N ASP C 130 -9.53 45.95 -25.65
CA ASP C 130 -9.76 47.11 -24.81
C ASP C 130 -10.50 46.74 -23.53
N GLU C 131 -11.69 46.15 -23.66
CA GLU C 131 -12.49 45.84 -22.49
C GLU C 131 -11.77 44.89 -21.54
N LEU C 132 -10.97 43.97 -22.07
CA LEU C 132 -10.23 43.05 -21.21
C LEU C 132 -9.01 43.71 -20.61
N GLN C 133 -8.44 44.71 -21.30
CA GLN C 133 -7.35 45.49 -20.71
C GLN C 133 -7.85 46.28 -19.51
N GLU C 134 -8.94 47.03 -19.68
CA GLU C 134 -9.53 47.76 -18.57
C GLU C 134 -9.82 46.84 -17.39
N ARG C 135 -10.38 45.66 -17.66
CA ARG C 135 -10.75 44.75 -16.59
C ARG C 135 -9.51 44.17 -15.90
N ALA C 136 -8.50 43.78 -16.68
CA ALA C 136 -7.29 43.24 -16.07
C ALA C 136 -6.64 44.26 -15.15
N GLN C 137 -6.61 45.53 -15.58
CA GLN C 137 -6.07 46.58 -14.71
C GLN C 137 -6.89 46.70 -13.44
N LYS C 138 -8.22 46.70 -13.55
CA LYS C 138 -9.06 46.81 -12.37
C LYS C 138 -8.90 45.59 -11.47
N ILE C 139 -8.79 44.40 -12.07
CA ILE C 139 -8.58 43.19 -11.28
C ILE C 139 -7.29 43.30 -10.49
N ALA C 140 -6.20 43.68 -11.16
CA ALA C 140 -4.91 43.76 -10.48
C ALA C 140 -4.93 44.86 -9.42
N ALA C 141 -5.56 46.00 -9.72
CA ALA C 141 -5.59 47.09 -8.76
C ALA C 141 -6.37 46.72 -7.51
N GLU C 142 -7.53 46.06 -7.68
CA GLU C 142 -8.33 45.69 -6.52
C GLU C 142 -7.62 44.65 -5.65
N ALA C 143 -6.94 43.69 -6.29
CA ALA C 143 -6.21 42.68 -5.53
C ALA C 143 -5.03 43.32 -4.79
N ALA C 144 -4.25 44.15 -5.49
CA ALA C 144 -3.17 44.86 -4.83
C ALA C 144 -3.68 45.70 -3.65
N ALA C 145 -4.90 46.22 -3.75
CA ALA C 145 -5.46 47.00 -2.67
C ALA C 145 -5.86 46.12 -1.49
N ALA C 146 -6.23 44.86 -1.74
CA ALA C 146 -6.57 43.95 -0.67
C ALA C 146 -5.34 43.51 0.14
N GLY C 147 -4.14 43.90 -0.28
CA GLY C 147 -2.93 43.55 0.45
C GLY C 147 -2.50 42.11 0.27
N SER C 148 -3.40 41.17 0.46
CA SER C 148 -3.10 39.76 0.33
C SER C 148 -4.39 39.01 0.06
N GLY C 149 -4.24 37.75 -0.37
CA GLY C 149 -5.39 36.91 -0.60
C GLY C 149 -5.03 35.73 -1.48
N ASP C 150 -6.08 35.08 -1.99
CA ASP C 150 -5.92 33.93 -2.87
C ASP C 150 -5.74 34.43 -4.30
N PHE C 151 -4.50 34.38 -4.78
CA PHE C 151 -4.20 34.82 -6.14
C PHE C 151 -5.10 34.13 -7.16
N VAL C 152 -5.49 32.88 -6.89
CA VAL C 152 -6.33 32.15 -7.84
C VAL C 152 -7.66 32.87 -8.04
N GLU C 153 -8.31 33.24 -6.93
CA GLU C 153 -9.65 33.83 -7.03
C GLU C 153 -9.61 35.33 -7.30
N GLN C 154 -8.59 36.02 -6.80
CA GLN C 154 -8.54 37.47 -6.91
C GLN C 154 -7.88 37.96 -8.20
N VAL C 155 -7.15 37.09 -8.91
CA VAL C 155 -6.39 37.52 -10.07
C VAL C 155 -6.64 36.62 -11.27
N SER C 156 -6.61 35.31 -11.06
CA SER C 156 -6.61 34.36 -12.16
C SER C 156 -8.00 34.00 -12.66
N CYS C 157 -9.01 34.05 -11.79
CA CYS C 157 -10.30 33.47 -12.10
C CYS C 157 -11.12 34.33 -13.06
N GLU C 158 -11.19 35.63 -12.80
CA GLU C 158 -12.25 36.43 -13.43
C GLU C 158 -11.97 36.72 -14.90
N LEU C 159 -10.72 37.03 -15.26
CA LEU C 159 -10.46 37.52 -16.61
C LEU C 159 -10.80 36.49 -17.67
N PRO C 160 -10.42 35.22 -17.55
CA PRO C 160 -10.86 34.24 -18.56
C PRO C 160 -12.37 34.19 -18.70
N LEU C 161 -13.10 34.34 -17.59
CA LEU C 161 -14.56 34.29 -17.66
C LEU C 161 -15.11 35.55 -18.34
N GLN C 162 -14.49 36.70 -18.11
CA GLN C 162 -14.91 37.91 -18.80
C GLN C 162 -14.60 37.84 -20.29
N ALA C 163 -13.58 37.07 -20.67
CA ALA C 163 -13.29 36.89 -22.09
C ALA C 163 -14.39 36.09 -22.78
N ILE C 164 -14.87 35.03 -22.11
CA ILE C 164 -15.97 34.25 -22.65
C ILE C 164 -17.21 35.10 -22.78
N ALA C 165 -17.49 35.93 -21.77
CA ALA C 165 -18.72 36.71 -21.77
C ALA C 165 -18.69 37.83 -22.81
N GLY C 166 -17.55 38.52 -22.92
CA GLY C 166 -17.44 39.56 -23.93
C GLY C 166 -17.50 39.01 -25.33
N LEU C 167 -16.82 37.88 -25.57
CA LEU C 167 -16.91 37.21 -26.86
C LEU C 167 -18.37 36.93 -27.22
N LEU C 168 -19.15 36.47 -26.25
CA LEU C 168 -20.53 36.09 -26.49
C LEU C 168 -21.51 37.26 -26.37
N GLY C 169 -21.08 38.39 -25.84
CA GLY C 169 -21.99 39.51 -25.65
C GLY C 169 -22.98 39.31 -24.54
N VAL C 170 -22.62 38.53 -23.51
CA VAL C 170 -23.51 38.26 -22.39
C VAL C 170 -23.73 39.55 -21.62
N PRO C 171 -24.96 40.07 -21.53
CA PRO C 171 -25.19 41.29 -20.76
C PRO C 171 -24.69 41.13 -19.33
N GLN C 172 -24.42 42.27 -18.68
CA GLN C 172 -23.81 42.24 -17.36
C GLN C 172 -24.72 41.56 -16.34
N GLU C 173 -26.04 41.64 -16.52
CA GLU C 173 -26.96 40.99 -15.59
C GLU C 173 -26.64 39.50 -15.45
N ASP C 174 -26.37 38.84 -16.56
CA ASP C 174 -26.32 37.38 -16.61
C ASP C 174 -24.92 36.81 -16.43
N ARG C 175 -23.88 37.63 -16.48
CA ARG C 175 -22.53 37.09 -16.35
C ARG C 175 -22.33 36.40 -15.01
N GLY C 176 -23.04 36.85 -13.97
CA GLY C 176 -22.96 36.18 -12.69
C GLY C 176 -23.39 34.72 -12.79
N LYS C 177 -24.58 34.49 -13.35
CA LYS C 177 -25.05 33.11 -13.46
C LYS C 177 -24.31 32.33 -14.54
N LEU C 178 -23.89 33.00 -15.61
CA LEU C 178 -23.05 32.35 -16.61
C LEU C 178 -21.76 31.83 -15.98
N PHE C 179 -21.04 32.70 -15.27
CA PHE C 179 -19.83 32.26 -14.58
C PHE C 179 -20.12 31.11 -13.63
N HIS C 180 -21.30 31.14 -13.00
CA HIS C 180 -21.62 30.11 -12.01
C HIS C 180 -21.79 28.75 -12.68
N TRP C 181 -22.49 28.69 -13.81
CA TRP C 181 -22.65 27.41 -14.49
C TRP C 181 -21.33 26.94 -15.08
N SER C 182 -20.54 27.86 -15.62
CA SER C 182 -19.23 27.48 -16.14
C SER C 182 -18.38 26.84 -15.06
N ASN C 183 -18.46 27.37 -13.83
CA ASN C 183 -17.71 26.78 -12.71
C ASN C 183 -18.40 25.54 -12.17
N GLU C 184 -19.73 25.46 -12.27
CA GLU C 184 -20.48 24.28 -11.83
C GLU C 184 -20.18 23.05 -12.68
N MET C 185 -19.24 23.16 -13.62
CA MET C 185 -18.77 22.03 -14.39
C MET C 185 -17.25 21.89 -14.31
N THR C 186 -16.68 22.22 -13.14
CA THR C 186 -15.25 22.23 -12.96
C THR C 186 -14.88 21.57 -11.64
N GLY C 187 -13.71 20.93 -11.62
CA GLY C 187 -13.16 20.37 -10.40
C GLY C 187 -14.09 19.41 -9.69
N ASN C 188 -14.82 18.60 -10.44
CA ASN C 188 -15.85 17.73 -9.88
C ASN C 188 -15.31 16.36 -9.47
N GLU C 189 -14.01 16.12 -9.66
CA GLU C 189 -13.33 14.99 -9.04
C GLU C 189 -12.54 15.40 -7.81
N ASP C 190 -12.52 16.70 -7.48
CA ASP C 190 -11.85 17.19 -6.28
C ASP C 190 -12.83 17.31 -5.12
N PRO C 191 -12.46 16.86 -3.92
CA PRO C 191 -13.45 16.82 -2.83
C PRO C 191 -13.96 18.19 -2.44
N GLU C 192 -13.18 19.24 -2.68
CA GLU C 192 -13.64 20.59 -2.38
C GLU C 192 -14.93 20.91 -3.12
N TYR C 193 -15.11 20.35 -4.33
CA TYR C 193 -16.32 20.60 -5.11
C TYR C 193 -17.08 19.30 -5.36
N ALA C 194 -17.43 18.59 -4.28
CA ALA C 194 -18.13 17.32 -4.41
C ALA C 194 -19.64 17.49 -4.54
N HIS C 195 -20.18 18.63 -4.11
CA HIS C 195 -21.62 18.89 -4.21
C HIS C 195 -22.05 19.47 -5.54
N ILE C 196 -21.09 19.85 -6.40
CA ILE C 196 -21.41 20.43 -7.69
C ILE C 196 -22.06 19.38 -8.59
N ASP C 197 -23.01 19.81 -9.42
CA ASP C 197 -23.77 18.93 -10.29
C ASP C 197 -23.60 19.37 -11.75
N PRO C 198 -22.56 18.87 -12.44
CA PRO C 198 -22.35 19.26 -13.85
C PRO C 198 -23.59 19.14 -14.74
N LYS C 199 -24.19 17.95 -14.78
CA LYS C 199 -25.28 17.71 -15.73
C LYS C 199 -26.35 18.78 -15.66
N ALA C 200 -26.67 19.25 -14.44
CA ALA C 200 -27.73 20.24 -14.30
C ALA C 200 -27.30 21.59 -14.85
N SER C 201 -26.06 22.00 -14.58
CA SER C 201 -25.58 23.28 -15.10
C SER C 201 -25.44 23.25 -16.62
N SER C 202 -24.99 22.12 -17.17
CA SER C 202 -24.85 21.99 -18.61
C SER C 202 -26.18 22.25 -19.31
N ALA C 203 -27.29 21.85 -18.70
CA ALA C 203 -28.59 22.09 -19.32
C ALA C 203 -29.00 23.55 -19.20
N GLU C 204 -28.58 24.24 -18.14
CA GLU C 204 -28.94 25.65 -17.98
C GLU C 204 -28.12 26.53 -18.93
N LEU C 205 -26.86 26.19 -19.15
CA LEU C 205 -26.08 26.90 -20.15
C LEU C 205 -26.73 26.75 -21.52
N ILE C 206 -27.16 25.53 -21.87
CA ILE C 206 -27.84 25.31 -23.14
C ILE C 206 -29.16 26.06 -23.16
N GLY C 207 -29.89 26.04 -22.04
CA GLY C 207 -31.12 26.81 -21.97
C GLY C 207 -30.90 28.29 -22.15
N TYR C 208 -29.83 28.82 -21.53
CA TYR C 208 -29.49 30.22 -21.72
C TYR C 208 -29.04 30.50 -23.15
N ALA C 209 -28.16 29.65 -23.69
CA ALA C 209 -27.73 29.80 -25.06
C ALA C 209 -28.91 29.80 -26.02
N MET C 210 -29.96 29.05 -25.70
CA MET C 210 -31.15 29.04 -26.54
C MET C 210 -31.91 30.35 -26.45
N LYS C 211 -31.99 30.92 -25.24
CA LYS C 211 -32.61 32.24 -25.08
C LYS C 211 -31.85 33.29 -25.89
N MET C 212 -30.53 33.26 -25.83
CA MET C 212 -29.73 34.23 -26.55
C MET C 212 -29.83 34.04 -28.06
N ALA C 213 -29.88 32.78 -28.51
CA ALA C 213 -29.99 32.52 -29.94
C ALA C 213 -31.32 33.03 -30.49
N GLU C 214 -32.42 32.76 -29.78
CA GLU C 214 -33.72 33.24 -30.23
C GLU C 214 -33.82 34.76 -30.07
N GLU C 215 -33.28 35.29 -28.97
CA GLU C 215 -33.24 36.73 -28.78
C GLU C 215 -32.63 37.43 -29.98
N LYS C 216 -31.58 36.84 -30.54
CA LYS C 216 -30.91 37.38 -31.71
C LYS C 216 -31.61 36.92 -32.99
N ASN C 219 -33.53 40.00 -32.91
CA ASN C 219 -32.84 41.27 -32.82
C ASN C 219 -31.37 41.14 -33.23
N PRO C 220 -31.13 40.97 -34.53
CA PRO C 220 -29.75 40.84 -35.01
C PRO C 220 -28.82 41.95 -34.53
N ALA C 221 -27.52 41.74 -34.67
CA ALA C 221 -26.53 42.72 -34.22
C ALA C 221 -25.20 42.40 -34.89
N ASP C 222 -24.23 43.29 -34.68
CA ASP C 222 -22.89 43.14 -35.25
C ASP C 222 -21.95 42.47 -34.26
N ASP C 223 -22.33 41.27 -33.83
CA ASP C 223 -21.57 40.48 -32.86
C ASP C 223 -21.21 39.13 -33.47
N ILE C 224 -20.66 38.24 -32.64
CA ILE C 224 -20.34 36.89 -33.13
C ILE C 224 -21.56 35.99 -33.06
N VAL C 225 -22.38 36.13 -32.02
CA VAL C 225 -23.53 35.24 -31.84
C VAL C 225 -24.40 35.28 -33.09
N THR C 226 -24.84 36.48 -33.47
CA THR C 226 -25.63 36.62 -34.70
C THR C 226 -24.91 36.00 -35.89
N GLN C 227 -23.59 36.22 -35.98
CA GLN C 227 -22.82 35.69 -37.09
C GLN C 227 -22.87 34.16 -37.14
N LEU C 228 -23.05 33.51 -35.99
CA LEU C 228 -23.08 32.05 -35.96
C LEU C 228 -24.47 31.51 -36.29
N ILE C 229 -25.53 32.20 -35.84
CA ILE C 229 -26.88 31.73 -36.07
C ILE C 229 -27.47 32.23 -37.39
N GLN C 230 -26.78 33.12 -38.09
CA GLN C 230 -27.17 33.53 -39.43
C GLN C 230 -26.36 32.75 -40.45
N ALA C 231 -27.02 32.29 -41.50
CA ALA C 231 -26.31 31.59 -42.57
C ALA C 231 -25.33 32.54 -43.24
N ASP C 232 -24.31 31.93 -43.87
CA ASP C 232 -23.30 32.67 -44.60
C ASP C 232 -23.60 32.58 -46.10
N ILE C 233 -22.70 33.12 -46.92
CA ILE C 233 -22.91 33.09 -48.37
C ILE C 233 -23.09 31.66 -48.87
N ASP C 234 -22.59 30.67 -48.13
CA ASP C 234 -22.68 29.27 -48.52
C ASP C 234 -23.79 28.53 -47.79
N GLY C 235 -24.67 29.24 -47.08
CA GLY C 235 -25.81 28.60 -46.45
C GLY C 235 -25.49 27.83 -45.19
N GLU C 236 -24.32 28.05 -44.59
CA GLU C 236 -23.89 27.30 -43.42
C GLU C 236 -24.16 28.10 -42.16
N LYS C 237 -24.54 27.39 -41.09
CA LYS C 237 -24.77 28.01 -39.80
C LYS C 237 -24.97 26.91 -38.77
N LEU C 238 -24.71 27.25 -37.51
CA LEU C 238 -25.00 26.34 -36.43
C LEU C 238 -26.50 26.30 -36.18
N SER C 239 -27.02 25.09 -35.95
CA SER C 239 -28.42 24.96 -35.58
C SER C 239 -28.62 25.46 -34.15
N ASP C 240 -29.89 25.57 -33.76
CA ASP C 240 -30.20 25.97 -32.39
C ASP C 240 -29.55 25.01 -31.40
N ASP C 241 -29.58 23.70 -31.70
CA ASP C 241 -28.89 22.74 -30.87
C ASP C 241 -27.38 22.98 -30.89
N GLU C 242 -26.81 23.05 -32.09
CA GLU C 242 -25.35 23.19 -32.22
C GLU C 242 -24.86 24.43 -31.49
N PHE C 243 -25.56 25.55 -31.62
CA PHE C 243 -25.18 26.75 -30.88
C PHE C 243 -25.19 26.49 -29.38
N GLY C 244 -26.18 25.72 -28.90
CA GLY C 244 -26.20 25.38 -27.49
C GLY C 244 -24.91 24.70 -27.05
N PHE C 245 -24.45 23.74 -27.84
CA PHE C 245 -23.24 22.99 -27.47
C PHE C 245 -21.98 23.83 -27.69
N PHE C 246 -22.02 24.78 -28.63
CA PHE C 246 -20.91 25.71 -28.77
C PHE C 246 -20.75 26.59 -27.53
N VAL C 247 -21.88 27.05 -26.97
CA VAL C 247 -21.82 27.86 -25.77
C VAL C 247 -21.27 27.05 -24.59
N VAL C 248 -21.72 25.80 -24.46
CA VAL C 248 -21.21 24.93 -23.39
C VAL C 248 -19.71 24.73 -23.54
N MET C 249 -19.29 24.26 -24.73
CA MET C 249 -17.88 24.06 -24.98
C MET C 249 -17.07 25.30 -24.64
N LEU C 250 -17.55 26.47 -25.06
CA LEU C 250 -16.85 27.70 -24.74
C LEU C 250 -16.84 27.95 -23.24
N ALA C 251 -18.02 27.89 -22.60
CA ALA C 251 -18.10 28.15 -21.17
C ALA C 251 -17.10 27.30 -20.39
N VAL C 252 -16.85 26.07 -20.84
CA VAL C 252 -15.91 25.20 -20.16
C VAL C 252 -14.48 25.50 -20.59
N ALA C 253 -14.26 25.60 -21.90
CA ALA C 253 -12.89 25.57 -22.41
C ALA C 253 -12.12 26.84 -22.06
N GLY C 254 -12.77 27.99 -22.16
CA GLY C 254 -12.08 29.24 -21.90
C GLY C 254 -11.97 29.63 -20.45
N ASN C 255 -12.31 28.73 -19.53
CA ASN C 255 -12.32 29.08 -18.11
C ASN C 255 -11.08 28.54 -17.41
N GLU C 256 -11.10 27.25 -17.07
CA GLU C 256 -10.10 26.70 -16.17
C GLU C 256 -8.69 26.78 -16.75
N THR C 257 -8.53 26.43 -18.03
CA THR C 257 -7.18 26.32 -18.58
C THR C 257 -6.46 27.67 -18.56
N THR C 258 -7.14 28.74 -18.96
CA THR C 258 -6.50 30.06 -18.91
C THR C 258 -6.23 30.47 -17.46
N ARG C 259 -7.22 30.27 -16.58
CA ARG C 259 -7.05 30.56 -15.17
C ARG C 259 -5.76 29.94 -14.63
N ASN C 260 -5.55 28.65 -14.94
CA ASN C 260 -4.39 27.95 -14.41
C ASN C 260 -3.11 28.34 -15.11
N SER C 261 -3.19 28.80 -16.36
CA SER C 261 -2.02 29.41 -16.98
C SER C 261 -1.55 30.62 -16.18
N ILE C 262 -2.50 31.40 -15.66
CA ILE C 262 -2.14 32.63 -14.95
C ILE C 262 -1.54 32.30 -13.59
N THR C 263 -2.19 31.39 -12.84
CA THR C 263 -1.67 31.01 -11.54
C THR C 263 -0.26 30.42 -11.65
N GLN C 264 -0.09 29.43 -12.53
CA GLN C 264 1.20 28.77 -12.63
C GLN C 264 2.22 29.63 -13.35
N GLY C 265 1.77 30.55 -14.21
CA GLY C 265 2.67 31.55 -14.74
C GLY C 265 3.24 32.45 -13.65
N MET C 266 2.43 32.76 -12.63
CA MET C 266 2.91 33.59 -11.54
C MET C 266 3.76 32.79 -10.56
N MET C 267 3.42 31.51 -10.35
CA MET C 267 4.29 30.64 -9.56
C MET C 267 5.68 30.58 -10.17
N ALA C 268 5.75 30.38 -11.49
CA ALA C 268 7.06 30.32 -12.15
C ALA C 268 7.82 31.63 -11.97
N PHE C 269 7.12 32.76 -12.07
CA PHE C 269 7.78 34.05 -11.87
C PHE C 269 8.30 34.17 -10.44
N ALA C 270 7.61 33.58 -9.47
CA ALA C 270 8.02 33.68 -8.08
C ALA C 270 9.19 32.75 -7.76
N GLU C 271 9.32 31.62 -8.44
CA GLU C 271 10.48 30.76 -8.27
C GLU C 271 11.65 31.20 -9.14
N HIS C 272 11.42 32.07 -10.13
CA HIS C 272 12.47 32.57 -11.02
C HIS C 272 12.40 34.09 -11.02
N PRO C 273 12.77 34.73 -9.91
CA PRO C 273 12.70 36.21 -9.88
C PRO C 273 13.51 36.86 -10.99
N ASP C 274 14.53 36.18 -11.49
CA ASP C 274 15.28 36.70 -12.63
C ASP C 274 14.37 36.93 -13.83
N GLN C 275 13.34 36.09 -14.00
CA GLN C 275 12.44 36.22 -15.14
C GLN C 275 11.33 37.22 -14.87
N TRP C 276 10.85 37.31 -13.63
CA TRP C 276 9.83 38.30 -13.30
C TRP C 276 10.36 39.72 -13.52
N GLU C 277 11.59 39.98 -13.08
CA GLU C 277 12.18 41.29 -13.33
C GLU C 277 12.30 41.57 -14.82
N LEU C 278 12.65 40.55 -15.61
CA LEU C 278 12.74 40.74 -17.05
C LEU C 278 11.36 41.04 -17.65
N TYR C 279 10.33 40.31 -17.21
CA TYR C 279 9.00 40.57 -17.74
C TYR C 279 8.54 41.98 -17.39
N LYS C 280 8.65 42.36 -16.12
CA LYS C 280 8.23 43.68 -15.70
C LYS C 280 8.90 44.76 -16.54
N LYS C 281 10.18 44.57 -16.86
CA LYS C 281 10.93 45.60 -17.58
C LYS C 281 10.65 45.57 -19.07
N VAL C 282 10.48 44.38 -19.66
CA VAL C 282 10.40 44.25 -21.11
C VAL C 282 9.00 43.90 -21.59
N ARG C 283 8.23 43.12 -20.83
CA ARG C 283 6.91 42.69 -21.25
C ARG C 283 7.01 41.96 -22.60
N PRO C 284 7.88 40.95 -22.71
CA PRO C 284 8.04 40.30 -24.02
C PRO C 284 6.81 39.50 -24.40
N GLU C 285 6.45 39.57 -25.68
CA GLU C 285 5.27 38.85 -26.17
C GLU C 285 5.52 37.35 -26.25
N THR C 286 6.79 36.92 -26.22
CA THR C 286 7.10 35.50 -26.11
C THR C 286 6.74 34.91 -24.75
N ALA C 287 6.45 35.76 -23.75
CA ALA C 287 6.22 35.25 -22.41
C ALA C 287 4.99 34.36 -22.35
N ALA C 288 3.93 34.73 -23.07
CA ALA C 288 2.68 33.98 -22.96
C ALA C 288 2.86 32.53 -23.37
N ASP C 289 3.62 32.28 -24.44
CA ASP C 289 3.81 30.91 -24.90
C ASP C 289 4.66 30.11 -23.92
N GLU C 290 5.69 30.73 -23.35
CA GLU C 290 6.47 30.03 -22.33
C GLU C 290 5.62 29.77 -21.09
N ILE C 291 4.75 30.72 -20.73
CA ILE C 291 3.85 30.51 -19.60
C ILE C 291 2.99 29.29 -19.84
N VAL C 292 2.42 29.16 -21.05
CA VAL C 292 1.59 28.01 -21.35
C VAL C 292 2.41 26.72 -21.35
N ARG C 293 3.68 26.80 -21.76
CA ARG C 293 4.53 25.60 -21.74
C ARG C 293 4.83 25.18 -20.31
N TRP C 294 5.23 26.13 -19.46
CA TRP C 294 5.52 25.79 -18.07
C TRP C 294 4.26 25.36 -17.32
N ALA C 295 3.10 25.88 -17.72
CA ALA C 295 1.85 25.58 -17.01
C ALA C 295 1.19 24.30 -17.51
N THR C 296 1.26 24.03 -18.82
CA THR C 296 0.59 22.89 -19.45
C THR C 296 -0.74 22.63 -18.77
N PRO C 297 -1.69 23.57 -18.84
CA PRO C 297 -2.96 23.41 -18.10
C PRO C 297 -3.72 22.15 -18.46
N VAL C 298 -3.55 21.63 -19.67
CA VAL C 298 -4.09 20.33 -20.04
C VAL C 298 -2.93 19.34 -19.97
N THR C 299 -2.93 18.50 -18.94
CA THR C 299 -1.84 17.55 -18.78
C THR C 299 -1.85 16.52 -19.91
N ALA C 300 -3.02 16.03 -20.30
CA ALA C 300 -3.07 15.02 -21.34
C ALA C 300 -4.46 14.96 -21.96
N PHE C 301 -4.49 14.81 -23.28
CA PHE C 301 -5.69 14.45 -24.04
C PHE C 301 -5.41 13.13 -24.76
N GLN C 302 -6.47 12.38 -25.06
CA GLN C 302 -6.36 11.04 -25.61
C GLN C 302 -6.99 10.96 -26.99
N ARG C 303 -6.64 9.88 -27.70
CA ARG C 303 -7.28 9.49 -28.94
C ARG C 303 -7.44 7.98 -28.94
N THR C 304 -8.11 7.46 -29.97
CA THR C 304 -8.30 6.02 -30.13
C THR C 304 -7.86 5.62 -31.52
N ALA C 305 -6.90 4.71 -31.60
CA ALA C 305 -6.38 4.25 -32.89
C ALA C 305 -7.48 3.47 -33.63
N LEU C 306 -7.87 3.98 -34.79
CA LEU C 306 -8.91 3.35 -35.59
C LEU C 306 -8.39 2.20 -36.45
N ARG C 307 -7.09 1.91 -36.41
CA ARG C 307 -6.51 0.82 -37.17
C ARG C 307 -5.08 0.62 -36.67
N ASP C 308 -4.55 -0.57 -36.92
CA ASP C 308 -3.17 -0.86 -36.57
C ASP C 308 -2.25 0.22 -37.14
N TYR C 309 -1.52 0.89 -36.26
CA TYR C 309 -0.64 1.99 -36.62
C TYR C 309 0.70 1.80 -35.93
N GLU C 310 1.79 1.93 -36.68
CA GLU C 310 3.13 1.87 -36.13
C GLU C 310 3.59 3.29 -35.79
N LEU C 311 4.07 3.48 -34.57
CA LEU C 311 4.48 4.80 -34.08
C LEU C 311 5.78 4.65 -33.31
N SER C 312 6.86 5.20 -33.87
CA SER C 312 8.17 5.18 -33.23
C SER C 312 8.58 3.78 -32.82
N GLY C 313 8.36 2.82 -33.73
CA GLY C 313 8.75 1.45 -33.50
C GLY C 313 7.86 0.67 -32.55
N VAL C 314 6.67 1.16 -32.23
CA VAL C 314 5.73 0.48 -31.36
C VAL C 314 4.45 0.24 -32.16
N GLN C 315 3.83 -0.92 -31.94
CA GLN C 315 2.67 -1.35 -32.71
C GLN C 315 1.41 -0.96 -31.94
N ILE C 316 0.82 0.17 -32.32
CA ILE C 316 -0.48 0.56 -31.80
C ILE C 316 -1.54 -0.31 -32.45
N LYS C 317 -2.29 -1.05 -31.64
CA LYS C 317 -3.34 -1.91 -32.16
C LYS C 317 -4.66 -1.14 -32.21
N LYS C 318 -5.47 -1.51 -33.20
CA LYS C 318 -6.77 -0.88 -33.39
C LYS C 318 -7.58 -0.91 -32.10
N GLY C 319 -8.30 0.18 -31.84
CA GLY C 319 -9.15 0.28 -30.68
C GLY C 319 -8.47 0.68 -29.39
N GLN C 320 -7.15 0.58 -29.31
CA GLN C 320 -6.44 0.98 -28.11
C GLN C 320 -6.38 2.49 -27.99
N ARG C 321 -6.36 2.97 -26.76
CA ARG C 321 -6.26 4.40 -26.48
C ARG C 321 -4.80 4.83 -26.45
N VAL C 322 -4.56 6.06 -26.89
CA VAL C 322 -3.26 6.71 -26.75
C VAL C 322 -3.49 8.02 -26.02
N VAL C 323 -2.75 8.24 -24.93
CA VAL C 323 -2.88 9.43 -24.11
C VAL C 323 -1.65 10.30 -24.36
N MET C 324 -1.86 11.44 -25.01
CA MET C 324 -0.81 12.41 -25.24
C MET C 324 -0.57 13.20 -23.96
N PHE C 325 0.61 13.05 -23.36
CA PHE C 325 0.95 13.77 -22.14
C PHE C 325 1.72 15.04 -22.53
N TYR C 326 0.97 16.12 -22.74
CA TYR C 326 1.58 17.39 -23.05
C TYR C 326 2.58 17.81 -21.97
N ARG C 327 2.27 17.51 -20.71
CA ARG C 327 3.18 17.84 -19.62
C ARG C 327 4.54 17.20 -19.82
N SER C 328 4.59 16.03 -20.46
CA SER C 328 5.88 15.41 -20.78
C SER C 328 6.45 16.01 -22.06
N ALA C 329 5.62 16.09 -23.12
CA ALA C 329 6.10 16.63 -24.39
C ALA C 329 6.70 18.02 -24.21
N ASN C 330 6.07 18.85 -23.38
CA ASN C 330 6.52 20.23 -23.21
C ASN C 330 7.86 20.34 -22.50
N PHE C 331 8.36 19.25 -21.93
CA PHE C 331 9.70 19.21 -21.35
C PHE C 331 10.56 18.15 -22.02
N ASP C 332 10.22 17.78 -23.26
CA ASP C 332 11.01 16.87 -24.08
C ASP C 332 12.43 17.38 -24.24
N GLU C 333 13.40 16.67 -23.67
CA GLU C 333 14.77 17.16 -23.63
C GLU C 333 15.42 17.18 -25.02
N GLU C 334 14.87 16.46 -26.00
CA GLU C 334 15.44 16.45 -27.34
C GLU C 334 14.93 17.59 -28.22
N VAL C 335 13.84 18.25 -27.82
CA VAL C 335 13.28 19.35 -28.59
C VAL C 335 13.75 20.65 -27.96
N PHE C 336 13.44 20.82 -26.68
CA PHE C 336 14.05 21.86 -25.85
C PHE C 336 15.27 21.25 -25.18
N GLN C 337 16.43 21.88 -25.37
CA GLN C 337 17.64 21.38 -24.73
C GLN C 337 17.78 21.89 -23.30
N ASP C 338 17.02 22.91 -22.93
CA ASP C 338 16.90 23.35 -21.53
C ASP C 338 15.42 23.39 -21.15
N PRO C 339 14.73 22.24 -21.18
CA PRO C 339 13.29 22.26 -20.95
C PRO C 339 12.90 22.68 -19.55
N PHE C 340 13.74 22.42 -18.55
CA PHE C 340 13.45 22.79 -17.18
C PHE C 340 13.85 24.21 -16.85
N THR C 341 14.27 25.00 -17.83
CA THR C 341 14.57 26.41 -17.65
C THR C 341 13.34 27.24 -18.02
N PHE C 342 12.95 28.15 -17.13
CA PHE C 342 11.87 29.09 -17.39
C PHE C 342 12.47 30.32 -18.07
N ASN C 343 12.20 30.46 -19.38
CA ASN C 343 12.81 31.51 -20.21
C ASN C 343 11.71 32.18 -21.01
N ILE C 344 11.29 33.37 -20.57
CA ILE C 344 10.19 34.06 -21.22
C ILE C 344 10.58 34.61 -22.59
N LEU C 345 11.85 34.53 -22.97
CA LEU C 345 12.29 34.91 -24.30
C LEU C 345 12.49 33.72 -25.23
N ARG C 346 12.10 32.52 -24.78
CA ARG C 346 12.29 31.31 -25.59
C ARG C 346 11.66 31.50 -26.97
N ASN C 347 12.42 31.13 -28.00
CA ASN C 347 12.06 31.47 -29.38
C ASN C 347 12.98 30.74 -30.35
N PRO C 348 12.46 29.79 -31.15
CA PRO C 348 11.07 29.33 -31.26
C PRO C 348 10.60 28.54 -30.06
N ASN C 349 9.30 28.37 -29.89
CA ASN C 349 8.71 27.64 -28.76
C ASN C 349 7.70 26.64 -29.32
N PRO C 350 8.17 25.46 -29.78
CA PRO C 350 7.28 24.45 -30.35
C PRO C 350 6.53 23.62 -29.30
N HIS C 351 5.97 24.31 -28.31
CA HIS C 351 5.28 23.62 -27.23
C HIS C 351 3.89 23.17 -27.68
N VAL C 352 3.39 22.15 -27.02
CA VAL C 352 2.10 21.55 -27.34
C VAL C 352 1.08 21.83 -26.24
N GLY C 353 1.31 22.89 -25.45
CA GLY C 353 0.33 23.27 -24.44
C GLY C 353 -1.02 23.57 -25.03
N PHE C 354 -1.07 24.05 -26.27
CA PHE C 354 -2.29 24.15 -27.04
C PHE C 354 -2.52 22.91 -27.90
N GLY C 355 -1.82 21.83 -27.61
CA GLY C 355 -1.92 20.61 -28.39
C GLY C 355 -1.02 20.63 -29.61
N GLY C 356 -0.65 19.44 -30.06
CA GLY C 356 0.04 19.33 -31.32
C GLY C 356 -0.74 19.98 -32.43
N THR C 357 -0.03 20.57 -33.38
CA THR C 357 -0.68 21.12 -34.56
C THR C 357 -1.53 20.04 -35.22
N GLY C 358 -2.67 20.43 -35.75
CA GLY C 358 -3.55 19.46 -36.39
C GLY C 358 -4.97 20.01 -36.51
N ALA C 359 -5.89 19.08 -36.75
CA ALA C 359 -7.29 19.47 -36.95
C ALA C 359 -7.91 20.02 -35.67
N HIS C 360 -7.43 19.60 -34.50
CA HIS C 360 -8.04 19.94 -33.23
C HIS C 360 -7.23 20.97 -32.44
N TYR C 361 -6.22 21.57 -33.05
CA TYR C 361 -5.44 22.60 -32.37
C TYR C 361 -6.37 23.66 -31.79
N CYS C 362 -6.03 24.13 -30.59
CA CYS C 362 -6.90 25.04 -29.86
C CYS C 362 -7.26 26.26 -30.69
N ILE C 363 -8.57 26.55 -30.77
CA ILE C 363 -9.00 27.75 -31.46
C ILE C 363 -8.93 28.99 -30.57
N GLY C 364 -8.97 28.82 -29.25
CA GLY C 364 -8.85 29.93 -28.34
C GLY C 364 -7.42 30.31 -28.00
N ALA C 365 -6.44 29.69 -28.66
CA ALA C 365 -5.04 29.93 -28.33
C ALA C 365 -4.71 31.42 -28.33
N ASN C 366 -5.21 32.15 -29.33
CA ASN C 366 -4.94 33.58 -29.38
C ASN C 366 -5.73 34.34 -28.32
N LEU C 367 -6.94 33.87 -28.00
CA LEU C 367 -7.69 34.48 -26.91
C LEU C 367 -6.99 34.26 -25.57
N ALA C 368 -6.49 33.05 -25.35
CA ALA C 368 -5.80 32.76 -24.09
C ALA C 368 -4.53 33.60 -23.97
N ARG C 369 -3.72 33.64 -25.03
CA ARG C 369 -2.45 34.37 -24.97
C ARG C 369 -2.69 35.85 -24.71
N MET C 370 -3.76 36.42 -25.28
CA MET C 370 -4.07 37.81 -24.97
C MET C 370 -4.58 37.95 -23.54
N THR C 371 -5.33 36.96 -23.05
CA THR C 371 -5.75 36.98 -21.65
C THR C 371 -4.54 36.96 -20.74
N ILE C 372 -3.58 36.09 -21.03
CA ILE C 372 -2.37 36.00 -20.20
C ILE C 372 -1.57 37.30 -20.27
N ASN C 373 -1.33 37.78 -21.49
CA ASN C 373 -0.53 39.01 -21.64
C ASN C 373 -1.15 40.16 -20.85
N LEU C 374 -2.46 40.35 -20.96
CA LEU C 374 -3.10 41.49 -20.32
C LEU C 374 -3.05 41.38 -18.80
N ILE C 375 -3.36 40.20 -18.24
CA ILE C 375 -3.40 40.09 -16.79
C ILE C 375 -2.00 40.24 -16.19
N PHE C 376 -0.97 39.78 -16.90
CA PHE C 376 0.38 39.89 -16.36
C PHE C 376 0.96 41.28 -16.56
N ASN C 377 0.55 41.99 -17.61
CA ASN C 377 0.83 43.42 -17.69
C ASN C 377 0.19 44.15 -16.51
N ALA C 378 -1.05 43.78 -16.17
CA ALA C 378 -1.74 44.40 -15.05
C ALA C 378 -1.08 44.04 -13.72
N VAL C 379 -0.78 42.76 -13.52
CA VAL C 379 -0.09 42.35 -12.29
C VAL C 379 1.24 43.10 -12.17
N ALA C 380 1.98 43.22 -13.27
CA ALA C 380 3.24 43.95 -13.24
C ALA C 380 3.02 45.42 -12.95
N ASP C 381 1.92 45.99 -13.43
CA ASP C 381 1.67 47.41 -13.24
C ASP C 381 1.22 47.74 -11.82
N HIS C 382 0.54 46.81 -11.15
CA HIS C 382 -0.14 47.10 -9.91
C HIS C 382 0.41 46.35 -8.70
N MET C 383 1.27 45.35 -8.89
CA MET C 383 1.85 44.63 -7.77
C MET C 383 3.16 43.97 -8.21
N PRO C 384 4.19 44.78 -8.49
CA PRO C 384 5.45 44.22 -9.01
C PRO C 384 6.27 43.49 -7.96
N ASP C 385 5.96 43.62 -6.68
CA ASP C 385 6.70 42.95 -5.62
C ASP C 385 5.91 41.82 -5.00
N LEU C 386 4.92 41.29 -5.72
CA LEU C 386 4.18 40.12 -5.29
C LEU C 386 5.13 39.07 -4.74
N LYS C 387 4.66 38.35 -3.71
CA LYS C 387 5.46 37.36 -3.00
C LYS C 387 4.50 36.29 -2.50
N PRO C 388 4.83 35.00 -2.67
CA PRO C 388 3.94 33.96 -2.14
C PRO C 388 4.00 33.87 -0.62
N ILE C 389 2.88 33.51 -0.03
CA ILE C 389 2.80 33.29 1.42
C ILE C 389 3.01 31.82 1.75
N SER C 390 2.27 30.93 1.10
CA SER C 390 2.33 29.50 1.39
C SER C 390 2.16 28.72 0.09
N ALA C 391 2.24 27.40 0.20
CA ALA C 391 2.25 26.54 -0.97
C ALA C 391 0.90 26.57 -1.68
N PRO C 392 0.88 26.24 -2.97
CA PRO C 392 -0.40 26.12 -3.68
C PRO C 392 -1.09 24.80 -3.41
N GLU C 393 -2.42 24.85 -3.39
CA GLU C 393 -3.25 23.66 -3.26
C GLU C 393 -3.64 23.18 -4.65
N ARG C 394 -3.23 21.96 -4.99
CA ARG C 394 -3.43 21.47 -6.35
C ARG C 394 -4.79 20.78 -6.47
N LEU C 395 -5.26 20.69 -7.72
CA LEU C 395 -6.57 20.14 -8.02
C LEU C 395 -6.47 18.64 -8.29
N ARG C 396 -7.39 17.88 -7.72
CA ARG C 396 -7.46 16.44 -7.97
C ARG C 396 -8.15 16.21 -9.31
N SER C 397 -7.39 15.72 -10.28
CA SER C 397 -7.86 15.43 -11.62
C SER C 397 -6.79 14.61 -12.31
N GLY C 398 -7.22 13.68 -13.15
CA GLY C 398 -6.28 12.83 -13.86
C GLY C 398 -5.85 13.37 -15.21
N TRP C 399 -6.34 14.54 -15.61
CA TRP C 399 -6.04 15.07 -16.93
C TRP C 399 -5.97 16.60 -16.93
N LEU C 400 -6.46 17.24 -15.88
CA LEU C 400 -6.42 18.69 -15.75
C LEU C 400 -5.38 19.08 -14.71
N ASN C 401 -4.53 20.03 -15.05
CA ASN C 401 -3.50 20.55 -14.15
C ASN C 401 -4.02 21.87 -13.60
N GLY C 402 -4.59 21.81 -12.40
CA GLY C 402 -5.29 22.95 -11.82
C GLY C 402 -4.73 23.36 -10.48
N ILE C 403 -4.89 24.65 -10.17
CA ILE C 403 -4.54 25.22 -8.87
C ILE C 403 -5.81 25.78 -8.26
N LYS C 404 -6.21 25.24 -7.09
CA LYS C 404 -7.41 25.71 -6.43
C LYS C 404 -7.16 27.00 -5.65
N HIS C 405 -6.04 27.07 -4.92
CA HIS C 405 -5.75 28.21 -4.07
C HIS C 405 -4.25 28.45 -4.01
N TRP C 406 -3.89 29.73 -3.89
CA TRP C 406 -2.49 30.12 -3.71
C TRP C 406 -2.47 31.46 -2.99
N GLN C 407 -1.98 31.47 -1.75
CA GLN C 407 -1.94 32.67 -0.94
C GLN C 407 -0.66 33.45 -1.19
N VAL C 408 -0.80 34.73 -1.54
CA VAL C 408 0.35 35.56 -1.92
C VAL C 408 0.21 36.94 -1.30
N ASP C 409 1.34 37.52 -0.90
CA ASP C 409 1.42 38.89 -0.42
C ASP C 409 1.60 39.81 -1.63
N TYR C 410 0.55 40.56 -1.97
CA TYR C 410 0.59 41.39 -3.17
C TYR C 410 1.56 42.56 -3.02
N THR C 411 1.56 43.20 -1.85
CA THR C 411 2.38 44.41 -1.67
C THR C 411 3.85 44.08 -1.54
N GLY C 412 4.18 42.89 -1.02
CA GLY C 412 5.56 42.52 -0.79
C GLY C 412 6.00 42.75 0.64
C01 JV3 D . 0.48 -22.55 11.78
C03 JV3 D . -1.53 -21.55 11.10
C05 JV3 D . -2.23 -20.19 11.02
C06 JV3 D . -3.60 -20.15 10.82
C07 JV3 D . -4.24 -18.92 10.75
C08 JV3 D . -3.52 -17.76 10.86
C09 JV3 D . -2.15 -17.79 11.05
C10 JV3 D . -1.42 -16.59 11.18
C11 JV3 D . -0.08 -16.62 11.52
C12 JV3 D . 0.59 -15.41 11.63
C14 JV3 D . -1.28 -14.22 11.08
C15 JV3 D . -2.04 -15.37 10.95
C16 JV3 D . -1.50 -19.02 11.13
N13 JV3 D . 0.00 -14.25 11.41
O02 JV3 D . -0.66 -21.83 12.16
O04 JV3 D . -1.74 -22.36 10.26
H012 JV3 D . 0.95 -22.82 12.55
H011 JV3 D . 1.04 -22.00 11.25
H013 JV3 D . 0.23 -23.31 11.29
H061 JV3 D . -4.09 -20.93 10.74
H071 JV3 D . -5.16 -18.89 10.61
H081 JV3 D . -3.96 -16.93 10.81
H111 JV3 D . 0.36 -17.42 11.69
H121 JV3 D . 1.49 -15.42 11.87
H141 JV3 D . -1.69 -13.39 10.92
H151 JV3 D . -2.93 -15.32 10.71
H161 JV3 D . -0.59 -19.05 11.26
CHA HEM E . -10.98 -31.37 7.27
CHB HEM E . -8.05 -35.20 7.50
CHC HEM E . -6.52 -34.14 3.02
CHD HEM E . -8.36 -29.70 3.53
C1A HEM E . -10.42 -32.55 7.71
C2A HEM E . -10.82 -33.37 8.84
C3A HEM E . -10.00 -34.42 8.88
C4A HEM E . -9.05 -34.32 7.80
CMA HEM E . -10.01 -35.56 9.92
CAA HEM E . -11.98 -33.08 9.81
CBA HEM E . -11.76 -31.80 10.62
CGA HEM E . -12.73 -31.78 11.77
O1A HEM E . -13.80 -32.44 11.67
O2A HEM E . -12.46 -31.09 12.80
C1B HEM E . -7.42 -35.28 6.28
C2B HEM E . -6.61 -36.38 5.80
C3B HEM E . -6.18 -36.06 4.57
C4B HEM E . -6.73 -34.78 4.22
CMB HEM E . -6.28 -37.65 6.62
CAB HEM E . -5.30 -36.88 3.61
CBB HEM E . -5.26 -38.21 3.65
C1C HEM E . -6.85 -32.82 2.76
C2C HEM E . -6.50 -32.06 1.58
C3C HEM E . -7.01 -30.83 1.72
C4C HEM E . -7.70 -30.77 2.99
CMC HEM E . -5.68 -32.65 0.41
CAC HEM E . -6.93 -29.63 0.75
CBC HEM E . -6.52 -29.76 -0.52
C1D HEM E . -9.22 -29.76 4.61
C2D HEM E . -9.95 -28.66 5.18
C3D HEM E . -10.67 -29.12 6.20
C4D HEM E . -10.43 -30.54 6.33
CMD HEM E . -9.91 -27.20 4.68
CAD HEM E . -11.62 -28.31 7.10
CBD HEM E . -12.96 -28.23 6.38
CGD HEM E . -13.94 -27.43 7.20
O1D HEM E . -13.59 -27.06 8.34
O2D HEM E . -15.07 -27.17 6.71
NA HEM E . -9.35 -33.16 7.10
NB HEM E . -7.48 -34.33 5.28
NC HEM E . -7.58 -32.00 3.60
ND HEM E . -9.53 -30.89 5.33
FE HEM E . -8.50 -32.62 5.31
HHB HEM E . -7.75 -35.81 8.21
HHC HEM E . -6.11 -34.64 2.29
HHD HEM E . -8.21 -28.82 3.12
HMA HEM E . -9.65 -36.38 9.51
HMAA HEM E . -10.93 -35.73 10.22
HMAB HEM E . -9.46 -35.32 10.69
HAA HEM E . -12.07 -33.83 10.43
HAAA HEM E . -12.81 -32.98 9.31
HBA HEM E . -11.91 -31.03 10.06
HBAA HEM E . -10.85 -31.78 10.96
HMB HEM E . -6.21 -37.42 7.56
HMBA HEM E . -5.44 -38.03 6.31
HMBB HEM E . -6.99 -38.30 6.51
HAB HEM E . -4.76 -36.41 2.96
HBB HEM E . -4.70 -38.70 3.03
HBBA HEM E . -5.80 -38.68 4.30
HMC HEM E . -5.10 -33.35 0.74
HMCA HEM E . -5.13 -31.94 0.01
HMCB HEM E . -6.28 -33.00 -0.26
HAC HEM E . -7.18 -28.75 1.07
HBC HEM E . -6.48 -28.99 -1.10
HBCA HEM E . -6.26 -30.64 -0.85
HMD HEM E . -8.98 -26.88 4.71
HMDA HEM E . -10.48 -26.64 5.23
HMDB HEM E . -10.22 -27.16 3.74
HAD HEM E . -11.27 -27.41 7.25
HADA HEM E . -11.73 -28.75 7.97
HBD HEM E . -13.31 -29.13 6.25
HBDA HEM E . -12.84 -27.81 5.52
HHA HEM E . -11.84 -31.11 7.67
C01 JV3 F . -4.64 -25.16 11.58
C03 JV3 F . -3.26 -26.94 10.99
C05 JV3 F . -3.03 -28.30 10.35
C06 JV3 F . -1.82 -28.96 10.47
C07 JV3 F . -1.66 -30.20 9.87
C08 JV3 F . -2.70 -30.79 9.18
C09 JV3 F . -3.92 -30.13 9.06
C10 JV3 F . -4.97 -30.69 8.36
C11 JV3 F . -6.28 -30.29 8.60
C12 JV3 F . -7.30 -30.86 7.85
C14 JV3 F . -5.81 -32.17 6.69
C15 JV3 F . -4.73 -31.66 7.40
C16 JV3 F . -4.07 -28.89 9.65
N13 JV3 F . -7.03 -31.78 6.93
O02 JV3 F . -4.51 -26.34 10.85
O04 JV3 F . -2.40 -26.41 11.60
H012 JV3 F . -4.01 -24.53 11.29
H011 JV3 F . -4.50 -25.34 12.49
H013 JV3 F . -5.51 -24.81 11.47
H061 JV3 F . -1.12 -28.56 10.93
H071 JV3 F . -0.84 -30.64 9.95
H081 JV3 F . -2.58 -31.62 8.78
H111 JV3 F . -6.47 -29.63 9.24
H121 JV3 F . -8.17 -30.60 8.00
H141 JV3 F . -5.65 -32.81 6.04
H151 JV3 F . -3.87 -31.95 7.22
H161 JV3 F . -4.89 -28.45 9.58
S SO4 G . -11.26 -44.00 35.66
O1 SO4 G . -11.46 -42.79 34.85
O2 SO4 G . -11.76 -43.76 37.01
O3 SO4 G . -9.84 -44.32 35.70
O4 SO4 G . -11.99 -45.12 35.07
C01 JV3 H . 18.64 18.88 16.78
C03 JV3 H . 16.37 18.46 16.37
C05 JV3 H . 15.18 17.55 16.09
C06 JV3 H . 13.99 18.09 15.64
C07 JV3 H . 12.91 17.25 15.37
C08 JV3 H . 13.04 15.88 15.56
C09 JV3 H . 14.24 15.34 15.99
C10 JV3 H . 14.36 13.97 16.18
C11 JV3 H . 13.24 13.18 16.37
C12 JV3 H . 13.41 11.82 16.56
C14 JV3 H . 15.69 12.00 16.36
C15 JV3 H . 15.62 13.36 16.17
C16 JV3 H . 15.31 16.18 16.26
N13 JV3 H . 14.61 11.27 16.55
O02 JV3 H . 17.65 17.93 16.52
O04 JV3 H . 16.19 19.63 16.47
H012 JV3 H . 19.49 18.46 16.75
H011 JV3 H . 18.61 19.55 16.13
H013 JV3 H . 18.51 19.25 17.62
H061 JV3 H . 13.91 19.01 15.53
H071 JV3 H . 12.11 17.61 15.09
H081 JV3 H . 12.32 15.33 15.37
H111 JV3 H . 12.39 13.57 16.38
H121 JV3 H . 12.66 11.29 16.70
H141 JV3 H . 16.52 11.58 16.35
H151 JV3 H . 16.39 13.87 16.03
H161 JV3 H . 16.11 15.82 16.56
CHA HEM I . 18.08 8.89 17.13
CHB HEM I . 14.28 8.59 14.16
CHC HEM I . 11.31 8.43 17.97
CHD HEM I . 14.98 10.11 20.68
C1A HEM I . 17.34 8.74 15.98
C2A HEM I . 17.84 8.51 14.63
C3A HEM I . 16.77 8.43 13.82
C4A HEM I . 15.57 8.61 14.61
CMA HEM I . 16.78 8.20 12.30
CAA HEM I . 19.30 8.39 14.17
CBA HEM I . 20.15 9.56 14.68
CGA HEM I . 21.44 9.64 13.91
O1A HEM I . 21.82 8.63 13.26
O2A HEM I . 22.08 10.72 13.94
C1B HEM I . 13.15 8.41 14.93
C2B HEM I . 11.86 7.95 14.46
C3B HEM I . 11.03 7.92 15.53
C4B HEM I . 11.79 8.34 16.69
CMB HEM I . 11.54 7.60 13.00
CAB HEM I . 9.54 7.49 15.59
CBB HEM I . 8.99 6.75 14.62
C1C HEM I . 12.04 8.85 19.07
C2C HEM I . 11.57 8.93 20.43
C3C HEM I . 12.59 9.38 21.18
C4C HEM I . 13.72 9.63 20.31
CMC HEM I . 10.14 8.51 20.85
CAC HEM I . 12.60 9.65 22.71
CBC HEM I . 11.50 9.54 23.47
C1D HEM I . 16.15 9.95 19.96
C2D HEM I . 17.49 10.34 20.37
C3D HEM I . 18.34 10.01 19.39
C4D HEM I . 17.58 9.39 18.32
CMD HEM I . 17.89 11.04 21.69
CAD HEM I . 19.87 10.24 19.40
CBD HEM I . 20.48 9.18 20.32
CGD HEM I . 21.98 9.32 20.38
O1D HEM I . 22.63 8.45 21.01
O2D HEM I . 22.51 10.30 19.81
NA HEM I . 15.97 8.80 15.93
NB HEM I . 13.07 8.64 16.29
NC HEM I . 13.35 9.29 19.02
ND HEM I . 16.26 9.37 18.72
FE HEM I . 14.65 9.01 17.49
HHB HEM I . 14.15 8.72 13.20
HHC HEM I . 10.38 8.17 18.14
HHD HEM I . 15.03 10.61 21.52
HMA HEM I . 15.94 7.79 12.02
HMAA HEM I . 17.53 7.61 12.06
HMAB HEM I . 16.90 9.06 11.83
HAA HEM I . 19.34 8.37 13.20
HAAA HEM I . 19.68 7.55 14.52
HBA HEM I . 20.35 9.41 15.62
HBAA HEM I . 19.65 10.38 14.57
HMB HEM I . 12.08 8.14 12.41
HMBA HEM I . 10.60 7.78 12.82
HMBB HEM I . 11.72 6.66 12.84
HAB HEM I . 9.01 7.76 16.34
HBB HEM I . 8.06 6.50 14.68
HBBA HEM I . 9.52 6.48 13.86
HMC HEM I . 10.18 8.00 21.68
HMCA HEM I . 9.74 7.97 20.16
HMCB HEM I . 9.61 9.31 20.99
HAC HEM I . 13.43 9.90 23.13
HBC HEM I . 11.55 9.71 24.41
HBCA HEM I . 10.66 9.29 23.06
HMD HEM I . 17.36 11.86 21.80
HMDA HEM I . 18.84 11.27 21.67
HMDB HEM I . 17.72 10.43 22.45
HAD HEM I . 20.08 11.12 19.73
HADA HEM I . 20.22 10.13 18.50
HBD HEM I . 20.25 8.30 19.98
HBDA HEM I . 20.11 9.29 21.21
HHA HEM I . 19.03 8.64 17.11
S SO4 J . 14.82 29.58 2.49
O1 SO4 J . 13.52 29.79 3.09
O2 SO4 J . 14.91 30.31 1.22
O3 SO4 J . 15.01 28.15 2.25
O4 SO4 J . 15.88 30.07 3.39
C01 JV3 K . -15.19 17.75 -23.10
C03 JV3 K . -14.37 19.10 -21.34
C05 JV3 K . -13.33 20.14 -20.90
C06 JV3 K . -13.13 20.38 -19.56
C07 JV3 K . -12.18 21.31 -19.17
C08 JV3 K . -11.44 21.99 -20.11
C09 JV3 K . -11.63 21.74 -21.46
C10 JV3 K . -10.89 22.42 -22.43
C11 JV3 K . -10.81 21.93 -23.73
C12 JV3 K . -10.07 22.65 -24.66
C14 JV3 K . -9.54 24.26 -23.11
C15 JV3 K . -10.24 23.60 -22.12
C16 JV3 K . -12.58 20.81 -21.85
N13 JV3 K . -9.46 23.77 -24.34
O02 JV3 K . -14.74 19.01 -22.68
O04 JV3 K . -14.89 18.41 -20.53
H012 JV3 K . -15.80 17.41 -22.48
H011 JV3 K . -15.61 17.83 -23.94
H013 JV3 K . -14.46 17.17 -23.17
H061 JV3 K . -13.63 19.92 -18.92
H071 JV3 K . -12.05 21.49 -18.26
H081 JV3 K . -10.80 22.61 -19.85
H111 JV3 K . -11.23 21.14 -23.97
H121 JV3 K . -10.00 22.32 -25.52
H141 JV3 K . -9.10 25.06 -22.91
H151 JV3 K . -10.28 23.94 -21.25
H161 JV3 K . -12.73 20.64 -22.75
CHA HEM L . -8.67 22.59 -28.08
CHB HEM L . -5.50 23.66 -24.59
CHC HEM L . -7.74 27.94 -24.02
CHD HEM L . -11.38 26.40 -26.82
C1A HEM L . -7.63 22.50 -27.20
C2A HEM L . -6.69 21.40 -27.11
C3A HEM L . -5.82 21.68 -26.14
C4A HEM L . -6.16 22.98 -25.60
CMA HEM L . -4.63 20.80 -25.66
CAA HEM L . -6.80 20.13 -27.99
CBA HEM L . -5.54 19.85 -28.80
CGA HEM L . -5.73 18.51 -29.50
O1A HEM L . -4.98 18.20 -30.45
O2A HEM L . -6.67 17.77 -29.10
C1B HEM L . -5.81 24.94 -24.17
C2B HEM L . -5.03 25.73 -23.24
C3B HEM L . -5.65 26.90 -23.08
C4B HEM L . -6.83 26.91 -23.90
CMB HEM L . -3.72 25.24 -22.58
CAB HEM L . -5.23 28.11 -22.21
CBB HEM L . -3.96 28.31 -21.86
C1C HEM L . -8.91 27.93 -24.74
C2C HEM L . -9.85 29.03 -24.91
C3C HEM L . -10.85 28.59 -25.69
C4C HEM L . -10.59 27.22 -26.04
CMC HEM L . -9.67 30.42 -24.28
CAC HEM L . -12.10 29.37 -26.15
CBC HEM L . -12.41 30.58 -25.65
C1D HEM L . -10.96 25.23 -27.41
C2D HEM L . -11.71 24.42 -28.35
C3D HEM L . -10.97 23.37 -28.69
C4D HEM L . -9.71 23.48 -27.99
CMD HEM L . -13.13 24.73 -28.86
CAD HEM L . -11.34 22.24 -29.67
CBD HEM L . -11.14 22.72 -31.11
CGD HEM L . -11.34 21.56 -32.04
O1D HEM L . -11.75 20.47 -31.56
O2D HEM L . -11.08 21.72 -33.26
NA HEM L . -7.27 23.45 -26.27
NB HEM L . -6.90 25.69 -24.56
NC HEM L . -9.40 26.84 -25.45
ND HEM L . -9.74 24.62 -27.22
FE HEM L . -8.27 25.19 -25.94
HHB HEM L . -4.76 23.19 -24.14
HHC HEM L . -7.53 28.77 -23.54
HHD HEM L . -12.31 26.68 -26.98
HMA HEM L . -4.93 19.88 -25.54
HMAA HEM L . -4.29 21.16 -24.81
HMAB HEM L . -3.92 20.83 -26.33
HAA HEM L . -7.54 20.24 -28.60
HAAA HEM L . -6.97 19.37 -27.41
HBA HEM L . -4.77 19.79 -28.21
HBAA HEM L . -5.40 20.55 -29.46
HMB HEM L . -3.79 24.28 -22.39
HMBA HEM L . -3.57 25.72 -21.75
HMBB HEM L . -2.97 25.38 -23.18
HAB HEM L . -5.90 28.74 -21.93
HBB HEM L . -3.72 29.07 -21.31
HBBA HEM L . -3.27 27.68 -22.14
HMC HEM L . -9.89 31.10 -24.93
HMCA HEM L . -8.74 30.54 -24.00
HMCB HEM L . -10.24 30.52 -23.51
HAC HEM L . -12.67 28.98 -26.83
HBC HEM L . -13.20 31.04 -25.96
HBCA HEM L . -11.84 30.98 -24.97
HMD HEM L . -13.75 24.76 -28.10
HMDA HEM L . -13.42 24.02 -29.47
HMDB HEM L . -13.13 25.58 -29.33
HAD HEM L . -12.27 22.00 -29.54
HADA HEM L . -10.77 21.47 -29.51
HBD HEM L . -10.24 23.07 -31.20
HBDA HEM L . -11.79 23.42 -31.31
HHA HEM L . -8.68 21.95 -28.83
S SO4 M . -12.01 7.91 -8.40
O1 SO4 M . -11.36 9.20 -8.65
O2 SO4 M . -12.87 7.58 -9.53
O3 SO4 M . -10.99 6.87 -8.23
O4 SO4 M . -12.80 8.01 -7.18
#